data_5WI5
#
_entry.id   5WI5
#
_cell.length_a   84.243
_cell.length_b   80.130
_cell.length_c   126.511
_cell.angle_alpha   90.00
_cell.angle_beta   95.76
_cell.angle_gamma   90.00
#
_symmetry.space_group_name_H-M   'P 1 21 1'
#
loop_
_entity.id
_entity.type
_entity.pdbx_description
1 polymer 'UDP-N-acetylglucosamine 1-carboxyvinyltransferase 1'
2 non-polymer '(2R)-2-(phosphonooxy)propanoic acid'
3 non-polymer 'MAGNESIUM ION'
4 non-polymer 'URIDINE-DIPHOSPHATE-2(N-ACETYLGLUCOSAMINYL) BUTYRIC ACID'
5 water water
#
_entity_poly.entity_id   1
_entity_poly.type   'polypeptide(L)'
_entity_poly.pdbx_seq_one_letter_code
;SNAMDKIVVQGGDNRLVGSVTIEGAKNAVLPLLAATILASEGKTVLQNVPILSDVFIMNQVVGGLNAKVDFDEEAHLVKV
DATGDITEEAPYKYVSKMRASIVVLGPILARVGHAKVSMPGGCTIGSRPIDLHLKGLEAMGVKISQTAGYIEAKAERLHG
AHIYMDFPSVGATQNLMMAATLADGVTVIENAAREPEIVDLAILLNEMGAKVKGAGTETITITGVEKLHGTTHNVVQDRI
EAGTFMVAAAMTGGDVLIRDAVWEHNRPLIAKLLEMGVEVIEEDEGIRVRSQLENLKAVHVKTLPHPGFPTDMQAQFTAL
MTVAKGESTMVETVFENRFQHLEEMRRMGLHSEIIRDTARIVGGQPLQGAEVLSTDLRASAALILTGLVAQGETVVGKLV
HLDRGYYGFHEKLAQLGAKIQRIEASDEDE
;
_entity_poly.pdbx_strand_id   A,B,C,D
#
loop_
_chem_comp.id
_chem_comp.type
_chem_comp.name
_chem_comp.formula
0V5 non-polymer '(2R)-2-(phosphonooxy)propanoic acid' 'C3 H7 O6 P'
EPU non-polymer 'URIDINE-DIPHOSPHATE-2(N-ACETYLGLUCOSAMINYL) BUTYRIC ACID' 'C20 H29 N3 O19 P2'
MG non-polymer 'MAGNESIUM ION' 'Mg 2'
#
# COMPACT_ATOMS: atom_id res chain seq x y z
N MET A 4 9.06 21.18 -29.65
CA MET A 4 10.55 21.32 -29.70
C MET A 4 11.16 20.09 -30.41
N ASP A 5 12.45 19.81 -30.18
CA ASP A 5 13.13 18.68 -30.81
C ASP A 5 12.55 17.30 -30.46
N LYS A 6 12.85 16.34 -31.32
CA LYS A 6 12.46 14.96 -31.11
C LYS A 6 13.66 14.08 -31.37
N ILE A 7 13.74 12.98 -30.63
CA ILE A 7 14.78 12.00 -30.82
C ILE A 7 14.11 10.85 -31.54
N VAL A 8 14.70 10.44 -32.65
CA VAL A 8 14.16 9.40 -33.52
C VAL A 8 15.13 8.23 -33.50
N VAL A 9 14.60 7.05 -33.21
CA VAL A 9 15.40 5.85 -33.09
C VAL A 9 14.85 4.75 -34.00
N GLN A 10 15.72 4.19 -34.84
N GLN A 10 15.72 4.19 -34.84
CA GLN A 10 15.34 3.07 -35.70
CA GLN A 10 15.35 3.07 -35.69
C GLN A 10 15.69 1.84 -34.86
C GLN A 10 15.69 1.84 -34.86
N GLY A 11 14.66 1.20 -34.37
CA GLY A 11 14.83 0.06 -33.46
C GLY A 11 15.28 -1.23 -34.06
N GLY A 12 15.96 -2.03 -33.23
CA GLY A 12 16.46 -3.34 -33.63
C GLY A 12 17.86 -3.13 -34.16
N ASP A 13 18.69 -4.14 -33.95
CA ASP A 13 20.06 -4.14 -34.47
C ASP A 13 20.86 -2.88 -34.08
N ASN A 14 20.83 -2.55 -32.79
CA ASN A 14 21.55 -1.40 -32.26
C ASN A 14 22.57 -1.84 -31.21
N ARG A 15 23.33 -2.88 -31.52
CA ARG A 15 24.37 -3.34 -30.63
C ARG A 15 25.37 -2.21 -30.42
N LEU A 16 25.56 -1.83 -29.16
CA LEU A 16 26.46 -0.73 -28.82
C LEU A 16 27.88 -1.26 -28.59
N VAL A 17 28.84 -0.68 -29.29
CA VAL A 17 30.23 -1.09 -29.19
C VAL A 17 31.07 0.15 -29.28
N GLY A 18 32.05 0.28 -28.39
CA GLY A 18 32.92 1.45 -28.40
C GLY A 18 33.20 2.00 -27.01
N SER A 19 33.62 3.24 -26.99
CA SER A 19 33.96 3.97 -25.79
C SER A 19 33.15 5.22 -25.70
N VAL A 20 32.87 5.63 -24.46
CA VAL A 20 32.08 6.81 -24.21
C VAL A 20 32.65 7.61 -23.04
N THR A 21 32.61 8.93 -23.22
CA THR A 21 33.04 9.89 -22.22
C THR A 21 31.80 10.38 -21.48
N ILE A 22 31.89 10.45 -20.17
CA ILE A 22 30.79 10.83 -19.29
C ILE A 22 31.02 12.21 -18.74
N GLU A 23 29.95 12.99 -18.63
CA GLU A 23 30.03 14.37 -18.14
C GLU A 23 30.16 14.42 -16.64
N GLY A 24 30.46 15.61 -16.13
CA GLY A 24 30.47 15.86 -14.68
C GLY A 24 29.05 15.70 -14.16
N ALA A 25 28.91 15.28 -12.90
CA ALA A 25 27.61 15.04 -12.28
C ALA A 25 26.74 16.28 -12.13
N LYS A 26 25.57 16.23 -12.77
CA LYS A 26 24.58 17.28 -12.64
C LYS A 26 24.21 17.47 -11.18
N ASN A 27 23.99 16.37 -10.48
CA ASN A 27 23.55 16.43 -9.07
C ASN A 27 24.66 16.72 -8.07
N ALA A 28 25.90 16.82 -8.56
CA ALA A 28 27.00 17.29 -7.72
C ALA A 28 27.18 18.78 -8.01
N VAL A 29 27.12 19.13 -9.27
CA VAL A 29 27.35 20.53 -9.66
C VAL A 29 26.31 21.49 -9.07
N LEU A 30 25.04 21.07 -8.98
CA LEU A 30 24.04 21.94 -8.41
C LEU A 30 24.35 22.37 -6.97
N PRO A 31 24.61 21.40 -6.05
CA PRO A 31 24.97 21.84 -4.71
C PRO A 31 26.37 22.47 -4.64
N LEU A 32 27.29 22.07 -5.52
CA LEU A 32 28.63 22.66 -5.50
C LEU A 32 28.53 24.15 -5.87
N LEU A 33 27.62 24.47 -6.79
CA LEU A 33 27.38 25.88 -7.19
C LEU A 33 26.80 26.65 -6.02
N ALA A 34 25.86 26.04 -5.30
CA ALA A 34 25.29 26.66 -4.11
C ALA A 34 26.35 26.99 -3.11
N ALA A 35 27.29 26.05 -2.91
CA ALA A 35 28.40 26.23 -1.96
C ALA A 35 29.34 27.41 -2.27
N THR A 36 29.44 27.82 -3.53
CA THR A 36 30.33 28.95 -3.91
C THR A 36 29.97 30.26 -3.20
N ILE A 37 28.71 30.38 -2.82
CA ILE A 37 28.17 31.52 -2.07
C ILE A 37 28.87 31.69 -0.74
N LEU A 38 29.40 30.58 -0.21
CA LEU A 38 30.04 30.59 1.10
C LEU A 38 31.41 31.29 1.12
N ALA A 39 32.06 31.39 -0.03
CA ALA A 39 33.42 31.95 -0.09
C ALA A 39 33.44 33.49 -0.17
N SER A 40 33.70 34.12 0.97
CA SER A 40 33.81 35.59 1.10
C SER A 40 35.18 36.12 0.64
N GLU A 41 36.12 35.23 0.41
CA GLU A 41 37.44 35.60 -0.08
C GLU A 41 37.89 34.70 -1.24
N GLY A 42 38.45 35.30 -2.29
CA GLY A 42 38.93 34.59 -3.46
C GLY A 42 37.78 34.19 -4.38
N LYS A 43 38.05 33.33 -5.33
CA LYS A 43 37.07 32.86 -6.30
C LYS A 43 37.03 31.34 -6.34
N THR A 44 35.84 30.78 -6.58
CA THR A 44 35.69 29.34 -6.69
C THR A 44 35.58 28.98 -8.15
N VAL A 45 36.35 27.98 -8.56
CA VAL A 45 36.36 27.49 -9.93
C VAL A 45 35.96 26.00 -9.94
N LEU A 46 34.89 25.71 -10.64
CA LEU A 46 34.41 24.32 -10.79
C LEU A 46 34.77 23.87 -12.19
N GLN A 47 35.46 22.73 -12.30
CA GLN A 47 35.86 22.14 -13.57
C GLN A 47 35.00 20.90 -13.81
N ASN A 48 34.91 20.51 -15.09
CA ASN A 48 34.12 19.35 -15.54
C ASN A 48 32.62 19.61 -15.35
N VAL A 49 32.18 20.82 -15.69
CA VAL A 49 30.78 21.22 -15.51
C VAL A 49 30.03 20.89 -16.78
N PRO A 50 28.94 20.11 -16.67
CA PRO A 50 28.18 19.76 -17.85
C PRO A 50 27.27 20.89 -18.30
N ILE A 51 27.01 20.92 -19.60
CA ILE A 51 26.13 21.93 -20.23
C ILE A 51 24.70 21.37 -20.21
N LEU A 52 23.95 21.72 -19.16
CA LEU A 52 22.59 21.22 -18.93
C LEU A 52 21.73 22.37 -18.45
N SER A 53 20.43 22.31 -18.72
CA SER A 53 19.53 23.39 -18.34
C SER A 53 19.49 23.61 -16.82
N ASP A 54 19.60 22.53 -16.01
CA ASP A 54 19.61 22.70 -14.55
C ASP A 54 20.80 23.50 -14.08
N VAL A 55 21.94 23.39 -14.78
CA VAL A 55 23.15 24.16 -14.44
C VAL A 55 22.91 25.64 -14.74
N PHE A 56 22.29 25.93 -15.87
CA PHE A 56 21.98 27.34 -16.23
C PHE A 56 21.07 27.98 -15.21
N ILE A 57 20.09 27.23 -14.72
CA ILE A 57 19.17 27.75 -13.72
C ILE A 57 19.90 27.99 -12.41
N MET A 58 20.71 27.03 -11.95
CA MET A 58 21.44 27.22 -10.73
C MET A 58 22.40 28.42 -10.84
N ASN A 59 22.98 28.62 -12.02
CA ASN A 59 23.84 29.78 -12.27
C ASN A 59 23.05 31.09 -12.12
N GLN A 60 21.78 31.09 -12.56
CA GLN A 60 20.91 32.28 -12.42
C GLN A 60 20.51 32.51 -10.96
N VAL A 61 20.28 31.42 -10.22
CA VAL A 61 19.94 31.54 -8.80
C VAL A 61 21.13 32.17 -8.04
N VAL A 62 22.31 31.59 -8.23
CA VAL A 62 23.54 32.07 -7.55
C VAL A 62 23.87 33.51 -7.97
N GLY A 63 23.71 33.79 -9.26
CA GLY A 63 23.91 35.13 -9.81
C GLY A 63 22.94 36.12 -9.19
N GLY A 64 21.70 35.67 -8.95
CA GLY A 64 20.67 36.53 -8.33
C GLY A 64 20.95 36.90 -6.89
N LEU A 65 21.93 36.22 -6.26
CA LEU A 65 22.32 36.50 -4.89
C LEU A 65 23.56 37.43 -4.84
N ASN A 66 23.88 38.09 -5.95
CA ASN A 66 25.02 39.02 -6.10
C ASN A 66 26.38 38.32 -6.07
N ALA A 67 26.41 37.05 -6.47
CA ALA A 67 27.66 36.36 -6.69
C ALA A 67 27.82 36.44 -8.21
N LYS A 68 29.01 36.70 -8.70
CA LYS A 68 29.24 36.77 -10.14
C LYS A 68 29.61 35.35 -10.61
N VAL A 69 28.82 34.83 -11.54
CA VAL A 69 29.02 33.49 -12.09
C VAL A 69 29.34 33.60 -13.56
N ASP A 70 30.50 33.07 -13.93
CA ASP A 70 30.98 33.08 -15.32
C ASP A 70 31.16 31.62 -15.75
N PHE A 71 30.30 31.20 -16.67
CA PHE A 71 30.26 29.84 -17.19
C PHE A 71 30.84 29.78 -18.59
N ASP A 72 32.05 29.23 -18.70
CA ASP A 72 32.72 29.01 -19.97
C ASP A 72 32.34 27.59 -20.41
N GLU A 73 31.32 27.52 -21.26
CA GLU A 73 30.76 26.27 -21.73
C GLU A 73 31.73 25.32 -22.40
N GLU A 74 32.50 25.82 -23.37
CA GLU A 74 33.45 24.98 -24.10
C GLU A 74 34.57 24.43 -23.20
N ALA A 75 34.99 25.22 -22.23
CA ALA A 75 36.01 24.79 -21.28
C ALA A 75 35.40 23.99 -20.09
N HIS A 76 34.06 23.95 -20.01
CA HIS A 76 33.34 23.25 -18.93
C HIS A 76 33.80 23.75 -17.56
N LEU A 77 33.86 25.07 -17.46
N LEU A 77 33.86 25.07 -17.46
CA LEU A 77 34.33 25.74 -16.26
CA LEU A 77 34.35 25.74 -16.26
C LEU A 77 33.36 26.79 -15.79
C LEU A 77 33.36 26.79 -15.79
N VAL A 78 33.13 26.82 -14.48
CA VAL A 78 32.31 27.84 -13.88
C VAL A 78 33.20 28.55 -12.86
N LYS A 79 33.25 29.87 -12.95
CA LYS A 79 34.05 30.69 -12.05
C LYS A 79 33.09 31.57 -11.27
N VAL A 80 33.22 31.56 -9.95
CA VAL A 80 32.33 32.32 -9.09
C VAL A 80 33.09 33.28 -8.16
N ASP A 81 32.67 34.54 -8.20
CA ASP A 81 33.17 35.58 -7.34
C ASP A 81 32.03 35.98 -6.42
N ALA A 82 32.08 35.50 -5.19
CA ALA A 82 31.09 35.77 -4.18
C ALA A 82 31.65 36.68 -3.07
N THR A 83 32.70 37.46 -3.38
CA THR A 83 33.29 38.36 -2.38
C THR A 83 32.47 39.61 -2.11
N GLY A 84 31.51 39.93 -2.99
CA GLY A 84 30.62 41.08 -2.76
C GLY A 84 29.65 40.82 -1.63
N ASP A 85 28.75 41.76 -1.41
CA ASP A 85 27.69 41.60 -0.40
C ASP A 85 26.61 40.73 -1.03
N ILE A 86 26.49 39.52 -0.49
CA ILE A 86 25.51 38.55 -0.95
C ILE A 86 24.10 38.93 -0.49
N THR A 87 23.13 38.83 -1.40
CA THR A 87 21.74 39.14 -1.08
C THR A 87 20.98 37.86 -0.73
N GLU A 88 19.73 38.01 -0.33
CA GLU A 88 18.98 36.94 0.28
C GLU A 88 17.95 36.13 -0.50
N GLU A 89 17.59 36.57 -1.70
CA GLU A 89 16.43 35.94 -2.39
C GLU A 89 16.67 34.93 -3.52
N ALA A 90 15.98 33.79 -3.41
CA ALA A 90 15.92 32.75 -4.46
C ALA A 90 14.46 32.86 -4.93
N PRO A 91 14.24 33.55 -6.04
CA PRO A 91 12.85 33.83 -6.45
C PRO A 91 12.06 32.67 -7.04
N TYR A 92 10.74 32.87 -7.02
CA TYR A 92 9.78 31.95 -7.60
C TYR A 92 10.09 31.58 -9.04
N LYS A 93 10.53 32.54 -9.84
CA LYS A 93 10.81 32.27 -11.26
C LYS A 93 11.84 31.15 -11.47
N TYR A 94 12.72 30.92 -10.51
CA TYR A 94 13.71 29.82 -10.63
C TYR A 94 13.28 28.57 -9.88
N VAL A 95 12.85 28.73 -8.64
CA VAL A 95 12.44 27.57 -7.84
C VAL A 95 11.27 26.82 -8.48
N SER A 96 10.35 27.55 -9.10
CA SER A 96 9.21 26.92 -9.75
C SER A 96 9.62 26.07 -10.97
N LYS A 97 10.78 26.32 -11.54
CA LYS A 97 11.27 25.52 -12.69
C LYS A 97 12.26 24.42 -12.24
N MET A 98 12.73 24.50 -11.00
CA MET A 98 13.70 23.55 -10.49
C MET A 98 13.74 23.61 -8.96
N ARG A 99 12.99 22.72 -8.33
CA ARG A 99 12.91 22.72 -6.86
C ARG A 99 14.27 22.51 -6.16
N ALA A 100 15.25 21.99 -6.88
CA ALA A 100 16.61 21.81 -6.33
C ALA A 100 17.26 23.14 -6.00
N SER A 101 16.71 24.23 -6.53
CA SER A 101 17.21 25.57 -6.26
C SER A 101 17.28 25.86 -4.75
N ILE A 102 16.44 25.21 -3.95
CA ILE A 102 16.40 25.50 -2.53
C ILE A 102 17.66 25.08 -1.76
N VAL A 103 18.62 24.45 -2.42
CA VAL A 103 19.86 24.11 -1.71
C VAL A 103 20.75 25.34 -1.50
N VAL A 104 20.27 26.51 -1.97
CA VAL A 104 20.98 27.75 -1.67
C VAL A 104 20.54 28.31 -0.29
N LEU A 105 19.44 27.78 0.26
CA LEU A 105 18.93 28.22 1.56
C LEU A 105 19.99 28.17 2.66
N GLY A 106 20.64 27.02 2.78
CA GLY A 106 21.69 26.80 3.76
C GLY A 106 22.84 27.77 3.62
N PRO A 107 23.47 27.82 2.45
CA PRO A 107 24.60 28.73 2.29
C PRO A 107 24.23 30.21 2.39
N ILE A 108 23.01 30.59 2.00
CA ILE A 108 22.58 31.97 2.17
C ILE A 108 22.55 32.27 3.68
N LEU A 109 21.94 31.39 4.47
CA LEU A 109 21.88 31.60 5.90
C LEU A 109 23.28 31.65 6.53
N ALA A 110 24.18 30.82 6.02
CA ALA A 110 25.56 30.79 6.53
C ALA A 110 26.28 32.12 6.29
N ARG A 111 26.16 32.65 5.06
CA ARG A 111 26.81 33.92 4.71
C ARG A 111 26.15 35.18 5.19
N VAL A 112 24.84 35.25 5.01
CA VAL A 112 24.05 36.47 5.24
C VAL A 112 23.25 36.51 6.55
N GLY A 113 22.91 35.36 7.12
CA GLY A 113 22.12 35.33 8.37
C GLY A 113 20.61 35.41 8.16
N HIS A 114 20.16 35.59 6.91
CA HIS A 114 18.73 35.64 6.59
C HIS A 114 18.52 35.24 5.13
N ALA A 115 17.36 34.65 4.85
CA ALA A 115 17.07 34.18 3.50
C ALA A 115 15.60 34.22 3.17
N LYS A 116 15.34 34.36 1.87
CA LYS A 116 13.99 34.41 1.32
C LYS A 116 13.99 33.46 0.12
N VAL A 117 13.49 32.24 0.36
CA VAL A 117 13.53 31.18 -0.69
C VAL A 117 12.12 30.71 -1.00
N SER A 118 11.78 30.74 -2.28
CA SER A 118 10.45 30.34 -2.72
C SER A 118 10.15 28.90 -2.28
N MET A 119 8.96 28.69 -1.71
CA MET A 119 8.53 27.37 -1.30
C MET A 119 8.25 26.51 -2.53
N PRO A 120 8.90 25.34 -2.65
CA PRO A 120 8.57 24.52 -3.82
C PRO A 120 7.14 24.03 -3.76
N GLY A 121 6.50 24.01 -4.92
CA GLY A 121 5.17 23.49 -5.04
C GLY A 121 5.17 22.02 -5.41
N GLY A 122 4.36 21.69 -6.44
CA GLY A 122 4.16 20.32 -6.89
C GLY A 122 5.17 19.81 -7.88
N CYS A 123 5.44 18.51 -7.78
CA CYS A 123 6.33 17.82 -8.70
C CYS A 123 5.65 16.47 -8.95
N THR A 124 5.62 16.05 -10.21
CA THR A 124 4.93 14.83 -10.64
C THR A 124 5.50 13.52 -10.11
N ILE A 125 6.79 13.44 -9.83
CA ILE A 125 7.37 12.14 -9.43
C ILE A 125 7.08 11.73 -7.98
N GLY A 126 6.51 12.66 -7.21
CA GLY A 126 6.19 12.36 -5.80
C GLY A 126 5.90 13.59 -4.98
N SER A 127 5.52 13.34 -3.75
CA SER A 127 5.18 14.38 -2.80
C SER A 127 6.27 15.39 -2.48
N ARG A 128 7.48 14.96 -2.26
CA ARG A 128 8.67 15.89 -2.09
C ARG A 128 8.61 17.06 -1.09
N PRO A 129 8.22 16.74 0.15
CA PRO A 129 8.20 17.76 1.20
C PRO A 129 9.62 18.14 1.60
N ILE A 130 9.76 19.26 2.28
CA ILE A 130 11.08 19.76 2.71
C ILE A 130 11.15 19.92 4.22
N ASP A 131 10.23 19.25 4.94
CA ASP A 131 10.20 19.32 6.41
C ASP A 131 11.56 19.07 7.06
N LEU A 132 12.36 18.15 6.52
CA LEU A 132 13.67 17.83 7.10
C LEU A 132 14.64 18.99 7.00
N HIS A 133 14.56 19.77 5.92
CA HIS A 133 15.41 20.92 5.78
C HIS A 133 15.10 21.94 6.88
N LEU A 134 13.82 22.30 6.98
CA LEU A 134 13.37 23.32 7.90
C LEU A 134 13.55 22.95 9.33
N LYS A 135 13.22 21.71 9.69
CA LYS A 135 13.38 21.24 11.06
C LYS A 135 14.85 21.27 11.49
N GLY A 136 15.74 20.84 10.61
CA GLY A 136 17.17 20.84 10.89
C GLY A 136 17.68 22.27 11.05
N LEU A 137 17.21 23.17 10.17
CA LEU A 137 17.63 24.57 10.25
C LEU A 137 17.15 25.24 11.55
N GLU A 138 15.93 24.90 11.98
CA GLU A 138 15.38 25.45 13.24
C GLU A 138 16.22 25.05 14.44
N ALA A 139 16.76 23.82 14.41
CA ALA A 139 17.64 23.34 15.47
C ALA A 139 18.97 24.10 15.52
N MET A 140 19.36 24.72 14.39
CA MET A 140 20.60 25.50 14.30
C MET A 140 20.36 26.99 14.60
N GLY A 141 19.17 27.31 15.10
CA GLY A 141 18.81 28.68 15.49
C GLY A 141 18.15 29.51 14.44
N VAL A 142 17.61 28.87 13.40
CA VAL A 142 16.95 29.59 12.33
C VAL A 142 15.46 29.69 12.65
N LYS A 143 14.92 30.90 12.55
CA LYS A 143 13.51 31.16 12.78
C LYS A 143 12.89 31.14 11.39
N ILE A 144 11.91 30.26 11.20
CA ILE A 144 11.29 30.08 9.89
C ILE A 144 9.85 30.55 9.87
N SER A 145 9.52 31.35 8.86
CA SER A 145 8.15 31.77 8.61
C SER A 145 7.87 31.51 7.12
N GLN A 146 6.58 31.53 6.75
CA GLN A 146 6.14 31.33 5.38
C GLN A 146 5.28 32.56 5.05
N THR A 147 5.74 33.34 4.10
CA THR A 147 5.07 34.57 3.77
C THR A 147 4.86 34.74 2.27
N ALA A 148 3.59 34.75 1.87
CA ALA A 148 3.22 34.97 0.47
C ALA A 148 4.00 34.06 -0.51
N GLY A 149 4.16 32.81 -0.12
CA GLY A 149 4.83 31.82 -0.96
C GLY A 149 6.29 31.63 -0.71
N TYR A 150 6.90 32.48 0.12
CA TYR A 150 8.33 32.41 0.40
C TYR A 150 8.65 31.90 1.77
N ILE A 151 9.66 31.04 1.86
CA ILE A 151 10.22 30.61 3.11
C ILE A 151 11.08 31.81 3.56
N GLU A 152 10.77 32.41 4.70
CA GLU A 152 11.55 33.53 5.23
C GLU A 152 12.28 33.01 6.44
N ALA A 153 13.60 33.03 6.34
CA ALA A 153 14.45 32.46 7.37
C ALA A 153 15.43 33.49 7.92
N LYS A 154 15.55 33.53 9.25
CA LYS A 154 16.45 34.47 9.92
C LYS A 154 17.20 33.74 11.01
N ALA A 155 18.53 33.92 11.03
CA ALA A 155 19.37 33.32 12.05
C ALA A 155 20.18 34.41 12.81
N GLU A 156 19.68 34.75 14.00
CA GLU A 156 20.32 35.72 14.87
C GLU A 156 21.78 35.32 15.13
N ARG A 157 22.00 34.06 15.49
CA ARG A 157 23.33 33.52 15.68
C ARG A 157 23.24 32.08 15.23
N LEU A 158 23.46 31.85 13.95
CA LEU A 158 23.42 30.49 13.41
C LEU A 158 24.39 29.65 14.23
N HIS A 159 23.92 28.53 14.78
CA HIS A 159 24.73 27.71 15.66
C HIS A 159 24.69 26.19 15.40
N GLY A 160 25.52 25.45 16.15
CA GLY A 160 25.52 24.01 16.03
C GLY A 160 24.30 23.35 16.61
N ALA A 161 24.13 22.08 16.32
CA ALA A 161 22.98 21.28 16.80
C ALA A 161 23.25 19.80 16.52
N HIS A 162 22.55 18.94 17.24
CA HIS A 162 22.63 17.50 17.04
C HIS A 162 21.33 17.19 16.32
N ILE A 163 21.40 16.89 15.02
CA ILE A 163 20.21 16.66 14.19
C ILE A 163 20.03 15.19 13.81
N TYR A 164 18.85 14.65 14.10
CA TYR A 164 18.49 13.29 13.75
C TYR A 164 17.55 13.34 12.58
N MET A 165 18.02 12.91 11.42
CA MET A 165 17.20 12.90 10.21
C MET A 165 16.25 11.70 10.20
N ASP A 166 14.96 11.91 10.03
CA ASP A 166 14.00 10.78 9.90
C ASP A 166 14.34 9.91 8.68
N PHE A 167 14.85 10.56 7.65
CA PHE A 167 15.20 9.92 6.39
C PHE A 167 16.46 10.59 5.88
N PRO A 168 17.37 9.85 5.26
CA PRO A 168 18.63 10.47 4.78
C PRO A 168 18.50 11.30 3.51
N SER A 169 17.78 12.40 3.63
CA SER A 169 17.54 13.31 2.49
C SER A 169 18.81 13.86 1.93
N VAL A 170 19.00 13.70 0.61
CA VAL A 170 20.16 14.26 -0.09
C VAL A 170 20.16 15.78 0.08
N GLY A 171 19.07 16.43 -0.33
CA GLY A 171 18.94 17.87 -0.29
C GLY A 171 19.06 18.46 1.11
N ALA A 172 18.37 17.87 2.06
CA ALA A 172 18.42 18.34 3.42
C ALA A 172 19.82 18.21 3.97
N THR A 173 20.49 17.07 3.73
CA THR A 173 21.86 16.89 4.20
C THR A 173 22.78 17.97 3.60
N GLN A 174 22.60 18.28 2.32
CA GLN A 174 23.39 19.32 1.66
C GLN A 174 23.15 20.71 2.27
N ASN A 175 21.88 21.09 2.44
CA ASN A 175 21.56 22.39 3.06
C ASN A 175 22.15 22.55 4.45
N LEU A 176 22.01 21.51 5.25
CA LEU A 176 22.48 21.54 6.62
C LEU A 176 23.98 21.54 6.71
N MET A 177 24.65 20.79 5.83
N MET A 177 24.65 20.79 5.83
CA MET A 177 26.12 20.74 5.79
CA MET A 177 26.12 20.74 5.80
C MET A 177 26.67 22.12 5.48
C MET A 177 26.68 22.11 5.48
N MET A 178 26.08 22.75 4.46
CA MET A 178 26.51 24.05 4.01
C MET A 178 26.22 25.13 5.05
N ALA A 179 25.04 25.09 5.66
CA ALA A 179 24.71 26.07 6.70
C ALA A 179 25.69 25.97 7.85
N ALA A 180 26.02 24.73 8.21
CA ALA A 180 26.92 24.45 9.32
C ALA A 180 28.36 24.94 9.15
N THR A 181 28.83 25.12 7.91
CA THR A 181 30.21 25.49 7.68
C THR A 181 30.60 26.83 8.29
N LEU A 182 29.64 27.75 8.40
CA LEU A 182 29.88 29.05 8.98
C LEU A 182 29.12 29.29 10.28
N ALA A 183 28.50 28.25 10.81
CA ALA A 183 27.75 28.39 12.06
C ALA A 183 28.71 28.52 13.22
N ASP A 184 28.17 28.96 14.35
CA ASP A 184 28.94 29.07 15.59
C ASP A 184 28.75 27.77 16.35
N GLY A 185 29.70 26.85 16.21
CA GLY A 185 29.62 25.57 16.93
C GLY A 185 29.69 24.33 16.03
N VAL A 186 29.40 23.18 16.64
CA VAL A 186 29.49 21.89 15.99
C VAL A 186 28.14 21.36 15.61
N THR A 187 27.97 20.98 14.34
CA THR A 187 26.71 20.41 13.85
C THR A 187 26.93 18.93 13.55
N VAL A 188 26.07 18.09 14.10
CA VAL A 188 26.15 16.64 13.86
C VAL A 188 24.85 16.24 13.19
N ILE A 189 24.97 15.67 11.99
CA ILE A 189 23.84 15.24 11.20
C ILE A 189 23.85 13.71 11.24
N GLU A 190 22.90 13.16 11.98
CA GLU A 190 22.75 11.70 12.12
C GLU A 190 21.77 11.19 11.11
N ASN A 191 22.04 10.01 10.56
CA ASN A 191 21.26 9.39 9.47
C ASN A 191 21.33 10.32 8.22
N ALA A 192 22.53 10.81 7.95
CA ALA A 192 22.78 11.70 6.83
C ALA A 192 22.80 10.95 5.50
N ALA A 193 22.50 11.68 4.43
CA ALA A 193 22.62 11.12 3.08
C ALA A 193 24.09 10.77 2.87
N ARG A 194 24.32 9.64 2.23
CA ARG A 194 25.62 9.09 1.98
C ARG A 194 26.04 9.10 0.50
N GLU A 195 25.19 9.66 -0.35
CA GLU A 195 25.45 9.70 -1.80
C GLU A 195 26.83 10.23 -2.17
N PRO A 196 27.43 9.74 -3.28
CA PRO A 196 28.73 10.25 -3.73
C PRO A 196 28.77 11.78 -3.91
N GLU A 197 27.62 12.40 -4.21
CA GLU A 197 27.56 13.86 -4.37
C GLU A 197 27.73 14.55 -3.02
N ILE A 198 27.28 13.90 -1.95
CA ILE A 198 27.49 14.41 -0.59
C ILE A 198 29.01 14.45 -0.31
N VAL A 199 29.70 13.36 -0.68
CA VAL A 199 31.14 13.28 -0.51
C VAL A 199 31.85 14.37 -1.32
N ASP A 200 31.46 14.55 -2.58
CA ASP A 200 32.09 15.54 -3.41
C ASP A 200 31.85 16.95 -2.88
N LEU A 201 30.66 17.21 -2.32
CA LEU A 201 30.36 18.50 -1.70
C LEU A 201 31.29 18.73 -0.50
N ALA A 202 31.44 17.70 0.34
CA ALA A 202 32.31 17.79 1.51
C ALA A 202 33.75 18.08 1.11
N ILE A 203 34.21 17.45 0.02
CA ILE A 203 35.57 17.67 -0.48
C ILE A 203 35.77 19.13 -0.85
N LEU A 204 34.82 19.69 -1.59
CA LEU A 204 34.90 21.11 -1.95
C LEU A 204 34.93 21.98 -0.71
N LEU A 205 33.99 21.74 0.21
CA LEU A 205 33.90 22.57 1.43
C LEU A 205 35.19 22.56 2.22
N ASN A 206 35.79 21.36 2.40
CA ASN A 206 37.06 21.25 3.10
C ASN A 206 38.19 21.97 2.37
N GLU A 207 38.21 21.92 1.04
CA GLU A 207 39.21 22.62 0.26
C GLU A 207 39.00 24.16 0.32
N MET A 208 37.78 24.55 0.68
CA MET A 208 37.38 25.96 0.89
C MET A 208 37.71 26.47 2.31
N GLY A 209 38.19 25.58 3.18
CA GLY A 209 38.56 25.94 4.55
C GLY A 209 37.59 25.45 5.60
N ALA A 210 36.58 24.64 5.21
CA ALA A 210 35.62 24.15 6.16
C ALA A 210 36.16 22.96 6.94
N LYS A 211 35.37 22.49 7.90
CA LYS A 211 35.73 21.35 8.74
C LYS A 211 34.58 20.39 8.74
N VAL A 212 34.47 19.66 7.61
CA VAL A 212 33.41 18.70 7.35
C VAL A 212 34.02 17.31 7.43
N LYS A 213 33.46 16.45 8.27
CA LYS A 213 33.99 15.10 8.47
C LYS A 213 32.89 14.07 8.51
N GLY A 214 33.24 12.84 8.10
CA GLY A 214 32.31 11.72 8.06
C GLY A 214 31.42 11.64 6.83
N ALA A 215 31.72 12.44 5.80
CA ALA A 215 30.88 12.40 4.60
C ALA A 215 31.01 11.03 3.97
N GLY A 216 29.88 10.42 3.62
CA GLY A 216 29.87 9.09 3.04
C GLY A 216 29.41 8.08 4.11
N THR A 217 29.42 8.50 5.38
CA THR A 217 28.96 7.68 6.49
C THR A 217 27.61 8.21 6.98
N GLU A 218 26.99 7.46 7.90
N GLU A 218 27.00 7.45 7.89
CA GLU A 218 25.69 7.84 8.45
CA GLU A 218 25.72 7.75 8.51
C GLU A 218 25.72 9.09 9.33
C GLU A 218 25.72 9.07 9.34
N THR A 219 26.92 9.52 9.74
CA THR A 219 27.07 10.70 10.58
C THR A 219 28.07 11.70 10.06
N ILE A 220 27.61 12.93 9.83
CA ILE A 220 28.48 13.99 9.37
C ILE A 220 28.63 14.99 10.50
N THR A 221 29.88 15.35 10.77
CA THR A 221 30.19 16.35 11.81
C THR A 221 30.83 17.57 11.16
N ILE A 222 30.23 18.74 11.36
CA ILE A 222 30.77 19.99 10.84
C ILE A 222 31.12 20.92 12.01
N THR A 223 32.34 21.45 12.05
CA THR A 223 32.75 22.47 13.00
C THR A 223 32.77 23.76 12.23
N GLY A 224 31.98 24.72 12.67
CA GLY A 224 31.89 26.00 11.97
C GLY A 224 33.15 26.81 12.07
N VAL A 225 33.46 27.52 10.99
CA VAL A 225 34.61 28.42 10.93
C VAL A 225 34.08 29.81 10.62
N GLU A 226 34.93 30.81 10.71
CA GLU A 226 34.50 32.20 10.47
C GLU A 226 34.27 32.51 9.00
N LYS A 227 35.10 31.98 8.12
CA LYS A 227 34.97 32.24 6.70
C LYS A 227 35.55 31.15 5.83
N LEU A 228 35.08 31.14 4.58
CA LEU A 228 35.57 30.19 3.59
C LEU A 228 36.19 30.93 2.47
N HIS A 229 37.09 30.25 1.76
CA HIS A 229 37.79 30.85 0.63
C HIS A 229 37.60 30.04 -0.65
N GLY A 230 37.87 30.68 -1.78
CA GLY A 230 37.80 30.04 -3.05
C GLY A 230 38.79 28.93 -3.26
N THR A 231 38.48 28.04 -4.20
CA THR A 231 39.38 26.94 -4.53
C THR A 231 38.97 26.44 -5.90
N THR A 232 39.75 25.50 -6.45
CA THR A 232 39.48 24.93 -7.77
C THR A 232 39.15 23.44 -7.58
N HIS A 233 37.97 23.04 -8.08
CA HIS A 233 37.46 21.70 -7.84
C HIS A 233 36.99 21.03 -9.12
N ASN A 234 37.39 19.78 -9.30
CA ASN A 234 37.03 18.99 -10.47
C ASN A 234 35.78 18.21 -10.08
N VAL A 235 34.66 18.52 -10.74
CA VAL A 235 33.37 17.86 -10.42
C VAL A 235 33.46 16.35 -10.70
N VAL A 236 33.01 15.56 -9.73
CA VAL A 236 32.98 14.09 -9.86
C VAL A 236 32.13 13.67 -11.10
N GLN A 237 32.50 12.55 -11.71
CA GLN A 237 31.79 12.04 -12.89
C GLN A 237 30.34 11.69 -12.54
N ASP A 238 29.45 11.92 -13.50
CA ASP A 238 28.03 11.63 -13.34
C ASP A 238 27.80 10.12 -13.37
N ARG A 239 27.58 9.55 -12.19
CA ARG A 239 27.39 8.10 -12.05
C ARG A 239 26.10 7.59 -12.69
N ILE A 240 25.10 8.47 -12.81
CA ILE A 240 23.84 8.12 -13.42
C ILE A 240 23.98 8.06 -14.95
N GLU A 241 24.69 9.01 -15.53
CA GLU A 241 24.95 8.96 -16.97
C GLU A 241 25.80 7.70 -17.24
N ALA A 242 26.83 7.49 -16.43
CA ALA A 242 27.67 6.27 -16.54
C ALA A 242 26.81 5.02 -16.46
N GLY A 243 25.96 4.95 -15.45
CA GLY A 243 25.06 3.78 -15.28
C GLY A 243 24.09 3.62 -16.42
N THR A 244 23.65 4.75 -17.01
CA THR A 244 22.74 4.71 -18.15
C THR A 244 23.41 4.04 -19.35
N PHE A 245 24.68 4.36 -19.62
CA PHE A 245 25.42 3.68 -20.70
C PHE A 245 25.73 2.22 -20.34
N MET A 246 25.93 1.92 -19.06
CA MET A 246 26.13 0.52 -18.70
C MET A 246 24.86 -0.27 -19.05
N VAL A 247 23.70 0.29 -18.70
CA VAL A 247 22.41 -0.33 -19.00
C VAL A 247 22.20 -0.47 -20.52
N ALA A 248 22.52 0.58 -21.26
CA ALA A 248 22.38 0.55 -22.71
C ALA A 248 23.17 -0.57 -23.36
N ALA A 249 24.42 -0.73 -22.93
CA ALA A 249 25.31 -1.77 -23.41
C ALA A 249 24.70 -3.13 -23.11
N ALA A 250 24.16 -3.27 -21.92
CA ALA A 250 23.56 -4.53 -21.48
C ALA A 250 22.35 -4.92 -22.31
N MET A 251 21.45 -3.97 -22.55
CA MET A 251 20.19 -4.21 -23.27
C MET A 251 20.37 -4.51 -24.75
N THR A 252 21.49 -4.08 -25.32
CA THR A 252 21.77 -4.25 -26.74
C THR A 252 22.82 -5.31 -27.06
N GLY A 253 23.23 -6.11 -26.06
CA GLY A 253 24.24 -7.14 -26.25
C GLY A 253 25.57 -6.57 -26.68
N GLY A 254 25.89 -5.41 -26.13
CA GLY A 254 27.07 -4.67 -26.53
C GLY A 254 28.36 -4.96 -25.82
N ASP A 255 29.31 -4.07 -26.08
CA ASP A 255 30.66 -4.14 -25.53
C ASP A 255 31.12 -2.70 -25.45
N VAL A 256 30.83 -2.04 -24.34
CA VAL A 256 31.14 -0.62 -24.17
C VAL A 256 32.07 -0.34 -22.99
N LEU A 257 33.02 0.55 -23.23
CA LEU A 257 33.94 1.03 -22.19
C LEU A 257 33.46 2.41 -21.73
N ILE A 258 33.03 2.50 -20.48
CA ILE A 258 32.61 3.77 -19.88
C ILE A 258 33.90 4.37 -19.29
N ARG A 259 34.43 5.40 -19.94
CA ARG A 259 35.72 5.98 -19.53
C ARG A 259 35.73 6.56 -18.13
N ASP A 260 36.74 6.18 -17.37
CA ASP A 260 37.00 6.69 -16.01
C ASP A 260 35.84 6.46 -15.00
N ALA A 261 34.93 5.55 -15.30
CA ALA A 261 33.84 5.27 -14.38
C ALA A 261 34.36 4.77 -13.03
N VAL A 262 33.72 5.22 -11.96
CA VAL A 262 34.08 4.84 -10.61
C VAL A 262 33.23 3.65 -10.14
N TRP A 263 33.89 2.51 -9.95
CA TRP A 263 33.21 1.29 -9.56
C TRP A 263 32.39 1.50 -8.28
N GLU A 264 33.01 2.15 -7.30
N GLU A 264 33.01 2.15 -7.30
CA GLU A 264 32.41 2.43 -6.00
CA GLU A 264 32.37 2.41 -5.99
C GLU A 264 31.12 3.27 -6.07
C GLU A 264 31.12 3.26 -6.08
N HIS A 265 30.97 4.07 -7.14
CA HIS A 265 29.79 4.89 -7.31
C HIS A 265 28.58 4.17 -7.96
N ASN A 266 28.79 2.95 -8.46
CA ASN A 266 27.70 2.15 -9.07
C ASN A 266 27.70 0.69 -8.60
N ARG A 267 28.05 0.49 -7.33
CA ARG A 267 28.08 -0.87 -6.76
C ARG A 267 26.78 -1.66 -6.89
N PRO A 268 25.64 -1.10 -6.43
CA PRO A 268 24.40 -1.86 -6.54
C PRO A 268 23.88 -2.05 -7.97
N LEU A 269 24.13 -1.09 -8.86
CA LEU A 269 23.75 -1.27 -10.27
C LEU A 269 24.56 -2.42 -10.85
N ILE A 270 25.86 -2.37 -10.61
CA ILE A 270 26.78 -3.36 -11.15
C ILE A 270 26.45 -4.75 -10.59
N ALA A 271 26.14 -4.83 -9.31
CA ALA A 271 25.80 -6.10 -8.68
C ALA A 271 24.53 -6.72 -9.34
N LYS A 272 23.57 -5.85 -9.71
CA LYS A 272 22.37 -6.30 -10.37
C LYS A 272 22.63 -6.69 -11.84
N LEU A 273 23.51 -5.94 -12.50
CA LEU A 273 23.91 -6.29 -13.86
C LEU A 273 24.62 -7.66 -13.84
N LEU A 274 25.51 -7.85 -12.88
CA LEU A 274 26.23 -9.12 -12.74
C LEU A 274 25.26 -10.28 -12.45
N GLU A 275 24.32 -10.07 -11.55
CA GLU A 275 23.33 -11.11 -11.21
C GLU A 275 22.50 -11.49 -12.41
N MET A 276 22.17 -10.50 -13.24
CA MET A 276 21.36 -10.72 -14.44
C MET A 276 22.10 -11.55 -15.50
N GLY A 277 23.43 -11.51 -15.49
CA GLY A 277 24.22 -12.27 -16.45
C GLY A 277 25.11 -11.40 -17.32
N VAL A 278 25.12 -10.11 -17.05
CA VAL A 278 25.99 -9.16 -17.77
C VAL A 278 27.39 -9.25 -17.19
N GLU A 279 28.39 -9.03 -18.03
CA GLU A 279 29.78 -8.94 -17.61
C GLU A 279 30.15 -7.49 -17.39
N VAL A 280 30.76 -7.20 -16.24
CA VAL A 280 31.20 -5.85 -15.89
C VAL A 280 32.62 -5.96 -15.41
N ILE A 281 33.55 -5.31 -16.09
CA ILE A 281 34.97 -5.48 -15.83
C ILE A 281 35.66 -4.16 -15.65
N GLU A 282 36.47 -4.06 -14.60
CA GLU A 282 37.21 -2.84 -14.36
C GLU A 282 38.53 -2.92 -15.12
N GLU A 283 38.79 -1.89 -15.91
CA GLU A 283 40.04 -1.79 -16.68
C GLU A 283 40.71 -0.50 -16.30
N ASP A 284 41.94 -0.32 -16.75
CA ASP A 284 42.70 0.90 -16.43
C ASP A 284 42.03 2.17 -16.97
N GLU A 285 41.39 2.07 -18.13
CA GLU A 285 40.77 3.19 -18.79
C GLU A 285 39.30 3.43 -18.41
N GLY A 286 38.69 2.51 -17.65
CA GLY A 286 37.29 2.64 -17.24
C GLY A 286 36.62 1.33 -16.89
N ILE A 287 35.29 1.32 -16.95
CA ILE A 287 34.50 0.12 -16.68
C ILE A 287 33.92 -0.39 -17.99
N ARG A 288 34.16 -1.66 -18.30
CA ARG A 288 33.69 -2.27 -19.54
C ARG A 288 32.47 -3.12 -19.24
N VAL A 289 31.43 -2.97 -20.06
CA VAL A 289 30.23 -3.76 -19.95
C VAL A 289 30.08 -4.56 -21.24
N ARG A 290 29.99 -5.90 -21.10
CA ARG A 290 29.74 -6.79 -22.23
C ARG A 290 28.50 -7.63 -21.92
N SER A 291 27.67 -7.85 -22.92
CA SER A 291 26.45 -8.62 -22.72
C SER A 291 26.10 -9.57 -23.85
N GLN A 292 25.68 -10.78 -23.49
CA GLN A 292 25.20 -11.78 -24.42
C GLN A 292 23.71 -11.83 -24.12
N LEU A 293 22.91 -11.26 -25.01
CA LEU A 293 21.46 -11.11 -24.76
C LEU A 293 20.75 -12.36 -24.28
N GLU A 294 21.07 -13.50 -24.86
CA GLU A 294 20.39 -14.76 -24.50
C GLU A 294 20.64 -15.23 -23.06
N ASN A 295 21.65 -14.67 -22.39
CA ASN A 295 21.94 -15.04 -20.98
C ASN A 295 21.35 -14.12 -19.93
N LEU A 296 20.71 -13.05 -20.35
CA LEU A 296 20.07 -12.10 -19.41
C LEU A 296 18.88 -12.71 -18.72
N LYS A 297 18.92 -12.69 -17.39
CA LYS A 297 17.88 -13.30 -16.56
C LYS A 297 17.26 -12.20 -15.70
N ALA A 298 15.95 -12.31 -15.49
CA ALA A 298 15.20 -11.39 -14.67
C ALA A 298 15.75 -11.27 -13.26
N VAL A 299 15.57 -10.09 -12.67
CA VAL A 299 16.01 -9.84 -11.32
C VAL A 299 14.98 -9.04 -10.53
N HIS A 300 15.19 -9.01 -9.23
CA HIS A 300 14.43 -8.19 -8.32
C HIS A 300 15.32 -7.00 -7.96
N VAL A 301 14.76 -5.80 -7.97
CA VAL A 301 15.48 -4.58 -7.55
C VAL A 301 14.58 -3.75 -6.64
N LYS A 302 15.19 -3.21 -5.59
CA LYS A 302 14.52 -2.32 -4.66
C LYS A 302 15.37 -1.06 -4.54
N THR A 303 14.84 0.09 -4.96
CA THR A 303 15.59 1.34 -4.82
C THR A 303 15.69 1.70 -3.30
N LEU A 304 16.83 2.23 -2.90
CA LEU A 304 17.09 2.61 -1.52
C LEU A 304 18.10 3.76 -1.50
N PRO A 305 18.18 4.50 -0.39
CA PRO A 305 19.19 5.54 -0.27
C PRO A 305 20.57 4.92 -0.42
N HIS A 306 21.53 5.66 -0.96
CA HIS A 306 22.88 5.12 -1.11
C HIS A 306 23.34 4.59 0.28
N PRO A 307 24.12 3.51 0.36
CA PRO A 307 24.68 2.74 -0.76
C PRO A 307 23.77 1.69 -1.47
N GLY A 308 22.47 1.75 -1.24
CA GLY A 308 21.53 0.89 -1.92
C GLY A 308 21.32 1.34 -3.37
N PHE A 309 20.53 0.58 -4.11
CA PHE A 309 20.28 0.83 -5.53
C PHE A 309 19.65 2.23 -5.75
N PRO A 310 20.25 3.06 -6.60
CA PRO A 310 19.74 4.44 -6.78
C PRO A 310 18.44 4.56 -7.54
N THR A 311 17.52 5.36 -7.01
CA THR A 311 16.25 5.63 -7.70
C THR A 311 16.52 6.26 -9.06
N ASP A 312 17.64 6.98 -9.18
CA ASP A 312 18.01 7.62 -10.44
C ASP A 312 18.43 6.64 -11.57
N MET A 313 18.62 5.36 -11.22
CA MET A 313 18.84 4.32 -12.22
C MET A 313 17.58 3.46 -12.45
N GLN A 314 16.52 3.73 -11.71
CA GLN A 314 15.31 2.88 -11.78
C GLN A 314 14.64 2.76 -13.14
N ALA A 315 14.28 3.89 -13.74
CA ALA A 315 13.58 3.87 -15.01
C ALA A 315 14.40 3.17 -16.07
N GLN A 316 15.68 3.53 -16.15
CA GLN A 316 16.57 2.96 -17.15
C GLN A 316 16.68 1.45 -16.92
N PHE A 317 16.74 1.04 -15.65
CA PHE A 317 16.89 -0.37 -15.36
C PHE A 317 15.62 -1.15 -15.75
N THR A 318 14.43 -0.53 -15.63
CA THR A 318 13.20 -1.18 -16.05
C THR A 318 13.20 -1.44 -17.55
N ALA A 319 13.86 -0.58 -18.33
CA ALA A 319 13.96 -0.80 -19.77
C ALA A 319 14.75 -2.07 -20.02
N LEU A 320 15.84 -2.25 -19.28
CA LEU A 320 16.66 -3.45 -19.37
C LEU A 320 15.87 -4.69 -18.99
N MET A 321 14.98 -4.54 -18.01
CA MET A 321 14.15 -5.66 -17.57
C MET A 321 13.23 -6.14 -18.68
N THR A 322 12.91 -5.30 -19.67
CA THR A 322 12.06 -5.74 -20.79
C THR A 322 12.74 -6.76 -21.70
N VAL A 323 14.07 -6.82 -21.66
N VAL A 323 14.08 -6.82 -21.67
CA VAL A 323 14.89 -7.69 -22.52
CA VAL A 323 14.84 -7.76 -22.53
C VAL A 323 15.37 -8.99 -21.84
C VAL A 323 15.36 -9.00 -21.84
N ALA A 324 15.36 -9.04 -20.52
CA ALA A 324 15.82 -10.24 -19.78
C ALA A 324 14.76 -11.34 -19.85
N LYS A 325 15.16 -12.58 -19.59
CA LYS A 325 14.22 -13.71 -19.61
C LYS A 325 13.62 -13.88 -18.21
N GLY A 326 12.31 -13.91 -18.13
CA GLY A 326 11.60 -14.11 -16.85
C GLY A 326 10.88 -12.89 -16.37
N GLU A 327 10.38 -12.94 -15.14
CA GLU A 327 9.63 -11.83 -14.56
C GLU A 327 10.52 -11.06 -13.60
N SER A 328 10.79 -9.81 -13.93
CA SER A 328 11.57 -8.94 -13.06
C SER A 328 10.61 -8.15 -12.17
N THR A 329 11.13 -7.67 -11.06
CA THR A 329 10.33 -6.84 -10.15
C THR A 329 11.14 -5.61 -9.79
N MET A 330 10.51 -4.44 -9.90
CA MET A 330 11.11 -3.20 -9.50
C MET A 330 10.27 -2.56 -8.40
N VAL A 331 10.88 -2.35 -7.23
CA VAL A 331 10.26 -1.71 -6.09
C VAL A 331 10.90 -0.35 -5.92
N GLU A 332 10.10 0.70 -6.09
CA GLU A 332 10.57 2.08 -5.98
C GLU A 332 10.15 2.62 -4.59
N THR A 333 11.09 2.74 -3.65
CA THR A 333 10.75 3.22 -2.29
C THR A 333 11.03 4.70 -2.02
N VAL A 334 11.78 5.36 -2.90
CA VAL A 334 12.22 6.72 -2.66
C VAL A 334 11.19 7.77 -3.04
N PHE A 335 10.55 7.60 -4.20
CA PHE A 335 9.54 8.51 -4.67
C PHE A 335 8.27 7.69 -4.90
N GLU A 336 7.11 8.32 -4.74
CA GLU A 336 5.83 7.61 -4.87
C GLU A 336 5.27 7.46 -6.27
N ASN A 337 5.68 8.34 -7.19
CA ASN A 337 5.07 8.33 -8.50
C ASN A 337 6.14 8.35 -9.61
N ARG A 338 7.06 7.38 -9.58
CA ARG A 338 8.15 7.38 -10.55
C ARG A 338 8.13 6.17 -11.50
N PHE A 339 6.93 5.77 -11.90
CA PHE A 339 6.74 4.71 -12.88
C PHE A 339 5.97 5.24 -14.11
N GLN A 340 5.98 6.56 -14.32
CA GLN A 340 5.25 7.16 -15.41
C GLN A 340 5.74 6.72 -16.80
N HIS A 341 7.02 6.41 -16.91
CA HIS A 341 7.59 5.94 -18.17
C HIS A 341 6.96 4.61 -18.62
N LEU A 342 6.53 3.79 -17.66
CA LEU A 342 5.88 2.52 -17.98
C LEU A 342 4.51 2.73 -18.67
N GLU A 343 3.87 3.85 -18.34
CA GLU A 343 2.61 4.22 -18.99
C GLU A 343 2.86 4.52 -20.46
N GLU A 344 3.95 5.24 -20.73
CA GLU A 344 4.31 5.54 -22.10
C GLU A 344 4.78 4.27 -22.83
N MET A 345 5.51 3.41 -22.14
CA MET A 345 5.98 2.17 -22.74
C MET A 345 4.85 1.23 -23.14
N ARG A 346 3.67 1.42 -22.56
CA ARG A 346 2.48 0.65 -22.96
C ARG A 346 2.20 0.92 -24.43
N ARG A 347 2.50 2.13 -24.88
CA ARG A 347 2.33 2.51 -26.29
C ARG A 347 3.25 1.71 -27.22
N MET A 348 4.33 1.17 -26.68
CA MET A 348 5.28 0.37 -27.45
C MET A 348 4.98 -1.12 -27.30
N GLY A 349 3.85 -1.43 -26.65
CA GLY A 349 3.40 -2.80 -26.46
C GLY A 349 3.82 -3.46 -25.18
N LEU A 350 4.43 -2.71 -24.25
CA LEU A 350 4.86 -3.27 -23.01
C LEU A 350 3.77 -3.39 -21.96
N HIS A 351 3.52 -4.61 -21.51
N HIS A 351 3.52 -4.61 -21.51
CA HIS A 351 2.54 -4.84 -20.45
CA HIS A 351 2.55 -4.83 -20.45
C HIS A 351 3.32 -4.93 -19.15
C HIS A 351 3.32 -4.94 -19.15
N SER A 352 2.90 -4.18 -18.15
CA SER A 352 3.52 -4.21 -16.82
C SER A 352 2.40 -4.17 -15.81
N GLU A 353 2.64 -4.77 -14.67
CA GLU A 353 1.67 -4.85 -13.59
C GLU A 353 2.22 -4.06 -12.40
N ILE A 354 1.58 -2.91 -12.14
CA ILE A 354 1.98 -1.99 -11.07
C ILE A 354 1.03 -2.03 -9.88
N ILE A 355 1.54 -2.45 -8.73
CA ILE A 355 0.82 -2.44 -7.46
C ILE A 355 1.52 -1.40 -6.55
N ARG A 356 1.09 -0.15 -6.67
CA ARG A 356 1.64 0.98 -5.88
C ARG A 356 3.15 1.23 -6.08
N ASP A 357 3.99 0.66 -5.22
CA ASP A 357 5.47 0.86 -5.33
C ASP A 357 6.19 -0.27 -6.05
N THR A 358 5.44 -1.28 -6.49
CA THR A 358 6.02 -2.47 -7.11
C THR A 358 5.54 -2.64 -8.55
N ALA A 359 6.50 -2.80 -9.46
CA ALA A 359 6.20 -3.00 -10.87
C ALA A 359 6.77 -4.33 -11.31
N ARG A 360 5.94 -5.15 -11.94
CA ARG A 360 6.38 -6.45 -12.46
C ARG A 360 6.45 -6.31 -13.95
N ILE A 361 7.56 -6.77 -14.52
CA ILE A 361 7.80 -6.71 -15.95
C ILE A 361 8.32 -8.07 -16.43
N VAL A 362 7.53 -8.74 -17.26
CA VAL A 362 7.90 -10.01 -17.87
C VAL A 362 8.76 -9.67 -19.10
N GLY A 363 9.98 -10.22 -19.12
CA GLY A 363 10.88 -9.95 -20.22
C GLY A 363 10.51 -10.65 -21.51
N GLY A 364 11.08 -10.21 -22.62
CA GLY A 364 10.87 -10.84 -23.91
C GLY A 364 9.61 -10.47 -24.68
N GLN A 365 8.82 -9.50 -24.21
CA GLN A 365 7.65 -9.11 -24.96
C GLN A 365 8.09 -8.42 -26.25
N PRO A 366 7.34 -8.61 -27.36
CA PRO A 366 7.74 -7.99 -28.63
C PRO A 366 7.27 -6.54 -28.66
N LEU A 367 8.21 -5.63 -28.53
CA LEU A 367 7.92 -4.22 -28.49
C LEU A 367 8.05 -3.62 -29.87
N GLN A 368 7.26 -2.58 -30.11
CA GLN A 368 7.31 -1.84 -31.36
C GLN A 368 7.51 -0.36 -31.12
N GLY A 369 8.17 0.29 -32.07
CA GLY A 369 8.39 1.70 -32.01
C GLY A 369 7.09 2.49 -32.05
N ALA A 370 7.06 3.60 -31.33
CA ALA A 370 5.89 4.45 -31.28
C ALA A 370 6.30 5.84 -30.86
N GLU A 371 5.37 6.77 -31.07
CA GLU A 371 5.56 8.13 -30.63
C GLU A 371 5.29 8.18 -29.11
N VAL A 372 6.30 8.61 -28.34
CA VAL A 372 6.17 8.68 -26.88
C VAL A 372 6.63 10.04 -26.35
N LEU A 373 6.20 10.34 -25.13
CA LEU A 373 6.50 11.60 -24.46
C LEU A 373 7.18 11.40 -23.14
N SER A 374 8.34 12.05 -22.99
CA SER A 374 9.10 12.03 -21.75
C SER A 374 8.29 12.70 -20.64
N THR A 375 8.33 12.12 -19.45
CA THR A 375 7.61 12.65 -18.29
C THR A 375 8.55 13.30 -17.27
N ASP A 376 9.82 12.90 -17.29
CA ASP A 376 10.82 13.42 -16.38
C ASP A 376 12.19 13.03 -16.92
N LEU A 377 13.25 13.57 -16.31
CA LEU A 377 14.62 13.35 -16.78
C LEU A 377 15.03 11.88 -17.04
N ARG A 378 15.00 11.04 -16.03
CA ARG A 378 15.42 9.66 -16.20
C ARG A 378 14.45 8.83 -17.05
N ALA A 379 13.18 9.18 -16.99
CA ALA A 379 12.17 8.51 -17.80
C ALA A 379 12.46 8.73 -19.29
N SER A 380 12.92 9.92 -19.62
CA SER A 380 13.25 10.26 -20.98
C SER A 380 14.34 9.29 -21.50
N ALA A 381 15.36 9.09 -20.69
CA ALA A 381 16.45 8.18 -21.05
C ALA A 381 15.92 6.76 -21.20
N ALA A 382 15.03 6.36 -20.31
CA ALA A 382 14.48 5.01 -20.36
C ALA A 382 13.71 4.76 -21.67
N LEU A 383 12.97 5.76 -22.13
CA LEU A 383 12.20 5.63 -23.38
C LEU A 383 13.11 5.51 -24.58
N ILE A 384 14.19 6.28 -24.58
CA ILE A 384 15.17 6.27 -25.66
C ILE A 384 15.87 4.92 -25.70
N LEU A 385 16.22 4.38 -24.54
CA LEU A 385 16.86 3.07 -24.50
C LEU A 385 15.92 2.00 -25.02
N THR A 386 14.65 2.11 -24.64
CA THR A 386 13.64 1.13 -25.09
C THR A 386 13.51 1.21 -26.62
N GLY A 387 13.59 2.41 -27.17
CA GLY A 387 13.53 2.61 -28.62
C GLY A 387 14.62 1.83 -29.38
N LEU A 388 15.78 1.63 -28.72
CA LEU A 388 16.89 0.89 -29.32
C LEU A 388 16.59 -0.57 -29.58
N VAL A 389 15.81 -1.17 -28.69
CA VAL A 389 15.47 -2.59 -28.79
C VAL A 389 14.09 -2.87 -29.33
N ALA A 390 13.22 -1.87 -29.48
CA ALA A 390 11.88 -2.12 -30.06
C ALA A 390 12.01 -2.27 -31.57
N GLN A 391 11.06 -2.95 -32.20
CA GLN A 391 11.05 -3.07 -33.66
C GLN A 391 10.31 -1.90 -34.30
N GLY A 392 10.98 -1.16 -35.16
CA GLY A 392 10.36 -0.01 -35.82
C GLY A 392 10.91 1.28 -35.30
N GLU A 393 10.28 2.37 -35.69
CA GLU A 393 10.73 3.69 -35.34
C GLU A 393 10.07 4.24 -34.05
N THR A 394 10.90 4.72 -33.13
CA THR A 394 10.42 5.33 -31.88
C THR A 394 10.74 6.81 -31.98
N VAL A 395 9.79 7.64 -31.59
CA VAL A 395 9.95 9.09 -31.60
C VAL A 395 9.70 9.60 -30.17
N VAL A 396 10.77 10.08 -29.51
CA VAL A 396 10.72 10.55 -28.15
C VAL A 396 10.65 12.08 -28.09
N GLY A 397 9.55 12.59 -27.52
CA GLY A 397 9.33 14.03 -27.35
C GLY A 397 9.44 14.51 -25.92
N LYS A 398 9.12 15.79 -25.72
CA LYS A 398 9.26 16.49 -24.43
C LYS A 398 10.68 16.39 -23.94
N LEU A 399 11.62 16.73 -24.83
CA LEU A 399 13.04 16.65 -24.52
C LEU A 399 13.52 17.69 -23.53
N VAL A 400 12.66 18.64 -23.18
CA VAL A 400 12.99 19.60 -22.14
C VAL A 400 13.45 18.80 -20.89
N HIS A 401 12.80 17.68 -20.61
CA HIS A 401 13.18 16.85 -19.45
C HIS A 401 14.58 16.27 -19.61
N LEU A 402 14.89 15.75 -20.79
CA LEU A 402 16.19 15.13 -21.08
C LEU A 402 17.34 16.09 -20.95
N ASP A 403 17.17 17.29 -21.49
CA ASP A 403 18.19 18.34 -21.46
C ASP A 403 18.52 18.85 -20.07
N ARG A 404 17.80 18.40 -19.07
CA ARG A 404 18.12 18.80 -17.70
C ARG A 404 19.30 18.02 -17.16
N GLY A 405 19.53 16.80 -17.68
CA GLY A 405 20.57 15.92 -17.13
C GLY A 405 21.44 15.10 -18.06
N TYR A 406 21.15 15.12 -19.36
CA TYR A 406 21.97 14.43 -20.35
C TYR A 406 22.42 15.40 -21.44
N TYR A 407 23.73 15.44 -21.68
CA TYR A 407 24.32 16.25 -22.73
C TYR A 407 24.74 15.36 -23.88
N GLY A 408 24.22 15.62 -25.08
CA GLY A 408 24.58 14.85 -26.27
C GLY A 408 24.32 13.37 -26.21
N PHE A 409 23.25 12.98 -25.53
CA PHE A 409 22.90 11.55 -25.39
C PHE A 409 22.75 10.84 -26.75
N HIS A 410 22.06 11.46 -27.69
CA HIS A 410 21.86 10.86 -29.05
C HIS A 410 23.18 10.70 -29.79
N GLU A 411 24.07 11.67 -29.61
CA GLU A 411 25.38 11.73 -30.27
C GLU A 411 26.27 10.61 -29.71
N LYS A 412 26.31 10.45 -28.39
CA LYS A 412 27.12 9.41 -27.76
C LYS A 412 26.63 8.01 -28.13
N LEU A 413 25.31 7.84 -28.19
CA LEU A 413 24.72 6.56 -28.60
C LEU A 413 25.00 6.29 -30.10
N ALA A 414 24.88 7.33 -30.93
CA ALA A 414 25.16 7.18 -32.37
C ALA A 414 26.62 6.77 -32.60
N GLN A 415 27.54 7.36 -31.83
CA GLN A 415 28.96 7.04 -31.92
C GLN A 415 29.26 5.58 -31.50
N LEU A 416 28.35 4.99 -30.73
CA LEU A 416 28.49 3.56 -30.32
C LEU A 416 27.80 2.59 -31.29
N GLY A 417 27.16 3.12 -32.35
CA GLY A 417 26.52 2.30 -33.38
C GLY A 417 25.02 2.34 -33.50
N ALA A 418 24.34 3.10 -32.63
CA ALA A 418 22.91 3.15 -32.65
C ALA A 418 22.36 4.05 -33.78
N LYS A 419 21.23 3.64 -34.37
CA LYS A 419 20.54 4.42 -35.40
C LYS A 419 19.63 5.40 -34.69
N ILE A 420 20.18 6.54 -34.34
CA ILE A 420 19.48 7.54 -33.60
C ILE A 420 19.85 8.93 -34.07
N GLN A 421 18.86 9.81 -34.12
N GLN A 421 18.86 9.81 -34.12
CA GLN A 421 19.06 11.20 -34.53
CA GLN A 421 19.06 11.20 -34.51
C GLN A 421 18.24 12.12 -33.65
C GLN A 421 18.24 12.12 -33.63
N ARG A 422 18.66 13.38 -33.56
CA ARG A 422 17.89 14.41 -32.88
C ARG A 422 17.51 15.41 -33.98
N ILE A 423 16.22 15.48 -34.26
CA ILE A 423 15.65 16.31 -35.33
C ILE A 423 14.88 17.47 -34.75
N GLU A 424 14.88 18.60 -35.44
CA GLU A 424 14.05 19.76 -35.03
C GLU A 424 12.66 19.54 -35.64
N ALA A 425 11.62 19.63 -34.81
CA ALA A 425 10.25 19.34 -35.24
C ALA A 425 9.55 20.52 -35.93
N MET B 4 0.46 32.84 -20.23
CA MET B 4 -1.00 32.81 -20.54
C MET B 4 -1.83 33.50 -19.44
N ASP B 5 -3.15 33.34 -19.47
CA ASP B 5 -4.03 33.98 -18.47
C ASP B 5 -3.80 33.51 -17.03
N LYS B 6 -4.14 34.38 -16.07
CA LYS B 6 -4.04 34.08 -14.67
C LYS B 6 -5.30 34.51 -13.98
N ILE B 7 -5.68 33.79 -12.94
CA ILE B 7 -6.83 34.14 -12.13
C ILE B 7 -6.25 34.70 -10.86
N VAL B 8 -6.71 35.90 -10.50
CA VAL B 8 -6.21 36.64 -9.34
C VAL B 8 -7.34 36.78 -8.36
N VAL B 9 -7.06 36.38 -7.12
CA VAL B 9 -8.06 36.40 -6.06
C VAL B 9 -7.54 37.23 -4.88
N GLN B 10 -8.33 38.22 -4.44
CA GLN B 10 -7.99 39.00 -3.26
C GLN B 10 -8.67 38.23 -2.12
N GLY B 11 -7.86 37.54 -1.34
CA GLY B 11 -8.36 36.67 -0.31
C GLY B 11 -8.88 37.32 0.95
N GLY B 12 -9.80 36.62 1.61
CA GLY B 12 -10.35 37.04 2.90
C GLY B 12 -11.84 37.17 3.17
N ASP B 13 -12.37 38.28 2.73
CA ASP B 13 -13.75 38.66 2.97
C ASP B 13 -14.56 38.30 1.71
N ASN B 14 -14.67 37.02 1.40
CA ASN B 14 -15.31 36.56 0.16
C ASN B 14 -16.51 35.64 0.45
N ARG B 15 -17.36 36.07 1.37
CA ARG B 15 -18.58 35.31 1.65
C ARG B 15 -19.43 35.26 0.38
N LEU B 16 -19.76 34.06 -0.07
CA LEU B 16 -20.52 33.88 -1.30
C LEU B 16 -22.02 33.83 -1.00
N VAL B 17 -22.77 34.71 -1.66
CA VAL B 17 -24.22 34.77 -1.47
C VAL B 17 -24.85 35.02 -2.82
N GLY B 18 -25.91 34.28 -3.11
CA GLY B 18 -26.60 34.46 -4.38
C GLY B 18 -26.99 33.16 -5.03
N SER B 19 -27.24 33.25 -6.34
CA SER B 19 -27.66 32.12 -7.14
C SER B 19 -26.69 31.91 -8.27
N VAL B 20 -26.57 30.66 -8.68
CA VAL B 20 -25.66 30.31 -9.76
C VAL B 20 -26.28 29.27 -10.68
N THR B 21 -26.03 29.46 -11.98
CA THR B 21 -26.48 28.56 -13.03
C THR B 21 -25.27 27.68 -13.38
N ILE B 22 -25.54 26.41 -13.52
CA ILE B 22 -24.54 25.38 -13.78
C ILE B 22 -24.63 24.91 -15.22
N GLU B 23 -23.47 24.68 -15.84
CA GLU B 23 -23.40 24.25 -17.25
C GLU B 23 -23.77 22.80 -17.40
N GLY B 24 -23.93 22.36 -18.66
CA GLY B 24 -24.13 20.95 -18.96
C GLY B 24 -22.84 20.19 -18.62
N ALA B 25 -22.99 18.92 -18.22
CA ALA B 25 -21.86 18.09 -17.82
C ALA B 25 -20.83 17.83 -18.92
N LYS B 26 -19.60 18.29 -18.68
CA LYS B 26 -18.49 18.02 -19.58
C LYS B 26 -18.32 16.53 -19.78
N ASN B 27 -18.38 15.77 -18.69
CA ASN B 27 -18.17 14.32 -18.74
C ASN B 27 -19.37 13.51 -19.25
N ALA B 28 -20.48 14.19 -19.51
CA ALA B 28 -21.62 13.53 -20.18
C ALA B 28 -21.50 13.89 -21.66
N VAL B 29 -21.20 15.14 -21.95
CA VAL B 29 -21.12 15.58 -23.35
C VAL B 29 -20.05 14.81 -24.14
N LEU B 30 -18.90 14.50 -23.52
CA LEU B 30 -17.87 13.79 -24.28
C LEU B 30 -18.33 12.43 -24.80
N PRO B 31 -18.89 11.56 -23.92
CA PRO B 31 -19.38 10.29 -24.46
C PRO B 31 -20.65 10.47 -25.30
N LEU B 32 -21.48 11.48 -25.03
CA LEU B 32 -22.67 11.71 -25.84
C LEU B 32 -22.26 12.07 -27.28
N LEU B 33 -21.18 12.83 -27.40
CA LEU B 33 -20.65 13.20 -28.73
C LEU B 33 -20.14 11.97 -29.46
N ALA B 34 -19.46 11.09 -28.73
CA ALA B 34 -18.97 9.84 -29.31
C ALA B 34 -20.14 9.03 -29.87
N ALA B 35 -21.23 8.97 -29.09
CA ALA B 35 -22.44 8.24 -29.48
C ALA B 35 -23.10 8.71 -30.78
N THR B 36 -22.93 9.98 -31.15
CA THR B 36 -23.54 10.51 -32.39
C THR B 36 -23.13 9.75 -33.66
N ILE B 37 -21.94 9.13 -33.60
CA ILE B 37 -21.37 8.31 -34.67
C ILE B 37 -22.27 7.12 -34.98
N LEU B 38 -23.07 6.70 -33.99
CA LEU B 38 -23.95 5.55 -34.14
C LEU B 38 -25.15 5.78 -35.07
N ALA B 39 -25.53 7.03 -35.27
CA ALA B 39 -26.72 7.36 -36.07
C ALA B 39 -26.44 7.44 -37.56
N SER B 40 -26.78 6.38 -38.26
CA SER B 40 -26.63 6.26 -39.73
C SER B 40 -27.78 6.94 -40.48
N GLU B 41 -28.84 7.32 -39.75
CA GLU B 41 -29.97 8.03 -40.34
C GLU B 41 -30.35 9.23 -39.45
N GLY B 42 -30.55 10.38 -40.08
CA GLY B 42 -30.89 11.59 -39.35
C GLY B 42 -29.67 12.23 -38.74
N LYS B 43 -29.90 13.29 -37.97
CA LYS B 43 -28.85 14.06 -37.31
C LYS B 43 -29.10 14.15 -35.82
N THR B 44 -28.01 14.14 -35.03
CA THR B 44 -28.13 14.22 -33.59
C THR B 44 -27.83 15.63 -33.15
N VAL B 45 -28.67 16.16 -32.27
CA VAL B 45 -28.51 17.48 -31.70
C VAL B 45 -28.37 17.36 -30.18
N LEU B 46 -27.26 17.86 -29.65
CA LEU B 46 -27.05 17.90 -28.20
C LEU B 46 -27.24 19.34 -27.74
N GLN B 47 -28.09 19.52 -26.73
CA GLN B 47 -28.37 20.83 -26.15
C GLN B 47 -27.73 20.92 -24.78
N ASN B 48 -27.49 22.15 -24.33
CA ASN B 48 -26.88 22.46 -23.02
C ASN B 48 -25.39 22.02 -23.03
N VAL B 49 -24.70 22.30 -24.13
CA VAL B 49 -23.32 21.91 -24.28
C VAL B 49 -22.44 23.05 -23.80
N PRO B 50 -21.52 22.76 -22.85
CA PRO B 50 -20.65 23.80 -22.35
C PRO B 50 -19.50 24.09 -23.30
N ILE B 51 -19.02 25.33 -23.25
CA ILE B 51 -17.91 25.80 -24.12
C ILE B 51 -16.59 25.55 -23.35
N LEU B 52 -16.00 24.38 -23.61
CA LEU B 52 -14.81 23.91 -22.93
C LEU B 52 -13.87 23.29 -23.95
N SER B 53 -12.57 23.34 -23.68
CA SER B 53 -11.57 22.82 -24.63
C SER B 53 -11.75 21.32 -24.90
N ASP B 54 -12.15 20.53 -23.89
CA ASP B 54 -12.37 19.10 -24.10
C ASP B 54 -13.50 18.83 -25.10
N VAL B 55 -14.51 19.71 -25.15
CA VAL B 55 -15.60 19.59 -26.12
C VAL B 55 -15.07 19.86 -27.53
N PHE B 56 -14.21 20.88 -27.68
CA PHE B 56 -13.63 21.20 -28.98
C PHE B 56 -12.80 20.04 -29.51
N ILE B 57 -12.06 19.38 -28.62
CA ILE B 57 -11.24 18.24 -29.01
C ILE B 57 -12.12 17.07 -29.43
N MET B 58 -13.14 16.76 -28.63
CA MET B 58 -14.04 15.66 -29.00
C MET B 58 -14.73 15.96 -30.33
N ASN B 59 -15.05 17.22 -30.59
CA ASN B 59 -15.63 17.63 -31.88
C ASN B 59 -14.65 17.35 -33.03
N GLN B 60 -13.36 17.57 -32.81
CA GLN B 60 -12.32 17.26 -33.81
C GLN B 60 -12.15 15.74 -34.02
N VAL B 61 -12.27 14.97 -32.94
CA VAL B 61 -12.16 13.51 -33.04
C VAL B 61 -13.33 12.99 -33.88
N VAL B 62 -14.56 13.38 -33.52
CA VAL B 62 -15.76 12.96 -34.25
C VAL B 62 -15.74 13.44 -35.71
N GLY B 63 -15.29 14.66 -35.91
CA GLY B 63 -15.12 15.24 -37.23
C GLY B 63 -14.11 14.45 -38.05
N GLY B 64 -13.06 13.96 -37.39
CA GLY B 64 -12.02 13.16 -38.08
C GLY B 64 -12.50 11.79 -38.54
N LEU B 65 -13.68 11.38 -38.08
CA LEU B 65 -14.29 10.10 -38.47
C LEU B 65 -15.31 10.29 -39.60
N ASN B 66 -15.26 11.45 -40.28
CA ASN B 66 -16.14 11.80 -41.40
C ASN B 66 -17.61 12.06 -40.97
N ALA B 67 -17.78 12.48 -39.73
CA ALA B 67 -19.09 12.92 -39.27
C ALA B 67 -18.97 14.43 -39.29
N LYS B 68 -20.02 15.12 -39.71
CA LYS B 68 -20.01 16.58 -39.75
C LYS B 68 -20.51 17.11 -38.41
N VAL B 69 -19.66 17.90 -37.75
CA VAL B 69 -19.96 18.42 -36.40
C VAL B 69 -20.03 19.93 -36.44
N ASP B 70 -21.19 20.47 -36.06
CA ASP B 70 -21.42 21.91 -36.02
C ASP B 70 -21.76 22.34 -34.61
N PHE B 71 -20.86 23.12 -34.03
CA PHE B 71 -21.00 23.60 -32.64
C PHE B 71 -21.36 25.09 -32.61
N ASP B 72 -22.62 25.35 -32.27
CA ASP B 72 -23.13 26.72 -32.11
C ASP B 72 -22.93 27.09 -30.63
N GLU B 73 -21.83 27.76 -30.36
CA GLU B 73 -21.43 28.11 -28.99
C GLU B 73 -22.45 28.93 -28.21
N GLU B 74 -22.96 30.00 -28.80
CA GLU B 74 -23.93 30.87 -28.11
C GLU B 74 -25.24 30.14 -27.79
N ALA B 75 -25.66 29.24 -28.67
CA ALA B 75 -26.87 28.46 -28.45
C ALA B 75 -26.58 27.19 -27.62
N HIS B 76 -25.29 26.91 -27.36
CA HIS B 76 -24.90 25.72 -26.58
C HIS B 76 -25.46 24.44 -27.23
N LEU B 77 -25.29 24.36 -28.52
CA LEU B 77 -25.81 23.26 -29.32
C LEU B 77 -24.75 22.66 -30.20
N VAL B 78 -24.73 21.33 -30.25
CA VAL B 78 -23.84 20.63 -31.17
C VAL B 78 -24.74 19.79 -32.06
N LYS B 79 -24.55 19.92 -33.37
CA LYS B 79 -25.33 19.18 -34.36
C LYS B 79 -24.37 18.25 -35.09
N VAL B 80 -24.72 16.97 -35.16
CA VAL B 80 -23.88 16.00 -35.83
C VAL B 80 -24.61 15.23 -36.93
N ASP B 81 -24.01 15.22 -38.11
CA ASP B 81 -24.49 14.45 -39.25
C ASP B 81 -23.46 13.35 -39.51
N ALA B 82 -23.81 12.16 -39.10
CA ALA B 82 -22.99 10.97 -39.25
C ALA B 82 -23.58 9.99 -40.28
N THR B 83 -24.38 10.49 -41.21
CA THR B 83 -25.01 9.61 -42.22
C THR B 83 -24.05 9.21 -43.35
N GLY B 84 -22.92 9.90 -43.48
CA GLY B 84 -21.90 9.56 -44.47
C GLY B 84 -21.18 8.26 -44.09
N ASP B 85 -20.18 7.90 -44.90
CA ASP B 85 -19.36 6.73 -44.63
C ASP B 85 -18.35 7.08 -43.55
N ILE B 86 -18.54 6.53 -42.36
CA ILE B 86 -17.70 6.81 -41.22
C ILE B 86 -16.35 6.10 -41.35
N THR B 87 -15.28 6.83 -41.05
CA THR B 87 -13.91 6.26 -41.08
C THR B 87 -13.50 5.78 -39.69
N GLU B 88 -12.36 5.14 -39.59
CA GLU B 88 -12.01 4.38 -38.39
C GLU B 88 -10.99 4.94 -37.38
N GLU B 89 -10.32 6.03 -37.71
CA GLU B 89 -9.19 6.50 -36.91
C GLU B 89 -9.36 7.65 -35.91
N ALA B 90 -8.90 7.40 -34.68
CA ALA B 90 -8.80 8.41 -33.60
C ALA B 90 -7.29 8.59 -33.49
N PRO B 91 -6.74 9.65 -34.11
CA PRO B 91 -5.29 9.78 -34.17
C PRO B 91 -4.59 10.20 -32.89
N TYR B 92 -3.28 9.94 -32.85
CA TYR B 92 -2.41 10.32 -31.76
C TYR B 92 -2.51 11.83 -31.42
N LYS B 93 -2.63 12.68 -32.43
CA LYS B 93 -2.69 14.12 -32.18
C LYS B 93 -3.83 14.54 -31.27
N TYR B 94 -4.93 13.76 -31.22
CA TYR B 94 -6.04 14.07 -30.30
C TYR B 94 -5.96 13.26 -29.02
N VAL B 95 -5.74 11.96 -29.12
CA VAL B 95 -5.71 11.11 -27.93
C VAL B 95 -4.60 11.53 -26.96
N SER B 96 -3.44 11.96 -27.51
CA SER B 96 -2.34 12.41 -26.67
C SER B 96 -2.68 13.69 -25.88
N LYS B 97 -3.66 14.47 -26.32
CA LYS B 97 -4.08 15.68 -25.58
C LYS B 97 -5.31 15.44 -24.70
N MET B 98 -5.99 14.33 -24.93
CA MET B 98 -7.19 14.00 -24.17
C MET B 98 -7.50 12.53 -24.29
N ARG B 99 -7.05 11.75 -23.34
CA ARG B 99 -7.23 10.28 -23.40
C ARG B 99 -8.70 9.86 -23.42
N ALA B 100 -9.61 10.75 -23.02
CA ALA B 100 -11.05 10.45 -23.11
C ALA B 100 -11.51 10.27 -24.55
N SER B 101 -10.69 10.68 -25.51
CA SER B 101 -10.97 10.48 -26.93
C SER B 101 -11.26 9.02 -27.27
N ILE B 102 -10.72 8.08 -26.50
CA ILE B 102 -10.90 6.67 -26.80
C ILE B 102 -12.32 6.16 -26.64
N VAL B 103 -13.24 6.99 -26.15
CA VAL B 103 -14.63 6.51 -26.02
C VAL B 103 -15.32 6.47 -27.37
N VAL B 104 -14.61 6.83 -28.43
CA VAL B 104 -15.15 6.65 -29.79
C VAL B 104 -14.90 5.21 -30.29
N LEU B 105 -14.02 4.47 -29.60
CA LEU B 105 -13.70 3.09 -29.98
C LEU B 105 -14.96 2.21 -30.12
N GLY B 106 -15.80 2.22 -29.09
CA GLY B 106 -17.04 1.46 -29.07
C GLY B 106 -17.99 1.79 -30.21
N PRO B 107 -18.36 3.07 -30.35
CA PRO B 107 -19.28 3.42 -31.42
C PRO B 107 -18.70 3.23 -32.83
N ILE B 108 -17.38 3.40 -33.00
CA ILE B 108 -16.77 3.13 -34.29
C ILE B 108 -16.97 1.64 -34.60
N LEU B 109 -16.66 0.77 -33.64
CA LEU B 109 -16.81 -0.65 -33.85
C LEU B 109 -18.28 -1.02 -34.13
N ALA B 110 -19.21 -0.35 -33.46
CA ALA B 110 -20.63 -0.63 -33.67
C ALA B 110 -21.06 -0.27 -35.10
N ARG B 111 -20.64 0.90 -35.60
CA ARG B 111 -20.98 1.36 -36.95
C ARG B 111 -20.24 0.69 -38.07
N VAL B 112 -18.90 0.60 -37.96
CA VAL B 112 -18.12 0.04 -39.08
C VAL B 112 -17.49 -1.31 -38.89
N GLY B 113 -17.38 -1.79 -37.68
CA GLY B 113 -16.79 -3.15 -37.44
C GLY B 113 -15.27 -3.17 -37.31
N HIS B 114 -14.63 -2.01 -37.41
CA HIS B 114 -13.17 -1.93 -37.23
C HIS B 114 -12.78 -0.55 -36.75
N ALA B 115 -11.69 -0.45 -35.99
CA ALA B 115 -11.25 0.83 -35.44
C ALA B 115 -9.73 0.87 -35.24
N LYS B 116 -9.20 2.08 -35.34
CA LYS B 116 -7.78 2.36 -35.14
C LYS B 116 -7.69 3.53 -34.17
N VAL B 117 -7.46 3.23 -32.90
CA VAL B 117 -7.45 4.26 -31.85
C VAL B 117 -6.08 4.30 -31.15
N SER B 118 -5.49 5.48 -31.09
CA SER B 118 -4.22 5.66 -30.43
C SER B 118 -4.27 5.19 -28.95
N MET B 119 -3.28 4.40 -28.54
CA MET B 119 -3.17 3.91 -27.18
C MET B 119 -2.79 5.09 -26.27
N PRO B 120 -3.61 5.35 -25.22
CA PRO B 120 -3.20 6.43 -24.33
C PRO B 120 -1.92 6.13 -23.62
N GLY B 121 -1.08 7.13 -23.46
CA GLY B 121 0.16 6.98 -22.71
C GLY B 121 -0.02 7.38 -21.24
N GLY B 122 0.89 8.23 -20.77
CA GLY B 122 0.87 8.68 -19.37
C GLY B 122 0.00 9.88 -19.11
N CYS B 123 -0.52 9.92 -17.91
CA CYS B 123 -1.31 11.03 -17.40
C CYS B 123 -0.84 11.25 -15.96
N THR B 124 -0.63 12.50 -15.58
CA THR B 124 -0.10 12.87 -14.24
C THR B 124 -0.95 12.48 -13.05
N ILE B 125 -2.28 12.41 -13.19
CA ILE B 125 -3.10 12.02 -12.01
C ILE B 125 -3.06 10.54 -11.63
N GLY B 126 -2.44 9.72 -12.46
CA GLY B 126 -2.28 8.29 -12.14
C GLY B 126 -2.12 7.38 -13.35
N SER B 127 -1.85 6.13 -13.06
CA SER B 127 -1.75 5.11 -14.07
C SER B 127 -3.22 4.97 -14.54
N ARG B 128 -3.46 4.98 -15.84
CA ARG B 128 -4.81 4.88 -16.38
C ARG B 128 -4.83 3.90 -17.54
N PRO B 129 -4.65 2.60 -17.23
CA PRO B 129 -4.69 1.58 -18.28
C PRO B 129 -6.11 1.42 -18.80
N ILE B 130 -6.22 0.75 -19.95
CA ILE B 130 -7.53 0.54 -20.57
C ILE B 130 -7.87 -0.95 -20.74
N ASP B 131 -7.20 -1.79 -19.95
CA ASP B 131 -7.41 -3.24 -19.98
C ASP B 131 -8.89 -3.68 -19.98
N LEU B 132 -9.72 -3.01 -19.20
CA LEU B 132 -11.13 -3.38 -19.10
C LEU B 132 -11.89 -3.10 -20.38
N HIS B 133 -11.50 -2.05 -21.12
CA HIS B 133 -12.12 -1.76 -22.41
C HIS B 133 -11.84 -2.92 -23.38
N LEU B 134 -10.56 -3.24 -23.53
CA LEU B 134 -10.12 -4.24 -24.49
C LEU B 134 -10.64 -5.62 -24.17
N LYS B 135 -10.56 -6.01 -22.91
CA LYS B 135 -11.04 -7.32 -22.47
C LYS B 135 -12.54 -7.50 -22.74
N GLY B 136 -13.32 -6.46 -22.44
CA GLY B 136 -14.76 -6.49 -22.67
C GLY B 136 -15.06 -6.57 -24.17
N LEU B 137 -14.31 -5.80 -24.96
CA LEU B 137 -14.50 -5.82 -26.42
C LEU B 137 -14.16 -7.18 -27.02
N GLU B 138 -13.12 -7.83 -26.50
CA GLU B 138 -12.72 -9.17 -26.97
C GLU B 138 -13.82 -10.19 -26.76
N ALA B 139 -14.54 -10.06 -25.64
CA ALA B 139 -15.66 -10.95 -25.33
C ALA B 139 -16.83 -10.75 -26.32
N MET B 140 -16.90 -9.58 -26.96
CA MET B 140 -17.96 -9.26 -27.93
C MET B 140 -17.55 -9.61 -29.37
N GLY B 141 -16.44 -10.33 -29.50
CA GLY B 141 -15.93 -10.78 -30.80
C GLY B 141 -14.93 -9.85 -31.48
N VAL B 142 -14.36 -8.91 -30.73
CA VAL B 142 -13.40 -7.98 -31.32
C VAL B 142 -11.99 -8.53 -31.14
N LYS B 143 -11.23 -8.54 -32.23
CA LYS B 143 -9.85 -8.99 -32.23
C LYS B 143 -9.03 -7.72 -32.03
N ILE B 144 -8.18 -7.73 -31.00
CA ILE B 144 -7.38 -6.57 -30.65
C ILE B 144 -5.89 -6.80 -30.92
N SER B 145 -5.27 -5.85 -31.63
CA SER B 145 -3.85 -5.86 -31.86
C SER B 145 -3.33 -4.46 -31.52
N GLN B 146 -2.01 -4.36 -31.35
CA GLN B 146 -1.37 -3.09 -30.96
C GLN B 146 -0.25 -2.91 -31.97
N THR B 147 -0.34 -1.87 -32.79
CA THR B 147 0.60 -1.67 -33.85
C THR B 147 1.10 -0.24 -33.92
N ALA B 148 2.41 -0.08 -33.67
CA ALA B 148 3.05 1.22 -33.72
C ALA B 148 2.29 2.30 -32.90
N GLY B 149 1.82 1.90 -31.72
CA GLY B 149 1.12 2.82 -30.84
C GLY B 149 -0.39 2.89 -30.99
N TYR B 150 -0.93 2.21 -32.00
CA TYR B 150 -2.37 2.20 -32.21
C TYR B 150 -3.04 0.90 -31.83
N ILE B 151 -4.18 1.03 -31.15
CA ILE B 151 -5.03 -0.10 -30.86
C ILE B 151 -5.76 -0.36 -32.19
N GLU B 152 -5.59 -1.55 -32.74
CA GLU B 152 -6.29 -1.95 -33.97
C GLU B 152 -7.33 -2.97 -33.57
N ALA B 153 -8.59 -2.63 -33.78
CA ALA B 153 -9.70 -3.48 -33.38
C ALA B 153 -10.59 -3.84 -34.56
N LYS B 154 -10.87 -5.14 -34.70
CA LYS B 154 -11.64 -5.66 -35.85
C LYS B 154 -12.67 -6.66 -35.38
N ALA B 155 -13.93 -6.46 -35.78
CA ALA B 155 -15.02 -7.35 -35.37
C ALA B 155 -15.79 -7.88 -36.58
N GLU B 156 -15.48 -9.12 -36.96
N GLU B 156 -15.49 -9.12 -36.93
CA GLU B 156 -16.17 -9.79 -38.07
CA GLU B 156 -16.12 -9.84 -38.02
C GLU B 156 -17.69 -9.78 -37.87
C GLU B 156 -17.67 -9.81 -37.86
N ARG B 157 -18.13 -10.13 -36.66
CA ARG B 157 -19.55 -10.12 -36.34
C ARG B 157 -19.65 -9.70 -34.88
N LEU B 158 -19.66 -8.41 -34.65
CA LEU B 158 -19.76 -7.88 -33.28
C LEU B 158 -20.98 -8.51 -32.64
N HIS B 159 -20.79 -9.14 -31.47
CA HIS B 159 -21.87 -9.85 -30.81
C HIS B 159 -22.02 -9.61 -29.31
N GLY B 160 -23.08 -10.18 -28.74
CA GLY B 160 -23.35 -10.07 -27.31
C GLY B 160 -22.37 -10.87 -26.49
N ALA B 161 -22.34 -10.60 -25.19
CA ALA B 161 -21.46 -11.29 -24.25
C ALA B 161 -21.90 -10.97 -22.83
N HIS B 162 -21.48 -11.82 -21.89
CA HIS B 162 -21.74 -11.61 -20.48
C HIS B 162 -20.40 -11.14 -19.96
N ILE B 163 -20.29 -9.85 -19.63
CA ILE B 163 -19.01 -9.23 -19.22
C ILE B 163 -18.99 -8.91 -17.73
N TYR B 164 -17.95 -9.39 -17.05
CA TYR B 164 -17.75 -9.16 -15.62
C TYR B 164 -16.61 -8.15 -15.54
N MET B 165 -16.93 -6.92 -15.12
CA MET B 165 -15.92 -5.88 -14.97
C MET B 165 -15.19 -6.08 -13.63
N ASP B 166 -13.86 -6.14 -13.66
CA ASP B 166 -13.07 -6.24 -12.41
C ASP B 166 -13.27 -4.98 -11.56
N PHE B 167 -13.49 -3.85 -12.24
CA PHE B 167 -13.71 -2.56 -11.58
C PHE B 167 -14.73 -1.81 -12.43
N PRO B 168 -15.63 -1.04 -11.81
CA PRO B 168 -16.67 -0.33 -12.59
C PRO B 168 -16.18 0.90 -13.34
N SER B 169 -15.32 0.68 -14.34
CA SER B 169 -14.78 1.79 -15.12
C SER B 169 -15.85 2.57 -15.86
N VAL B 170 -15.82 3.88 -15.69
CA VAL B 170 -16.73 4.80 -16.38
C VAL B 170 -16.55 4.66 -17.90
N GLY B 171 -15.32 4.88 -18.35
CA GLY B 171 -15.00 4.81 -19.77
C GLY B 171 -15.25 3.47 -20.41
N ALA B 172 -14.83 2.40 -19.74
CA ALA B 172 -15.03 1.08 -20.26
C ALA B 172 -16.51 0.77 -20.38
N THR B 173 -17.29 1.11 -19.35
CA THR B 173 -18.73 0.89 -19.39
C THR B 173 -19.36 1.65 -20.59
N GLN B 174 -18.91 2.88 -20.82
CA GLN B 174 -19.42 3.68 -21.92
C GLN B 174 -19.08 3.06 -23.29
N ASN B 175 -17.82 2.66 -23.47
CA ASN B 175 -17.40 2.01 -24.72
C ASN B 175 -18.19 0.74 -25.03
N LEU B 176 -18.35 -0.08 -24.01
CA LEU B 176 -19.05 -1.34 -24.15
C LEU B 176 -20.54 -1.16 -24.39
N MET B 177 -21.14 -0.19 -23.71
CA MET B 177 -22.56 0.12 -23.88
C MET B 177 -22.85 0.53 -25.33
N MET B 178 -21.99 1.42 -25.83
CA MET B 178 -22.14 1.95 -27.17
C MET B 178 -21.87 0.87 -28.21
N ALA B 179 -20.84 0.06 -28.00
CA ALA B 179 -20.54 -1.02 -28.95
C ALA B 179 -21.71 -1.98 -29.04
N ALA B 180 -22.30 -2.28 -27.88
CA ALA B 180 -23.40 -3.21 -27.76
C ALA B 180 -24.69 -2.80 -28.48
N THR B 181 -24.90 -1.50 -28.70
CA THR B 181 -26.13 -1.01 -29.28
C THR B 181 -26.43 -1.58 -30.67
N LEU B 182 -25.38 -1.87 -31.44
CA LEU B 182 -25.54 -2.39 -32.79
C LEU B 182 -25.00 -3.82 -32.93
N ALA B 183 -24.61 -4.43 -31.80
CA ALA B 183 -24.07 -5.79 -31.85
C ALA B 183 -25.20 -6.79 -32.14
N ASP B 184 -24.79 -7.99 -32.51
CA ASP B 184 -25.73 -9.06 -32.78
C ASP B 184 -25.90 -9.85 -31.48
N GLY B 185 -26.93 -9.55 -30.71
CA GLY B 185 -27.19 -10.25 -29.47
C GLY B 185 -27.37 -9.37 -28.26
N VAL B 186 -27.38 -10.02 -27.09
CA VAL B 186 -27.57 -9.35 -25.81
C VAL B 186 -26.24 -9.20 -25.08
N THR B 187 -25.92 -7.99 -24.66
CA THR B 187 -24.69 -7.74 -23.90
C THR B 187 -25.06 -7.38 -22.46
N VAL B 188 -24.49 -8.11 -21.50
CA VAL B 188 -24.74 -7.84 -20.09
C VAL B 188 -23.41 -7.42 -19.46
N ILE B 189 -23.40 -6.22 -18.91
CA ILE B 189 -22.21 -5.65 -18.26
C ILE B 189 -22.47 -5.71 -16.76
N GLU B 190 -21.77 -6.62 -16.09
CA GLU B 190 -21.89 -6.79 -14.64
C GLU B 190 -20.80 -5.96 -13.97
N ASN B 191 -21.14 -5.39 -12.82
CA ASN B 191 -20.28 -4.46 -12.06
C ASN B 191 -19.98 -3.23 -12.94
N ALA B 192 -21.02 -2.73 -13.60
CA ALA B 192 -20.89 -1.58 -14.49
C ALA B 192 -20.78 -0.28 -13.72
N ALA B 193 -20.19 0.73 -14.36
CA ALA B 193 -20.14 2.06 -13.78
C ALA B 193 -21.59 2.53 -13.65
N ARG B 194 -21.86 3.21 -12.53
CA ARG B 194 -23.20 3.67 -12.20
C ARG B 194 -23.34 5.18 -12.26
N GLU B 195 -22.27 5.89 -12.65
CA GLU B 195 -22.27 7.35 -12.68
C GLU B 195 -23.47 7.95 -13.42
N PRO B 196 -23.94 9.15 -12.99
CA PRO B 196 -25.04 9.82 -13.67
C PRO B 196 -24.81 10.02 -15.17
N GLU B 197 -23.56 10.15 -15.59
CA GLU B 197 -23.22 10.30 -17.01
C GLU B 197 -23.53 9.02 -17.78
N ILE B 198 -23.38 7.86 -17.13
CA ILE B 198 -23.74 6.58 -17.71
C ILE B 198 -25.25 6.56 -17.98
N VAL B 199 -26.04 7.04 -17.01
CA VAL B 199 -27.48 7.10 -17.14
C VAL B 199 -27.88 8.03 -18.30
N ASP B 200 -27.24 9.21 -18.37
CA ASP B 200 -27.59 10.15 -19.41
C ASP B 200 -27.21 9.59 -20.79
N LEU B 201 -26.11 8.84 -20.87
CA LEU B 201 -25.71 8.20 -22.13
C LEU B 201 -26.77 7.17 -22.55
N ALA B 202 -27.22 6.36 -21.59
CA ALA B 202 -28.25 5.35 -21.85
C ALA B 202 -29.55 6.02 -22.36
N ILE B 203 -29.90 7.16 -21.77
CA ILE B 203 -31.08 7.91 -22.20
C ILE B 203 -30.97 8.33 -23.67
N LEU B 204 -29.82 8.87 -24.04
CA LEU B 204 -29.59 9.26 -25.43
C LEU B 204 -29.68 8.05 -26.35
N LEU B 205 -28.98 6.97 -25.99
CA LEU B 205 -28.98 5.77 -26.83
C LEU B 205 -30.41 5.23 -27.05
N ASN B 206 -31.21 5.18 -25.99
CA ASN B 206 -32.61 4.73 -26.10
C ASN B 206 -33.45 5.68 -26.98
N GLU B 207 -33.20 6.99 -26.89
CA GLU B 207 -33.89 7.97 -27.71
C GLU B 207 -33.44 7.86 -29.20
N MET B 208 -32.27 7.25 -29.41
CA MET B 208 -31.69 7.01 -30.73
C MET B 208 -32.19 5.67 -31.34
N GLY B 209 -32.98 4.90 -30.58
CA GLY B 209 -33.52 3.62 -31.03
C GLY B 209 -32.88 2.40 -30.41
N ALA B 210 -31.98 2.59 -29.45
CA ALA B 210 -31.31 1.45 -28.81
C ALA B 210 -32.18 0.81 -27.74
N LYS B 211 -31.69 -0.30 -27.20
CA LYS B 211 -32.39 -1.04 -26.15
C LYS B 211 -31.41 -1.28 -25.01
N VAL B 212 -31.20 -0.20 -24.24
CA VAL B 212 -30.30 -0.16 -23.09
C VAL B 212 -31.14 -0.11 -21.82
N LYS B 213 -30.88 -1.04 -20.92
CA LYS B 213 -31.63 -1.13 -19.67
C LYS B 213 -30.73 -1.36 -18.47
N GLY B 214 -31.16 -0.88 -17.30
CA GLY B 214 -30.41 -1.05 -16.05
C GLY B 214 -29.33 0.00 -15.79
N ALA B 215 -29.30 1.06 -16.60
CA ALA B 215 -28.30 2.10 -16.41
C ALA B 215 -28.52 2.76 -15.06
N GLY B 216 -27.46 2.90 -14.28
CA GLY B 216 -27.56 3.44 -12.93
C GLY B 216 -27.40 2.32 -11.92
N THR B 217 -27.58 1.06 -12.38
CA THR B 217 -27.46 -0.12 -11.52
C THR B 217 -26.17 -0.84 -11.84
N GLU B 218 -25.86 -1.87 -11.05
CA GLU B 218 -24.63 -2.63 -11.23
C GLU B 218 -24.64 -3.50 -12.48
N THR B 219 -25.81 -3.68 -13.10
CA THR B 219 -25.93 -4.49 -14.31
C THR B 219 -26.66 -3.78 -15.43
N ILE B 220 -25.98 -3.61 -16.56
CA ILE B 220 -26.57 -2.99 -17.73
C ILE B 220 -26.77 -4.06 -18.79
N THR B 221 -27.98 -4.11 -19.34
CA THR B 221 -28.31 -5.09 -20.38
C THR B 221 -28.65 -4.35 -21.67
N ILE B 222 -27.91 -4.65 -22.74
CA ILE B 222 -28.16 -4.04 -24.04
C ILE B 222 -28.53 -5.13 -25.05
N THR B 223 -29.66 -4.93 -25.74
CA THR B 223 -30.09 -5.82 -26.82
C THR B 223 -29.80 -5.05 -28.10
N GLY B 224 -28.94 -5.63 -28.93
CA GLY B 224 -28.51 -4.96 -30.15
C GLY B 224 -29.62 -4.80 -31.16
N VAL B 225 -29.61 -3.68 -31.88
CA VAL B 225 -30.57 -3.41 -32.95
C VAL B 225 -29.78 -3.21 -34.23
N GLU B 226 -30.48 -3.13 -35.37
CA GLU B 226 -29.84 -2.97 -36.66
C GLU B 226 -29.22 -1.59 -36.90
N LYS B 227 -29.91 -0.54 -36.47
CA LYS B 227 -29.42 0.82 -36.70
C LYS B 227 -29.98 1.82 -35.70
N LEU B 228 -29.30 2.95 -35.58
CA LEU B 228 -29.74 4.01 -34.69
C LEU B 228 -29.98 5.25 -35.51
N HIS B 229 -30.84 6.12 -34.96
CA HIS B 229 -31.23 7.35 -35.64
C HIS B 229 -30.95 8.57 -34.79
N GLY B 230 -30.90 9.72 -35.46
CA GLY B 230 -30.68 11.00 -34.81
C GLY B 230 -31.82 11.38 -33.90
N THR B 231 -31.54 12.27 -32.95
CA THR B 231 -32.52 12.74 -31.99
C THR B 231 -31.98 14.01 -31.36
N THR B 232 -32.78 14.63 -30.49
CA THR B 232 -32.36 15.84 -29.79
C THR B 232 -32.30 15.53 -28.29
N HIS B 233 -31.14 15.79 -27.68
CA HIS B 233 -30.93 15.47 -26.28
C HIS B 233 -30.39 16.65 -25.47
N ASN B 234 -31.00 16.87 -24.31
CA ASN B 234 -30.62 17.95 -23.42
C ASN B 234 -29.61 17.36 -22.42
N VAL B 235 -28.37 17.82 -22.48
CA VAL B 235 -27.30 17.30 -21.60
C VAL B 235 -27.61 17.55 -20.12
N VAL B 236 -27.47 16.51 -19.30
CA VAL B 236 -27.63 16.59 -17.87
C VAL B 236 -26.70 17.67 -17.24
N GLN B 237 -27.13 18.30 -16.16
CA GLN B 237 -26.34 19.31 -15.46
C GLN B 237 -25.02 18.72 -14.94
N ASP B 238 -23.98 19.53 -14.97
CA ASP B 238 -22.65 19.14 -14.47
C ASP B 238 -22.67 19.08 -12.94
N ARG B 239 -22.74 17.86 -12.40
CA ARG B 239 -22.81 17.64 -10.96
C ARG B 239 -21.52 18.07 -10.21
N ILE B 240 -20.39 18.05 -10.92
CA ILE B 240 -19.13 18.45 -10.34
C ILE B 240 -19.03 19.98 -10.23
N GLU B 241 -19.49 20.69 -11.26
CA GLU B 241 -19.52 22.14 -11.18
C GLU B 241 -20.52 22.52 -10.04
N ALA B 242 -21.67 21.86 -10.01
CA ALA B 242 -22.66 22.08 -8.94
C ALA B 242 -22.02 21.86 -7.58
N GLY B 243 -21.36 20.71 -7.42
CA GLY B 243 -20.69 20.39 -6.17
C GLY B 243 -19.57 21.37 -5.81
N THR B 244 -18.89 21.91 -6.83
CA THR B 244 -17.83 22.88 -6.63
C THR B 244 -18.40 24.15 -5.98
N PHE B 245 -19.55 24.62 -6.46
CA PHE B 245 -20.19 25.80 -5.84
C PHE B 245 -20.77 25.48 -4.46
N MET B 246 -21.23 24.25 -4.26
CA MET B 246 -21.67 23.86 -2.93
C MET B 246 -20.49 23.99 -1.94
N VAL B 247 -19.33 23.48 -2.36
CA VAL B 247 -18.12 23.56 -1.53
C VAL B 247 -17.69 25.02 -1.29
N ALA B 248 -17.74 25.82 -2.35
CA ALA B 248 -17.34 27.22 -2.25
C ALA B 248 -18.18 27.97 -1.20
N ALA B 249 -19.50 27.74 -1.25
CA ALA B 249 -20.42 28.36 -0.32
C ALA B 249 -20.08 27.95 1.11
N ALA B 250 -19.78 26.66 1.26
CA ALA B 250 -19.46 26.11 2.57
C ALA B 250 -18.18 26.73 3.18
N MET B 251 -17.14 26.83 2.37
CA MET B 251 -15.83 27.34 2.82
C MET B 251 -15.81 28.82 3.18
N THR B 252 -16.73 29.57 2.59
CA THR B 252 -16.79 31.03 2.79
C THR B 252 -17.93 31.50 3.71
N GLY B 253 -18.59 30.56 4.41
CA GLY B 253 -19.71 30.90 5.30
C GLY B 253 -20.86 31.55 4.53
N GLY B 254 -21.07 31.08 3.32
CA GLY B 254 -22.03 31.66 2.43
C GLY B 254 -23.42 31.09 2.48
N ASP B 255 -24.19 31.51 1.48
CA ASP B 255 -25.59 31.15 1.34
C ASP B 255 -25.88 31.18 -0.15
N VAL B 256 -25.67 30.05 -0.79
CA VAL B 256 -25.81 29.96 -2.26
C VAL B 256 -26.86 28.95 -2.71
N LEU B 257 -27.64 29.36 -3.72
CA LEU B 257 -28.64 28.51 -4.34
C LEU B 257 -28.07 28.01 -5.67
N ILE B 258 -27.85 26.70 -5.76
CA ILE B 258 -27.36 26.08 -6.99
C ILE B 258 -28.62 25.72 -7.78
N ARG B 259 -28.90 26.48 -8.85
CA ARG B 259 -30.11 26.27 -9.63
C ARG B 259 -30.23 24.89 -10.25
N ASP B 260 -31.41 24.28 -10.04
CA ASP B 260 -31.78 22.99 -10.65
C ASP B 260 -30.85 21.82 -10.32
N ALA B 261 -30.04 21.95 -9.27
CA ALA B 261 -29.14 20.87 -8.88
C ALA B 261 -29.95 19.63 -8.51
N VAL B 262 -29.42 18.47 -8.88
CA VAL B 262 -30.06 17.18 -8.64
C VAL B 262 -29.49 16.57 -7.37
N TRP B 263 -30.32 16.45 -6.35
CA TRP B 263 -29.91 15.92 -5.06
C TRP B 263 -29.27 14.54 -5.21
N GLU B 264 -29.93 13.69 -5.99
CA GLU B 264 -29.48 12.31 -6.25
C GLU B 264 -28.11 12.22 -6.90
N HIS B 265 -27.67 13.26 -7.62
CA HIS B 265 -26.37 13.26 -8.25
C HIS B 265 -25.22 13.70 -7.32
N ASN B 266 -25.53 14.21 -6.13
CA ASN B 266 -24.51 14.64 -5.16
C ASN B 266 -24.80 14.16 -3.73
N ARG B 267 -25.34 12.93 -3.63
CA ARG B 267 -25.66 12.35 -2.33
C ARG B 267 -24.49 12.27 -1.35
N PRO B 268 -23.37 11.66 -1.77
CA PRO B 268 -22.23 11.55 -0.84
C PRO B 268 -21.56 12.89 -0.51
N LEU B 269 -21.53 13.84 -1.45
CA LEU B 269 -20.97 15.16 -1.16
C LEU B 269 -21.86 15.83 -0.11
N ILE B 270 -23.16 15.80 -0.35
CA ILE B 270 -24.12 16.44 0.54
C ILE B 270 -24.09 15.81 1.93
N ALA B 271 -23.99 14.48 1.99
CA ALA B 271 -23.93 13.78 3.27
C ALA B 271 -22.68 14.21 4.07
N LYS B 272 -21.57 14.46 3.36
CA LYS B 272 -20.34 14.90 4.03
C LYS B 272 -20.42 16.38 4.41
N LEU B 273 -21.07 17.20 3.58
CA LEU B 273 -21.29 18.60 3.93
C LEU B 273 -22.18 18.66 5.19
N LEU B 274 -23.24 17.84 5.22
CA LEU B 274 -24.13 17.78 6.38
C LEU B 274 -23.39 17.34 7.64
N GLU B 275 -22.58 16.29 7.52
CA GLU B 275 -21.81 15.77 8.65
C GLU B 275 -20.84 16.82 9.20
N MET B 276 -20.28 17.62 8.30
CA MET B 276 -19.35 18.70 8.67
C MET B 276 -20.03 19.81 9.46
N GLY B 277 -21.32 20.00 9.25
CA GLY B 277 -22.09 21.05 9.93
C GLY B 277 -22.64 22.10 8.99
N VAL B 278 -22.52 21.84 7.69
CA VAL B 278 -23.07 22.73 6.66
C VAL B 278 -24.55 22.38 6.55
N GLU B 279 -25.37 23.37 6.19
CA GLU B 279 -26.79 23.18 5.95
C GLU B 279 -26.98 23.03 4.45
N VAL B 280 -27.71 21.98 4.05
CA VAL B 280 -28.02 21.73 2.65
C VAL B 280 -29.52 21.52 2.57
N ILE B 281 -30.20 22.40 1.85
CA ILE B 281 -31.66 22.37 1.80
C ILE B 281 -32.16 22.33 0.38
N GLU B 282 -33.09 21.42 0.11
CA GLU B 282 -33.67 21.35 -1.23
C GLU B 282 -34.85 22.31 -1.32
N GLU B 283 -34.82 23.19 -2.31
CA GLU B 283 -35.86 24.17 -2.52
C GLU B 283 -36.41 24.01 -3.91
N ASP B 284 -37.50 24.73 -4.20
CA ASP B 284 -38.15 24.69 -5.51
C ASP B 284 -37.22 25.06 -6.65
N GLU B 285 -36.34 26.05 -6.42
CA GLU B 285 -35.45 26.52 -7.48
C GLU B 285 -34.10 25.77 -7.59
N GLY B 286 -33.80 24.89 -6.64
CA GLY B 286 -32.51 24.20 -6.61
C GLY B 286 -32.10 23.76 -5.21
N ILE B 287 -30.79 23.58 -5.02
CA ILE B 287 -30.25 23.16 -3.72
C ILE B 287 -29.53 24.34 -3.10
N ARG B 288 -29.88 24.66 -1.85
CA ARG B 288 -29.28 25.79 -1.13
C ARG B 288 -28.25 25.28 -0.15
N VAL B 289 -27.09 25.92 -0.14
CA VAL B 289 -26.04 25.58 0.80
C VAL B 289 -25.77 26.81 1.65
N ARG B 290 -25.87 26.65 2.98
CA ARG B 290 -25.61 27.74 3.93
C ARG B 290 -24.62 27.23 4.95
N SER B 291 -23.70 28.10 5.35
CA SER B 291 -22.67 27.69 6.30
C SER B 291 -22.33 28.80 7.31
N GLN B 292 -22.15 28.38 8.56
CA GLN B 292 -21.68 29.21 9.64
C GLN B 292 -20.32 28.62 9.90
N LEU B 293 -19.28 29.39 9.55
CA LEU B 293 -17.90 28.93 9.71
C LEU B 293 -17.55 28.26 11.03
N GLU B 294 -18.01 28.83 12.13
CA GLU B 294 -17.69 28.30 13.46
C GLU B 294 -18.28 26.90 13.76
N ASN B 295 -19.21 26.42 12.94
CA ASN B 295 -19.81 25.08 13.15
C ASN B 295 -19.13 23.98 12.32
N LEU B 296 -18.23 24.34 11.41
CA LEU B 296 -17.59 23.35 10.53
C LEU B 296 -16.62 22.44 11.29
N LYS B 297 -16.86 21.15 11.19
CA LYS B 297 -16.07 20.14 11.89
C LYS B 297 -15.43 19.22 10.84
N ALA B 298 -14.20 18.80 11.14
CA ALA B 298 -13.46 17.90 10.28
C ALA B 298 -14.21 16.57 10.04
N VAL B 299 -13.95 15.97 8.89
CA VAL B 299 -14.58 14.72 8.51
C VAL B 299 -13.59 13.80 7.80
N HIS B 300 -14.00 12.54 7.70
CA HIS B 300 -13.28 11.52 6.97
C HIS B 300 -14.03 11.33 5.65
N VAL B 301 -13.30 11.28 4.54
CA VAL B 301 -13.88 11.04 3.21
C VAL B 301 -13.03 10.02 2.46
N LYS B 302 -13.69 9.12 1.74
CA LYS B 302 -13.04 8.11 0.93
C LYS B 302 -13.70 8.15 -0.44
N THR B 303 -12.92 8.48 -1.49
CA THR B 303 -13.48 8.48 -2.84
C THR B 303 -13.76 7.03 -3.26
N LEU B 304 -14.86 6.83 -3.97
CA LEU B 304 -15.26 5.53 -4.47
C LEU B 304 -16.06 5.71 -5.75
N PRO B 305 -16.22 4.64 -6.54
CA PRO B 305 -17.08 4.72 -7.72
C PRO B 305 -18.49 5.09 -7.30
N HIS B 306 -19.22 5.81 -8.14
CA HIS B 306 -20.59 6.18 -7.80
C HIS B 306 -21.35 4.87 -7.41
N PRO B 307 -22.29 4.91 -6.45
CA PRO B 307 -22.76 6.09 -5.72
C PRO B 307 -21.91 6.61 -4.53
N GLY B 308 -20.67 6.14 -4.40
CA GLY B 308 -19.76 6.63 -3.37
C GLY B 308 -19.26 8.03 -3.72
N PHE B 309 -18.48 8.61 -2.82
CA PHE B 309 -17.96 9.98 -2.97
C PHE B 309 -17.12 10.11 -4.25
N PRO B 310 -17.47 11.07 -5.14
CA PRO B 310 -16.74 11.19 -6.41
C PRO B 310 -15.32 11.75 -6.30
N THR B 311 -14.39 11.10 -7.00
CA THR B 311 -13.01 11.58 -7.05
C THR B 311 -12.95 12.97 -7.64
N ASP B 312 -13.92 13.30 -8.50
CA ASP B 312 -13.96 14.62 -9.14
C ASP B 312 -14.35 15.76 -8.18
N MET B 313 -14.79 15.43 -6.98
CA MET B 313 -15.03 16.43 -5.93
C MET B 313 -13.91 16.43 -4.87
N GLN B 314 -12.93 15.54 -5.01
CA GLN B 314 -11.90 15.39 -3.99
C GLN B 314 -11.04 16.63 -3.72
N ALA B 315 -10.42 17.18 -4.75
CA ALA B 315 -9.55 18.32 -4.57
C ALA B 315 -10.29 19.49 -3.95
N GLN B 316 -11.47 19.78 -4.48
CA GLN B 316 -12.27 20.90 -3.99
C GLN B 316 -12.64 20.65 -2.54
N PHE B 317 -12.99 19.41 -2.21
CA PHE B 317 -13.39 19.12 -0.85
C PHE B 317 -12.21 19.28 0.12
N THR B 318 -10.97 18.98 -0.32
CA THR B 318 -9.80 19.17 0.54
C THR B 318 -9.60 20.64 0.88
N ALA B 319 -9.98 21.53 -0.04
CA ALA B 319 -9.86 22.97 0.23
C ALA B 319 -10.80 23.31 1.39
N LEU B 320 -12.01 22.76 1.36
CA LEU B 320 -12.98 22.96 2.45
C LEU B 320 -12.45 22.42 3.76
N MET B 321 -11.73 21.30 3.70
CA MET B 321 -11.15 20.73 4.90
C MET B 321 -10.15 21.67 5.58
N THR B 322 -9.57 22.61 4.84
CA THR B 322 -8.62 23.57 5.44
C THR B 322 -9.29 24.56 6.39
N VAL B 323 -10.62 24.74 6.24
CA VAL B 323 -11.36 25.70 7.09
C VAL B 323 -12.17 25.07 8.22
N ALA B 324 -12.37 23.78 8.21
CA ALA B 324 -13.10 23.10 9.29
C ALA B 324 -12.24 22.98 10.56
N LYS B 325 -12.85 22.73 11.70
CA LYS B 325 -12.11 22.59 12.94
C LYS B 325 -11.77 21.11 13.15
N GLY B 326 -10.50 20.82 13.38
CA GLY B 326 -10.04 19.45 13.62
C GLY B 326 -9.23 18.88 12.45
N GLU B 327 -8.92 17.60 12.54
CA GLU B 327 -8.14 16.91 11.52
C GLU B 327 -9.04 16.10 10.61
N SER B 328 -9.08 16.49 9.34
CA SER B 328 -9.84 15.76 8.32
C SER B 328 -8.94 14.74 7.66
N THR B 329 -9.54 13.73 7.05
CA THR B 329 -8.80 12.72 6.32
C THR B 329 -9.46 12.51 4.97
N MET B 330 -8.65 12.56 3.91
CA MET B 330 -9.13 12.29 2.55
C MET B 330 -8.38 11.10 1.99
N VAL B 331 -9.13 10.06 1.65
CA VAL B 331 -8.58 8.83 1.06
C VAL B 331 -9.03 8.81 -0.41
N GLU B 332 -8.07 8.90 -1.32
CA GLU B 332 -8.34 8.89 -2.76
C GLU B 332 -8.03 7.49 -3.30
N THR B 333 -9.06 6.70 -3.61
CA THR B 333 -8.86 5.32 -4.10
C THR B 333 -8.94 5.14 -5.63
N VAL B 334 -9.44 6.15 -6.34
CA VAL B 334 -9.68 6.02 -7.76
C VAL B 334 -8.44 6.26 -8.60
N PHE B 335 -7.69 7.32 -8.29
CA PHE B 335 -6.48 7.66 -9.01
C PHE B 335 -5.34 7.68 -8.00
N GLU B 336 -4.15 7.30 -8.45
CA GLU B 336 -2.99 7.18 -7.59
C GLU B 336 -2.21 8.46 -7.27
N ASN B 337 -2.32 9.48 -8.12
CA ASN B 337 -1.57 10.69 -7.94
C ASN B 337 -2.44 11.93 -8.08
N ARG B 338 -3.48 12.03 -7.25
CA ARG B 338 -4.41 13.16 -7.35
C ARG B 338 -4.43 14.04 -6.10
N PHE B 339 -3.26 14.23 -5.50
CA PHE B 339 -3.09 15.14 -4.36
C PHE B 339 -2.08 16.22 -4.69
N GLN B 340 -1.80 16.44 -5.98
CA GLN B 340 -0.79 17.43 -6.36
C GLN B 340 -1.15 18.84 -5.98
N HIS B 341 -2.44 19.16 -5.91
CA HIS B 341 -2.86 20.50 -5.48
C HIS B 341 -2.42 20.81 -4.05
N LEU B 342 -2.31 19.79 -3.20
CA LEU B 342 -1.87 20.00 -1.80
C LEU B 342 -0.40 20.41 -1.74
N GLU B 343 0.38 19.97 -2.72
CA GLU B 343 1.79 20.34 -2.82
C GLU B 343 1.87 21.83 -3.14
N GLU B 344 1.02 22.30 -4.05
CA GLU B 344 0.92 23.72 -4.37
C GLU B 344 0.39 24.52 -3.18
N MET B 345 -0.61 23.98 -2.49
CA MET B 345 -1.20 24.67 -1.34
C MET B 345 -0.20 24.85 -0.18
N ARG B 346 0.90 24.08 -0.20
CA ARG B 346 1.97 24.27 0.78
C ARG B 346 2.52 25.68 0.62
N ARG B 347 2.52 26.18 -0.61
CA ARG B 347 2.97 27.54 -0.91
C ARG B 347 2.09 28.60 -0.26
N MET B 348 0.85 28.23 0.06
CA MET B 348 -0.08 29.14 0.73
C MET B 348 -0.05 28.94 2.26
N GLY B 349 0.90 28.13 2.72
CA GLY B 349 1.07 27.87 4.15
C GLY B 349 0.37 26.65 4.68
N LEU B 350 -0.24 25.84 3.81
CA LEU B 350 -0.96 24.68 4.26
C LEU B 350 -0.07 23.47 4.48
N HIS B 351 -0.07 22.95 5.71
N HIS B 351 -0.06 22.96 5.71
CA HIS B 351 0.66 21.74 6.04
CA HIS B 351 0.65 21.75 6.05
C HIS B 351 -0.32 20.60 5.97
C HIS B 351 -0.33 20.59 5.97
N SER B 352 0.06 19.55 5.23
CA SER B 352 -0.75 18.35 5.10
C SER B 352 0.22 17.17 5.20
N GLU B 353 -0.30 16.04 5.65
CA GLU B 353 0.45 14.81 5.75
C GLU B 353 -0.15 13.83 4.73
N ILE B 354 0.61 13.54 3.68
CA ILE B 354 0.20 12.63 2.60
C ILE B 354 0.97 11.30 2.66
N ILE B 355 0.24 10.22 2.87
CA ILE B 355 0.80 8.85 2.94
C ILE B 355 0.15 8.12 1.76
N ARG B 356 0.74 8.26 0.57
CA ARG B 356 0.22 7.70 -0.70
C ARG B 356 -1.24 8.08 -1.06
N ASP B 357 -2.22 7.26 -0.64
CA ASP B 357 -3.62 7.51 -0.96
C ASP B 357 -4.39 8.23 0.14
N THR B 358 -3.73 8.52 1.26
CA THR B 358 -4.38 9.16 2.40
C THR B 358 -3.75 10.51 2.74
N ALA B 359 -4.58 11.55 2.82
CA ALA B 359 -4.12 12.89 3.14
C ALA B 359 -4.79 13.36 4.41
N ARG B 360 -4.00 13.84 5.36
CA ARG B 360 -4.52 14.39 6.59
C ARG B 360 -4.35 15.88 6.53
N ILE B 361 -5.40 16.62 6.84
CA ILE B 361 -5.40 18.08 6.82
C ILE B 361 -6.03 18.61 8.11
N VAL B 362 -5.21 19.30 8.92
CA VAL B 362 -5.67 19.95 10.13
C VAL B 362 -6.29 21.29 9.73
N GLY B 363 -7.52 21.52 10.09
CA GLY B 363 -8.20 22.75 9.73
C GLY B 363 -7.74 23.96 10.55
N GLY B 364 -8.09 25.15 10.07
CA GLY B 364 -7.80 26.38 10.77
C GLY B 364 -6.40 26.98 10.65
N GLN B 365 -5.57 26.44 9.78
CA GLN B 365 -4.23 27.00 9.62
C GLN B 365 -4.37 28.36 8.93
N PRO B 366 -3.49 29.32 9.27
CA PRO B 366 -3.56 30.65 8.66
C PRO B 366 -2.88 30.65 7.29
N LEU B 367 -3.71 30.67 6.24
CA LEU B 367 -3.20 30.59 4.90
C LEU B 367 -2.99 31.98 4.32
N GLN B 368 -2.01 32.09 3.43
CA GLN B 368 -1.70 33.33 2.75
C GLN B 368 -1.69 33.13 1.24
N GLY B 369 -2.06 34.17 0.51
CA GLY B 369 -2.06 34.14 -0.92
C GLY B 369 -0.65 33.95 -1.50
N ALA B 370 -0.57 33.24 -2.61
CA ALA B 370 0.70 33.01 -3.27
C ALA B 370 0.46 32.65 -4.71
N GLU B 371 1.53 32.71 -5.48
CA GLU B 371 1.51 32.34 -6.87
C GLU B 371 1.56 30.80 -6.93
N VAL B 372 0.51 30.21 -7.53
CA VAL B 372 0.41 28.75 -7.65
C VAL B 372 0.09 28.32 -9.07
N LEU B 373 0.36 27.04 -9.34
CA LEU B 373 0.15 26.45 -10.67
C LEU B 373 -0.79 25.28 -10.60
N SER B 374 -1.83 25.34 -11.44
CA SER B 374 -2.79 24.27 -11.58
C SER B 374 -2.08 23.03 -12.14
N THR B 375 -2.44 21.86 -11.60
CA THR B 375 -1.85 20.60 -12.06
C THR B 375 -2.81 19.77 -12.92
N ASP B 376 -4.10 20.01 -12.74
CA ASP B 376 -5.16 19.31 -13.47
C ASP B 376 -6.46 20.10 -13.30
N LEU B 377 -7.49 19.68 -14.01
CA LEU B 377 -8.78 20.38 -13.99
C LEU B 377 -9.37 20.70 -12.61
N ARG B 378 -9.66 19.69 -11.81
CA ARG B 378 -10.28 19.91 -10.51
C ARG B 378 -9.34 20.57 -9.51
N ALA B 379 -8.04 20.30 -9.64
CA ALA B 379 -7.03 20.92 -8.79
C ALA B 379 -7.03 22.43 -9.00
N SER B 380 -7.22 22.84 -10.25
CA SER B 380 -7.25 24.26 -10.57
C SER B 380 -8.38 24.95 -9.77
N ALA B 381 -9.55 24.33 -9.78
CA ALA B 381 -10.68 24.86 -9.05
C ALA B 381 -10.38 24.90 -7.54
N ALA B 382 -9.74 23.86 -7.04
CA ALA B 382 -9.40 23.79 -5.62
C ALA B 382 -8.47 24.93 -5.20
N LEU B 383 -7.51 25.27 -6.05
CA LEU B 383 -6.57 26.36 -5.74
C LEU B 383 -7.28 27.71 -5.71
N ILE B 384 -8.20 27.90 -6.65
CA ILE B 384 -8.98 29.14 -6.74
C ILE B 384 -9.86 29.29 -5.52
N LEU B 385 -10.48 28.20 -5.09
CA LEU B 385 -11.33 28.24 -3.90
C LEU B 385 -10.50 28.55 -2.67
N THR B 386 -9.30 27.96 -2.58
CA THR B 386 -8.42 28.22 -1.45
C THR B 386 -8.02 29.70 -1.44
N GLY B 387 -7.82 30.28 -2.62
CA GLY B 387 -7.49 31.70 -2.74
C GLY B 387 -8.52 32.61 -2.11
N LEU B 388 -9.79 32.16 -2.11
CA LEU B 388 -10.89 32.95 -1.54
C LEU B 388 -10.78 33.12 -0.05
N VAL B 389 -10.27 32.10 0.64
CA VAL B 389 -10.16 32.12 2.08
C VAL B 389 -8.75 32.44 2.61
N ALA B 390 -7.74 32.44 1.75
CA ALA B 390 -6.38 32.81 2.19
C ALA B 390 -6.28 34.32 2.35
N GLN B 391 -5.38 34.79 3.19
CA GLN B 391 -5.15 36.23 3.38
C GLN B 391 -4.13 36.72 2.36
N GLY B 392 -4.52 37.71 1.56
CA GLY B 392 -3.63 38.28 0.57
C GLY B 392 -4.05 37.86 -0.83
N GLU B 393 -3.18 38.11 -1.79
CA GLU B 393 -3.45 37.81 -3.16
C GLU B 393 -2.95 36.43 -3.61
N THR B 394 -3.85 35.67 -4.24
CA THR B 394 -3.49 34.35 -4.80
C THR B 394 -3.55 34.51 -6.31
N VAL B 395 -2.54 33.97 -6.99
CA VAL B 395 -2.47 34.05 -8.44
C VAL B 395 -2.36 32.61 -8.96
N VAL B 396 -3.43 32.15 -9.63
CA VAL B 396 -3.51 30.79 -10.15
C VAL B 396 -3.20 30.75 -11.64
N GLY B 397 -2.15 30.01 -11.98
CA GLY B 397 -1.69 29.84 -13.37
C GLY B 397 -1.96 28.46 -13.93
N LYS B 398 -1.46 28.22 -15.15
CA LYS B 398 -1.70 26.99 -15.92
C LYS B 398 -3.19 26.75 -16.06
N LEU B 399 -3.90 27.78 -16.51
CA LEU B 399 -5.35 27.72 -16.68
C LEU B 399 -5.79 26.86 -17.85
N VAL B 400 -4.86 26.38 -18.66
CA VAL B 400 -5.20 25.40 -19.68
C VAL B 400 -5.99 24.26 -19.03
N HIS B 401 -5.60 23.85 -17.81
CA HIS B 401 -6.30 22.79 -17.10
C HIS B 401 -7.73 23.18 -16.75
N LEU B 402 -7.91 24.41 -16.25
CA LEU B 402 -9.23 24.90 -15.83
C LEU B 402 -10.23 24.97 -16.98
N ASP B 403 -9.75 25.48 -18.12
CA ASP B 403 -10.58 25.64 -19.31
C ASP B 403 -11.06 24.33 -19.91
N ARG B 404 -10.61 23.20 -19.40
CA ARG B 404 -11.07 21.91 -19.89
C ARG B 404 -12.45 21.57 -19.33
N GLY B 405 -12.78 22.11 -18.16
CA GLY B 405 -14.03 21.74 -17.46
C GLY B 405 -14.86 22.81 -16.75
N TYR B 406 -14.34 24.03 -16.67
CA TYR B 406 -15.09 25.13 -16.06
C TYR B 406 -15.19 26.29 -17.04
N TYR B 407 -16.43 26.74 -17.25
CA TYR B 407 -16.71 27.88 -18.09
C TYR B 407 -17.12 29.06 -17.20
N GLY B 408 -16.41 30.17 -17.33
CA GLY B 408 -16.73 31.41 -16.59
C GLY B 408 -16.73 31.27 -15.08
N PHE B 409 -15.81 30.45 -14.56
CA PHE B 409 -15.73 30.20 -13.12
C PHE B 409 -15.50 31.50 -12.33
N HIS B 410 -14.56 32.33 -12.81
CA HIS B 410 -14.26 33.61 -12.13
C HIS B 410 -15.47 34.56 -12.14
N GLU B 411 -16.20 34.56 -13.26
CA GLU B 411 -17.40 35.38 -13.45
C GLU B 411 -18.52 34.97 -12.47
N LYS B 412 -18.78 33.67 -12.39
CA LYS B 412 -19.81 33.15 -11.48
C LYS B 412 -19.49 33.43 -10.01
N LEU B 413 -18.21 33.29 -9.66
CA LEU B 413 -17.77 33.57 -8.29
C LEU B 413 -17.84 35.08 -8.00
N ALA B 414 -17.44 35.91 -8.97
CA ALA B 414 -17.51 37.37 -8.80
C ALA B 414 -18.98 37.81 -8.59
N GLN B 415 -19.90 37.21 -9.35
CA GLN B 415 -21.33 37.49 -9.23
C GLN B 415 -21.91 37.10 -7.85
N LEU B 416 -21.23 36.18 -7.16
CA LEU B 416 -21.64 35.76 -5.80
C LEU B 416 -20.97 36.61 -4.69
N GLY B 417 -20.11 37.56 -5.07
CA GLY B 417 -19.44 38.44 -4.12
C GLY B 417 -17.93 38.32 -3.95
N ALA B 418 -17.30 37.40 -4.66
CA ALA B 418 -15.86 37.21 -4.53
C ALA B 418 -15.03 38.24 -5.29
N LYS B 419 -13.90 38.63 -4.71
CA LYS B 419 -12.96 39.57 -5.35
C LYS B 419 -12.01 38.73 -6.19
N ILE B 420 -12.44 38.48 -7.42
CA ILE B 420 -11.71 37.63 -8.33
C ILE B 420 -11.77 38.18 -9.74
N GLN B 421 -10.64 38.08 -10.44
CA GLN B 421 -10.53 38.55 -11.81
C GLN B 421 -9.74 37.55 -12.64
N ARG B 422 -9.96 37.57 -13.94
CA ARG B 422 -9.14 36.78 -14.87
C ARG B 422 -8.42 37.80 -15.73
N ILE B 423 -7.10 37.86 -15.59
CA ILE B 423 -6.26 38.80 -16.34
C ILE B 423 -5.53 38.05 -17.45
N GLU B 424 -5.53 38.70 -18.61
CA GLU B 424 -5.02 38.14 -19.82
C GLU B 424 -3.65 38.69 -20.12
N ALA B 425 -3.07 38.10 -21.16
CA ALA B 425 -1.76 38.50 -21.67
C ALA B 425 -1.88 39.67 -22.66
N MET C 4 -6.70 -32.33 19.51
CA MET C 4 -8.02 -33.03 19.41
C MET C 4 -8.23 -33.66 18.01
N ASP C 5 -9.45 -33.64 17.46
CA ASP C 5 -9.72 -34.32 16.19
C ASP C 5 -8.96 -33.79 14.98
N LYS C 6 -8.79 -34.68 14.00
CA LYS C 6 -8.14 -34.34 12.74
C LYS C 6 -8.98 -34.89 11.61
N ILE C 7 -8.98 -34.19 10.48
CA ILE C 7 -9.70 -34.63 9.30
C ILE C 7 -8.64 -35.15 8.36
N VAL C 8 -8.83 -36.38 7.89
CA VAL C 8 -7.89 -37.06 7.01
C VAL C 8 -8.55 -37.25 5.65
N VAL C 9 -7.83 -36.83 4.61
CA VAL C 9 -8.33 -36.92 3.24
C VAL C 9 -7.35 -37.69 2.38
N GLN C 10 -7.84 -38.73 1.69
CA GLN C 10 -7.03 -39.49 0.74
C GLN C 10 -7.26 -38.77 -0.57
N GLY C 11 -6.24 -38.03 -1.01
CA GLY C 11 -6.34 -37.20 -2.19
C GLY C 11 -6.32 -37.92 -3.52
N GLY C 12 -6.96 -37.30 -4.52
CA GLY C 12 -7.07 -37.87 -5.85
C GLY C 12 -8.29 -38.76 -5.92
N ASP C 13 -8.88 -38.80 -7.10
CA ASP C 13 -10.08 -39.58 -7.37
C ASP C 13 -11.22 -39.30 -6.36
N ASN C 14 -11.52 -38.02 -6.14
CA ASN C 14 -12.58 -37.58 -5.25
C ASN C 14 -13.60 -36.74 -6.01
N ARG C 15 -14.01 -37.23 -7.19
CA ARG C 15 -15.05 -36.54 -7.95
C ARG C 15 -16.33 -36.55 -7.10
N LEU C 16 -16.87 -35.37 -6.84
CA LEU C 16 -18.06 -35.25 -6.00
C LEU C 16 -19.32 -35.32 -6.84
N VAL C 17 -20.22 -36.24 -6.46
CA VAL C 17 -21.46 -36.44 -7.20
C VAL C 17 -22.54 -36.72 -6.20
N GLY C 18 -23.69 -36.07 -6.36
CA GLY C 18 -24.82 -36.31 -5.45
C GLY C 18 -25.52 -35.03 -5.06
N SER C 19 -26.25 -35.14 -3.95
CA SER C 19 -27.03 -34.04 -3.42
C SER C 19 -26.61 -33.77 -1.99
N VAL C 20 -26.73 -32.50 -1.60
CA VAL C 20 -26.34 -32.09 -0.27
C VAL C 20 -27.33 -31.09 0.32
N THR C 21 -27.57 -31.25 1.61
CA THR C 21 -28.44 -30.38 2.39
C THR C 21 -27.53 -29.39 3.13
N ILE C 22 -27.92 -28.12 3.08
CA ILE C 22 -27.17 -27.02 3.65
C ILE C 22 -27.85 -26.54 4.93
N GLU C 23 -27.05 -26.21 5.93
CA GLU C 23 -27.58 -25.75 7.23
C GLU C 23 -28.07 -24.31 7.15
N GLY C 24 -28.77 -23.86 8.19
CA GLY C 24 -29.16 -22.45 8.31
C GLY C 24 -27.90 -21.62 8.49
N ALA C 25 -27.95 -20.37 8.02
CA ALA C 25 -26.79 -19.47 8.05
C ALA C 25 -26.32 -19.10 9.44
N LYS C 26 -25.07 -19.47 9.74
CA LYS C 26 -24.44 -19.10 11.00
C LYS C 26 -24.46 -17.58 11.16
N ASN C 27 -24.10 -16.89 10.09
CA ASN C 27 -24.02 -15.42 10.12
C ASN C 27 -25.36 -14.68 10.04
N ALA C 28 -26.45 -15.42 9.87
CA ALA C 28 -27.79 -14.84 9.97
C ALA C 28 -28.28 -15.12 11.39
N VAL C 29 -28.07 -16.34 11.86
CA VAL C 29 -28.56 -16.71 13.19
C VAL C 29 -27.95 -15.87 14.30
N LEU C 30 -26.67 -15.50 14.21
CA LEU C 30 -26.06 -14.69 15.26
C LEU C 30 -26.77 -13.34 15.45
N PRO C 31 -26.97 -12.55 14.38
CA PRO C 31 -27.70 -11.31 14.58
C PRO C 31 -29.20 -11.53 14.83
N LEU C 32 -29.78 -12.60 14.31
CA LEU C 32 -31.20 -12.88 14.57
C LEU C 32 -31.40 -13.16 16.07
N LEU C 33 -30.43 -13.84 16.68
CA LEU C 33 -30.47 -14.12 18.11
C LEU C 33 -30.37 -12.82 18.90
N ALA C 34 -29.50 -11.91 18.46
CA ALA C 34 -29.37 -10.61 19.10
C ALA C 34 -30.70 -9.87 19.07
N ALA C 35 -31.38 -9.91 17.92
CA ALA C 35 -32.68 -9.26 17.73
C ALA C 35 -33.78 -9.74 18.68
N THR C 36 -33.71 -10.98 19.17
CA THR C 36 -34.75 -11.50 20.09
C THR C 36 -34.91 -10.69 21.37
N ILE C 37 -33.83 -10.00 21.75
CA ILE C 37 -33.78 -9.10 22.91
C ILE C 37 -34.78 -7.96 22.76
N LEU C 38 -35.12 -7.62 21.53
CA LEU C 38 -36.06 -6.53 21.24
C LEU C 38 -37.51 -6.81 21.61
N ALA C 39 -37.89 -8.08 21.69
CA ALA C 39 -39.28 -8.47 21.96
C ALA C 39 -39.63 -8.49 23.45
N SER C 40 -40.28 -7.41 23.91
CA SER C 40 -40.73 -7.26 25.29
C SER C 40 -42.05 -8.01 25.56
N GLU C 41 -42.69 -8.47 24.49
CA GLU C 41 -43.96 -9.21 24.59
C GLU C 41 -43.88 -10.46 23.70
N GLY C 42 -44.30 -11.60 24.24
CA GLY C 42 -44.26 -12.87 23.51
C GLY C 42 -42.86 -13.47 23.50
N LYS C 43 -42.70 -14.55 22.76
CA LYS C 43 -41.43 -15.26 22.65
C LYS C 43 -41.03 -15.42 21.18
N THR C 44 -39.73 -15.39 20.93
CA THR C 44 -39.22 -15.53 19.56
C THR C 44 -38.70 -16.92 19.37
N VAL C 45 -39.08 -17.53 18.24
CA VAL C 45 -38.63 -18.87 17.88
C VAL C 45 -37.90 -18.82 16.53
N LEU C 46 -36.65 -19.27 16.54
CA LEU C 46 -35.84 -19.33 15.32
C LEU C 46 -35.74 -20.79 14.91
N GLN C 47 -36.10 -21.06 13.64
CA GLN C 47 -36.05 -22.40 13.07
C GLN C 47 -34.87 -22.48 12.10
N ASN C 48 -34.40 -23.70 11.85
CA ASN C 48 -33.28 -24.01 10.93
C ASN C 48 -31.96 -23.47 11.52
N VAL C 49 -31.78 -23.69 12.82
CA VAL C 49 -30.59 -23.23 13.53
C VAL C 49 -29.53 -24.31 13.49
N PRO C 50 -28.33 -24.00 12.97
CA PRO C 50 -27.28 -25.01 12.91
C PRO C 50 -26.60 -25.22 14.25
N ILE C 51 -26.08 -26.42 14.44
CA ILE C 51 -25.36 -26.80 15.65
C ILE C 51 -23.87 -26.48 15.44
N LEU C 52 -23.47 -25.26 15.85
CA LEU C 52 -22.11 -24.76 15.69
C LEU C 52 -21.73 -24.04 16.98
N SER C 53 -20.43 -24.03 17.28
CA SER C 53 -19.95 -23.40 18.51
C SER C 53 -20.31 -21.90 18.63
N ASP C 54 -20.31 -21.18 17.50
CA ASP C 54 -20.67 -19.75 17.51
C ASP C 54 -22.11 -19.53 17.97
N VAL C 55 -23.00 -20.47 17.65
CA VAL C 55 -24.41 -20.39 18.07
C VAL C 55 -24.50 -20.57 19.59
N PHE C 56 -23.73 -21.53 20.12
CA PHE C 56 -23.73 -21.77 21.58
C PHE C 56 -23.26 -20.52 22.34
N ILE C 57 -22.24 -19.85 21.80
CA ILE C 57 -21.72 -18.65 22.42
C ILE C 57 -22.76 -17.52 22.38
N MET C 58 -23.38 -17.31 21.21
CA MET C 58 -24.38 -16.25 21.12
C MET C 58 -25.57 -16.55 22.06
N ASN C 59 -25.90 -17.84 22.23
CA ASN C 59 -26.95 -18.23 23.18
C ASN C 59 -26.54 -17.86 24.63
N GLN C 60 -25.26 -18.00 24.97
CA GLN C 60 -24.75 -17.60 26.28
C GLN C 60 -24.76 -16.07 26.47
N VAL C 61 -24.46 -15.34 25.40
CA VAL C 61 -24.48 -13.88 25.47
C VAL C 61 -25.92 -13.41 25.74
N VAL C 62 -26.86 -13.88 24.93
CA VAL C 62 -28.27 -13.50 25.08
C VAL C 62 -28.83 -13.94 26.44
N GLY C 63 -28.44 -15.14 26.85
CA GLY C 63 -28.83 -15.66 28.16
C GLY C 63 -28.28 -14.79 29.29
N GLY C 64 -27.05 -14.28 29.11
CA GLY C 64 -26.42 -13.41 30.11
C GLY C 64 -27.10 -12.05 30.28
N LEU C 65 -28.00 -11.71 29.36
CA LEU C 65 -28.76 -10.46 29.42
C LEU C 65 -30.16 -10.67 30.05
N ASN C 66 -30.34 -11.80 30.74
CA ASN C 66 -31.59 -12.18 31.41
C ASN C 66 -32.74 -12.53 30.44
N ALA C 67 -32.37 -12.97 29.24
CA ALA C 67 -33.35 -13.47 28.29
C ALA C 67 -33.19 -14.97 28.41
N LYS C 68 -34.30 -15.71 28.40
CA LYS C 68 -34.25 -17.17 28.52
C LYS C 68 -34.11 -17.78 27.14
N VAL C 69 -33.02 -18.52 26.93
CA VAL C 69 -32.72 -19.13 25.63
C VAL C 69 -32.74 -20.65 25.74
N ASP C 70 -33.61 -21.28 24.97
CA ASP C 70 -33.77 -22.73 24.94
C ASP C 70 -33.47 -23.24 23.53
N PHE C 71 -32.36 -23.98 23.42
CA PHE C 71 -31.89 -24.51 22.14
C PHE C 71 -32.13 -26.01 22.05
N ASP C 72 -33.12 -26.39 21.23
CA ASP C 72 -33.44 -27.78 20.95
C ASP C 72 -32.64 -28.18 19.70
N GLU C 73 -31.49 -28.80 19.97
CA GLU C 73 -30.54 -29.17 18.92
C GLU C 73 -31.09 -30.05 17.81
N GLU C 74 -31.74 -31.15 18.18
CA GLU C 74 -32.28 -32.09 17.16
C GLU C 74 -33.39 -31.45 16.32
N ALA C 75 -34.19 -30.58 16.91
CA ALA C 75 -35.24 -29.88 16.17
C ALA C 75 -34.71 -28.62 15.47
N HIS C 76 -33.45 -28.25 15.75
CA HIS C 76 -32.81 -27.06 15.14
C HIS C 76 -33.66 -25.80 15.42
N LEU C 77 -34.06 -25.68 16.68
CA LEU C 77 -34.91 -24.61 17.12
C LEU C 77 -34.34 -23.89 18.33
N VAL C 78 -34.41 -22.57 18.32
CA VAL C 78 -34.01 -21.77 19.46
C VAL C 78 -35.26 -20.97 19.85
N LYS C 79 -35.60 -21.03 21.13
CA LYS C 79 -36.75 -20.30 21.67
C LYS C 79 -36.18 -19.27 22.66
N VAL C 80 -36.60 -18.02 22.51
CA VAL C 80 -36.16 -16.96 23.40
C VAL C 80 -37.32 -16.21 24.06
N ASP C 81 -37.24 -16.11 25.38
CA ASP C 81 -38.19 -15.34 26.18
C ASP C 81 -37.43 -14.17 26.75
N ALA C 82 -37.65 -13.00 26.15
CA ALA C 82 -37.00 -11.75 26.57
C ALA C 82 -38.01 -10.79 27.21
N THR C 83 -39.12 -11.32 27.76
CA THR C 83 -40.13 -10.45 28.38
C THR C 83 -39.72 -9.95 29.78
N GLY C 84 -38.71 -10.58 30.39
CA GLY C 84 -38.23 -10.15 31.70
C GLY C 84 -37.46 -8.84 31.61
N ASP C 85 -36.88 -8.43 32.74
CA ASP C 85 -36.06 -7.22 32.78
C ASP C 85 -34.70 -7.56 32.20
N ILE C 86 -34.41 -7.03 31.02
CA ILE C 86 -33.16 -7.28 30.34
C ILE C 86 -32.02 -6.50 30.99
N THR C 87 -30.89 -7.17 31.20
CA THR C 87 -29.72 -6.51 31.78
C THR C 87 -28.79 -6.03 30.67
N GLU C 88 -27.75 -5.31 31.04
CA GLU C 88 -26.95 -4.57 30.05
C GLU C 88 -25.60 -5.12 29.58
N GLU C 89 -25.07 -6.17 30.21
CA GLU C 89 -23.70 -6.59 29.93
C GLU C 89 -23.43 -7.79 29.00
N ALA C 90 -22.52 -7.56 28.03
CA ALA C 90 -21.97 -8.58 27.13
C ALA C 90 -20.53 -8.68 27.63
N PRO C 91 -20.23 -9.67 28.47
CA PRO C 91 -18.91 -9.71 29.12
C PRO C 91 -17.73 -10.14 28.24
N TYR C 92 -16.54 -9.82 28.72
CA TYR C 92 -15.28 -10.18 28.09
C TYR C 92 -15.17 -11.69 27.83
N LYS C 93 -15.66 -12.52 28.75
CA LYS C 93 -15.54 -13.97 28.58
C LYS C 93 -16.19 -14.47 27.28
N TYR C 94 -17.19 -13.76 26.75
CA TYR C 94 -17.83 -14.17 25.49
C TYR C 94 -17.29 -13.39 24.29
N VAL C 95 -17.19 -12.07 24.42
CA VAL C 95 -16.70 -11.24 23.31
C VAL C 95 -15.27 -11.63 22.90
N SER C 96 -14.43 -11.97 23.88
CA SER C 96 -13.05 -12.36 23.59
C SER C 96 -12.97 -13.66 22.78
N LYS C 97 -14.00 -14.49 22.83
CA LYS C 97 -14.02 -15.75 22.07
C LYS C 97 -14.79 -15.62 20.76
N MET C 98 -15.54 -14.54 20.61
CA MET C 98 -16.32 -14.32 19.40
C MET C 98 -16.75 -12.85 19.31
N ARG C 99 -15.96 -12.05 18.59
CA ARG C 99 -16.23 -10.62 18.49
C ARG C 99 -17.59 -10.28 17.90
N ALA C 100 -18.22 -11.23 17.21
CA ALA C 100 -19.58 -11.01 16.66
C ALA C 100 -20.60 -10.77 17.79
N SER C 101 -20.23 -11.12 19.02
CA SER C 101 -21.07 -10.88 20.18
C SER C 101 -21.54 -9.42 20.30
N ILE C 102 -20.77 -8.49 19.76
CA ILE C 102 -21.10 -7.07 19.89
C ILE C 102 -22.37 -6.63 19.15
N VAL C 103 -22.98 -7.54 18.38
CA VAL C 103 -24.20 -7.13 17.68
C VAL C 103 -25.40 -7.10 18.63
N VAL C 104 -25.16 -7.39 19.92
CA VAL C 104 -26.22 -7.21 20.92
C VAL C 104 -26.26 -5.75 21.42
N LEU C 105 -25.21 -4.97 21.13
CA LEU C 105 -25.13 -3.57 21.55
C LEU C 105 -26.36 -2.75 21.14
N GLY C 106 -26.70 -2.83 19.85
CA GLY C 106 -27.85 -2.13 19.29
C GLY C 106 -29.17 -2.49 19.96
N PRO C 107 -29.51 -3.79 19.98
CA PRO C 107 -30.78 -4.15 20.60
C PRO C 107 -30.82 -3.91 22.12
N ILE C 108 -29.68 -4.02 22.81
CA ILE C 108 -29.67 -3.71 24.23
C ILE C 108 -30.03 -2.23 24.40
N LEU C 109 -29.40 -1.36 23.62
CA LEU C 109 -29.70 0.07 23.69
C LEU C 109 -31.15 0.36 23.35
N ALA C 110 -31.70 -0.36 22.39
CA ALA C 110 -33.10 -0.16 21.98
C ALA C 110 -34.06 -0.52 23.11
N ARG C 111 -33.83 -1.66 23.77
CA ARG C 111 -34.68 -2.12 24.89
C ARG C 111 -34.47 -1.44 26.21
N VAL C 112 -33.21 -1.34 26.62
CA VAL C 112 -32.82 -0.91 27.96
C VAL C 112 -32.34 0.56 28.08
N GLY C 113 -31.84 1.14 26.99
CA GLY C 113 -31.35 2.50 27.01
C GLY C 113 -29.90 2.66 27.46
N HIS C 114 -29.27 1.56 27.86
CA HIS C 114 -27.85 1.58 28.26
C HIS C 114 -27.24 0.20 28.05
N ALA C 115 -25.93 0.16 27.79
CA ALA C 115 -25.26 -1.09 27.51
C ALA C 115 -23.79 -1.06 27.93
N LYS C 116 -23.29 -2.25 28.26
CA LYS C 116 -21.90 -2.45 28.67
C LYS C 116 -21.40 -3.64 27.85
N VAL C 117 -20.68 -3.35 26.77
CA VAL C 117 -20.20 -4.39 25.84
C VAL C 117 -18.68 -4.39 25.75
N SER C 118 -18.08 -5.55 25.98
CA SER C 118 -16.62 -5.66 25.93
C SER C 118 -16.09 -5.22 24.54
N MET C 119 -15.05 -4.39 24.54
CA MET C 119 -14.41 -3.93 23.31
C MET C 119 -13.65 -5.11 22.70
N PRO C 120 -13.95 -5.47 21.43
CA PRO C 120 -13.21 -6.59 20.86
C PRO C 120 -11.75 -6.24 20.68
N GLY C 121 -10.88 -7.20 20.97
CA GLY C 121 -9.45 -7.01 20.84
C GLY C 121 -8.93 -7.46 19.47
N GLY C 122 -7.89 -8.28 19.49
CA GLY C 122 -7.25 -8.77 18.28
C GLY C 122 -7.84 -10.02 17.67
N CYS C 123 -7.79 -10.07 16.34
CA CYS C 123 -8.27 -11.20 15.57
C CYS C 123 -7.23 -11.37 14.45
N THR C 124 -6.83 -12.62 14.21
CA THR C 124 -5.76 -12.95 13.22
C THR C 124 -6.05 -12.59 11.78
N ILE C 125 -7.31 -12.59 11.35
CA ILE C 125 -7.60 -12.26 9.93
C ILE C 125 -7.49 -10.78 9.57
N GLY C 126 -7.31 -9.92 10.58
CA GLY C 126 -7.09 -8.50 10.32
C GLY C 126 -7.50 -7.58 11.45
N SER C 127 -7.21 -6.30 11.24
CA SER C 127 -7.63 -5.28 12.16
C SER C 127 -9.16 -5.24 11.96
N ARG C 128 -9.93 -5.24 13.03
CA ARG C 128 -11.39 -5.20 12.89
C ARG C 128 -11.96 -4.18 13.88
N PRO C 129 -11.73 -2.89 13.62
CA PRO C 129 -12.24 -1.84 14.48
C PRO C 129 -13.76 -1.74 14.36
N ILE C 130 -14.37 -1.05 15.32
CA ILE C 130 -15.82 -0.90 15.33
C ILE C 130 -16.25 0.57 15.28
N ASP C 131 -15.35 1.43 14.80
CA ASP C 131 -15.62 2.88 14.68
C ASP C 131 -16.98 3.21 14.04
N LEU C 132 -17.39 2.47 13.02
CA LEU C 132 -18.67 2.76 12.34
C LEU C 132 -19.86 2.47 13.23
N HIS C 133 -19.76 1.47 14.10
CA HIS C 133 -20.83 1.18 15.05
C HIS C 133 -21.02 2.37 15.99
N LEU C 134 -19.92 2.78 16.63
CA LEU C 134 -19.95 3.83 17.64
C LEU C 134 -20.35 5.18 17.07
N LYS C 135 -19.79 5.53 15.92
CA LYS C 135 -20.11 6.80 15.28
C LYS C 135 -21.60 6.88 14.91
N GLY C 136 -22.14 5.80 14.36
CA GLY C 136 -23.54 5.74 14.00
C GLY C 136 -24.44 5.84 15.22
N LEU C 137 -24.05 5.13 16.30
CA LEU C 137 -24.82 5.16 17.55
C LEU C 137 -24.82 6.56 18.17
N GLU C 138 -23.68 7.26 18.10
CA GLU C 138 -23.58 8.62 18.65
C GLU C 138 -24.51 9.59 17.93
N ALA C 139 -24.71 9.39 16.63
CA ALA C 139 -25.64 10.20 15.84
C ALA C 139 -27.10 9.96 16.25
N MET C 140 -27.38 8.80 16.86
CA MET C 140 -28.72 8.44 17.33
C MET C 140 -28.95 8.84 18.79
N GLY C 141 -28.04 9.62 19.35
CA GLY C 141 -28.15 10.11 20.72
C GLY C 141 -27.47 9.25 21.79
N VAL C 142 -26.60 8.35 21.40
CA VAL C 142 -25.92 7.48 22.37
C VAL C 142 -24.60 8.10 22.80
N LYS C 143 -24.39 8.17 24.10
CA LYS C 143 -23.16 8.69 24.69
C LYS C 143 -22.25 7.48 24.91
N ILE C 144 -21.06 7.52 24.35
CA ILE C 144 -20.12 6.40 24.44
C ILE C 144 -18.89 6.72 25.29
N SER C 145 -18.57 5.83 26.22
CA SER C 145 -17.33 5.90 26.99
C SER C 145 -16.67 4.51 26.91
N GLN C 146 -15.39 4.46 27.26
CA GLN C 146 -14.60 3.23 27.22
C GLN C 146 -13.97 3.11 28.61
N THR C 147 -14.36 2.09 29.35
CA THR C 147 -13.88 1.94 30.71
C THR C 147 -13.41 0.54 31.03
N ALA C 148 -12.13 0.40 31.36
CA ALA C 148 -11.55 -0.89 31.75
C ALA C 148 -11.88 -2.02 30.76
N GLY C 149 -11.80 -1.68 29.47
CA GLY C 149 -12.05 -2.64 28.41
C GLY C 149 -13.46 -2.71 27.89
N TYR C 150 -14.40 -2.04 28.54
CA TYR C 150 -15.79 -2.09 28.14
C TYR C 150 -16.31 -0.83 27.48
N ILE C 151 -17.08 -1.02 26.43
CA ILE C 151 -17.77 0.06 25.77
C ILE C 151 -18.99 0.31 26.67
N GLU C 152 -19.09 1.51 27.23
CA GLU C 152 -20.25 1.87 28.07
C GLU C 152 -21.08 2.86 27.27
N ALA C 153 -22.31 2.47 26.96
CA ALA C 153 -23.19 3.25 26.12
C ALA C 153 -24.50 3.59 26.83
N LYS C 154 -24.91 4.86 26.74
CA LYS C 154 -26.14 5.32 27.37
C LYS C 154 -26.92 6.21 26.44
N ALA C 155 -28.21 5.94 26.28
CA ALA C 155 -29.09 6.74 25.43
C ALA C 155 -30.31 7.22 26.20
N GLU C 156 -30.27 8.45 26.71
CA GLU C 156 -31.43 9.02 27.41
C GLU C 156 -32.65 9.05 26.52
N ARG C 157 -32.48 9.45 25.25
CA ARG C 157 -33.57 9.45 24.30
C ARG C 157 -33.08 8.99 22.93
N LEU C 158 -32.95 7.68 22.78
CA LEU C 158 -32.47 7.09 21.54
C LEU C 158 -33.36 7.65 20.42
N HIS C 159 -32.74 8.24 19.40
CA HIS C 159 -33.49 8.88 18.32
C HIS C 159 -33.01 8.57 16.89
N GLY C 160 -33.77 9.07 15.92
CA GLY C 160 -33.44 8.90 14.51
C GLY C 160 -32.24 9.75 14.11
N ALA C 161 -31.68 9.45 12.94
CA ALA C 161 -30.54 10.18 12.38
C ALA C 161 -30.36 9.77 10.92
N HIS C 162 -29.69 10.63 10.16
CA HIS C 162 -29.38 10.35 8.76
C HIS C 162 -27.89 9.99 8.84
N ILE C 163 -27.57 8.71 8.67
CA ILE C 163 -26.19 8.22 8.81
C ILE C 163 -25.59 7.83 7.47
N TYR C 164 -24.41 8.38 7.16
CA TYR C 164 -23.64 8.00 5.99
C TYR C 164 -22.51 7.10 6.45
N MET C 165 -22.57 5.83 6.08
CA MET C 165 -21.54 4.86 6.43
C MET C 165 -20.33 5.03 5.51
N ASP C 166 -19.14 5.19 6.09
CA ASP C 166 -17.92 5.30 5.26
C ASP C 166 -17.70 4.01 4.47
N PHE C 167 -18.11 2.90 5.06
CA PHE C 167 -17.97 1.57 4.46
C PHE C 167 -19.21 0.79 4.86
N PRO C 168 -19.73 -0.06 3.96
CA PRO C 168 -20.96 -0.82 4.28
C PRO C 168 -20.76 -2.01 5.23
N SER C 169 -20.39 -1.70 6.47
CA SER C 169 -20.15 -2.73 7.47
C SER C 169 -21.40 -3.56 7.75
N VAL C 170 -21.24 -4.88 7.68
CA VAL C 170 -22.31 -5.82 7.98
C VAL C 170 -22.78 -5.62 9.43
N GLY C 171 -21.83 -5.76 10.36
CA GLY C 171 -22.10 -5.63 11.78
C GLY C 171 -22.66 -4.29 12.19
N ALA C 172 -22.05 -3.22 11.69
CA ALA C 172 -22.52 -1.88 12.03
C ALA C 172 -23.92 -1.68 11.51
N THR C 173 -24.20 -2.10 10.28
CA THR C 173 -25.54 -1.97 9.71
C THR C 173 -26.56 -2.73 10.58
N GLN C 174 -26.20 -3.92 11.03
CA GLN C 174 -27.08 -4.73 11.89
C GLN C 174 -27.34 -4.04 13.24
N ASN C 175 -26.29 -3.57 13.91
CA ASN C 175 -26.44 -2.86 15.18
C ASN C 175 -27.33 -1.63 15.07
N LEU C 176 -27.11 -0.85 14.03
CA LEU C 176 -27.84 0.37 13.81
C LEU C 176 -29.29 0.12 13.43
N MET C 177 -29.53 -0.91 12.62
CA MET C 177 -30.90 -1.30 12.21
C MET C 177 -31.71 -1.69 13.43
N MET C 178 -31.10 -2.52 14.28
CA MET C 178 -31.75 -3.01 15.48
C MET C 178 -31.98 -1.89 16.49
N ALA C 179 -30.98 -1.04 16.68
CA ALA C 179 -31.14 0.09 17.62
C ALA C 179 -32.29 0.99 17.18
N ALA C 180 -32.36 1.22 15.87
CA ALA C 180 -33.37 2.08 15.27
C ALA C 180 -34.81 1.61 15.40
N THR C 181 -35.03 0.30 15.57
CA THR C 181 -36.39 -0.24 15.64
C THR C 181 -37.23 0.33 16.77
N LEU C 182 -36.59 0.70 17.88
CA LEU C 182 -37.29 1.26 19.03
C LEU C 182 -36.93 2.71 19.30
N ALA C 183 -36.16 3.32 18.41
CA ALA C 183 -35.74 4.72 18.59
C ALA C 183 -36.92 5.64 18.33
N ASP C 184 -36.77 6.87 18.79
CA ASP C 184 -37.78 7.90 18.60
C ASP C 184 -37.45 8.63 17.30
N GLY C 185 -38.09 8.23 16.21
CA GLY C 185 -37.86 8.89 14.92
C GLY C 185 -37.47 7.97 13.78
N VAL C 186 -37.04 8.58 12.69
CA VAL C 186 -36.66 7.88 11.47
C VAL C 186 -35.14 7.80 11.34
N THR C 187 -34.62 6.58 11.14
CA THR C 187 -33.18 6.39 10.95
C THR C 187 -32.94 5.99 9.49
N VAL C 188 -32.05 6.71 8.82
CA VAL C 188 -31.70 6.41 7.44
C VAL C 188 -30.22 6.05 7.42
N ILE C 189 -29.93 4.82 6.96
CA ILE C 189 -28.57 4.31 6.87
C ILE C 189 -28.21 4.31 5.40
N GLU C 190 -27.34 5.25 5.01
CA GLU C 190 -26.85 5.34 3.63
C GLU C 190 -25.56 4.55 3.51
N ASN C 191 -25.39 3.90 2.35
CA ASN C 191 -24.23 3.01 2.07
C ASN C 191 -24.27 1.84 3.08
N ALA C 192 -25.46 1.29 3.28
CA ALA C 192 -25.66 0.20 4.22
C ALA C 192 -25.18 -1.12 3.64
N ALA C 193 -24.85 -2.06 4.52
CA ALA C 193 -24.51 -3.41 4.11
C ALA C 193 -25.75 -3.98 3.42
N ARG C 194 -25.51 -4.72 2.34
CA ARG C 194 -26.58 -5.29 1.54
C ARG C 194 -26.61 -6.81 1.61
N GLU C 195 -25.77 -7.41 2.45
CA GLU C 195 -25.70 -8.87 2.57
C GLU C 195 -27.06 -9.55 2.78
N PRO C 196 -27.23 -10.79 2.27
CA PRO C 196 -28.48 -11.52 2.46
C PRO C 196 -28.88 -11.65 3.94
N GLU C 197 -27.91 -11.66 4.85
CA GLU C 197 -28.19 -11.74 6.28
C GLU C 197 -28.86 -10.46 6.78
N ILE C 198 -28.52 -9.32 6.17
CA ILE C 198 -29.16 -8.04 6.47
C ILE C 198 -30.64 -8.13 6.10
N VAL C 199 -30.92 -8.70 4.92
CA VAL C 199 -32.29 -8.87 4.46
C VAL C 199 -33.07 -9.79 5.40
N ASP C 200 -32.46 -10.91 5.78
CA ASP C 200 -33.15 -11.85 6.66
C ASP C 200 -33.40 -11.23 8.02
N LEU C 201 -32.48 -10.39 8.51
CA LEU C 201 -32.67 -9.67 9.78
C LEU C 201 -33.86 -8.71 9.67
N ALA C 202 -33.91 -7.97 8.57
CA ALA C 202 -35.02 -7.04 8.33
C ALA C 202 -36.36 -7.77 8.28
N ILE C 203 -36.39 -8.96 7.68
CA ILE C 203 -37.60 -9.77 7.61
C ILE C 203 -38.07 -10.12 9.03
N LEU C 204 -37.15 -10.58 9.86
CA LEU C 204 -37.50 -10.90 11.25
C LEU C 204 -38.01 -9.66 11.98
N LEU C 205 -37.29 -8.56 11.88
CA LEU C 205 -37.68 -7.33 12.56
C LEU C 205 -39.09 -6.87 12.16
N ASN C 206 -39.39 -6.91 10.87
CA ASN C 206 -40.73 -6.54 10.38
C ASN C 206 -41.81 -7.52 10.89
N GLU C 207 -41.48 -8.80 10.98
CA GLU C 207 -42.43 -9.81 11.51
C GLU C 207 -42.60 -9.63 13.03
N MET C 208 -41.65 -8.94 13.66
CA MET C 208 -41.66 -8.63 15.11
C MET C 208 -42.42 -7.30 15.39
N GLY C 209 -42.87 -6.61 14.33
CA GLY C 209 -43.61 -5.35 14.45
C GLY C 209 -42.83 -4.10 14.09
N ALA C 210 -41.61 -4.26 13.58
CA ALA C 210 -40.78 -3.10 13.24
C ALA C 210 -41.18 -2.53 11.88
N LYS C 211 -40.56 -1.39 11.53
CA LYS C 211 -40.79 -0.74 10.26
C LYS C 211 -39.44 -0.47 9.59
N VAL C 212 -38.89 -1.56 9.04
CA VAL C 212 -37.61 -1.57 8.35
C VAL C 212 -37.88 -1.71 6.85
N LYS C 213 -37.34 -0.78 6.07
CA LYS C 213 -37.51 -0.77 4.63
C LYS C 213 -36.19 -0.54 3.89
N GLY C 214 -36.12 -1.09 2.68
CA GLY C 214 -34.94 -0.95 1.83
C GLY C 214 -33.80 -1.93 2.10
N ALA C 215 -34.03 -2.94 2.92
CA ALA C 215 -32.97 -3.91 3.23
C ALA C 215 -32.61 -4.64 1.94
N GLY C 216 -31.31 -4.72 1.66
CA GLY C 216 -30.83 -5.32 0.41
C GLY C 216 -30.37 -4.22 -0.55
N THR C 217 -30.80 -2.98 -0.28
CA THR C 217 -30.40 -1.82 -1.09
C THR C 217 -29.38 -1.00 -0.32
N GLU C 218 -28.81 0.00 -0.98
CA GLU C 218 -27.80 0.86 -0.37
C GLU C 218 -28.34 1.75 0.74
N THR C 219 -29.67 1.89 0.82
CA THR C 219 -30.30 2.74 1.82
C THR C 219 -31.40 2.03 2.59
N ILE C 220 -31.22 1.96 3.91
CA ILE C 220 -32.20 1.35 4.79
C ILE C 220 -32.86 2.44 5.61
N THR C 221 -34.20 2.44 5.62
CA THR C 221 -34.97 3.41 6.39
C THR C 221 -35.75 2.69 7.49
N ILE C 222 -35.52 3.08 8.74
CA ILE C 222 -36.24 2.50 9.88
C ILE C 222 -37.05 3.58 10.58
N THR C 223 -38.35 3.32 10.77
CA THR C 223 -39.22 4.22 11.54
C THR C 223 -39.41 3.51 12.87
N GLY C 224 -38.99 4.16 13.96
CA GLY C 224 -39.07 3.55 15.27
C GLY C 224 -40.49 3.35 15.75
N VAL C 225 -40.72 2.26 16.47
CA VAL C 225 -42.02 1.96 17.08
C VAL C 225 -41.81 1.84 18.58
N GLU C 226 -42.91 1.73 19.33
CA GLU C 226 -42.83 1.66 20.78
C GLU C 226 -42.29 0.33 21.31
N LYS C 227 -42.70 -0.77 20.70
CA LYS C 227 -42.30 -2.10 21.18
C LYS C 227 -42.37 -3.15 20.08
N LEU C 228 -41.66 -4.24 20.30
CA LEU C 228 -41.67 -5.35 19.36
C LEU C 228 -42.16 -6.60 20.06
N HIS C 229 -42.67 -7.53 19.27
CA HIS C 229 -43.24 -8.77 19.78
C HIS C 229 -42.58 -10.01 19.18
N GLY C 230 -42.75 -11.12 19.87
CA GLY C 230 -42.18 -12.41 19.46
C GLY C 230 -42.82 -12.90 18.17
N THR C 231 -42.11 -13.78 17.48
CA THR C 231 -42.58 -14.35 16.23
C THR C 231 -41.78 -15.61 15.95
N THR C 232 -42.14 -16.33 14.90
CA THR C 232 -41.42 -17.55 14.49
C THR C 232 -40.77 -17.30 13.13
N HIS C 233 -39.47 -17.51 13.06
CA HIS C 233 -38.70 -17.21 11.84
C HIS C 233 -37.81 -18.36 11.41
N ASN C 234 -37.86 -18.67 10.11
CA ASN C 234 -37.07 -19.75 9.53
C ASN C 234 -35.77 -19.11 9.03
N VAL C 235 -34.65 -19.47 9.64
CA VAL C 235 -33.34 -18.89 9.27
C VAL C 235 -32.98 -19.23 7.82
N VAL C 236 -32.56 -18.20 7.08
CA VAL C 236 -32.14 -18.36 5.68
C VAL C 236 -30.98 -19.38 5.56
N GLN C 237 -30.90 -20.09 4.44
CA GLN C 237 -29.84 -21.07 4.19
C GLN C 237 -28.46 -20.39 4.18
N ASP C 238 -27.46 -21.12 4.68
CA ASP C 238 -26.08 -20.65 4.74
C ASP C 238 -25.48 -20.61 3.34
N ARG C 239 -25.39 -19.41 2.78
CA ARG C 239 -24.88 -19.22 1.42
C ARG C 239 -23.39 -19.56 1.27
N ILE C 240 -22.64 -19.45 2.37
CA ILE C 240 -21.21 -19.76 2.36
C ILE C 240 -21.00 -21.27 2.36
N GLU C 241 -21.80 -22.01 3.15
CA GLU C 241 -21.70 -23.46 3.12
C GLU C 241 -22.12 -23.92 1.71
N ALA C 242 -23.23 -23.36 1.20
CA ALA C 242 -23.69 -23.66 -0.17
C ALA C 242 -22.57 -23.40 -1.17
N GLY C 243 -21.99 -22.21 -1.10
CA GLY C 243 -20.89 -21.82 -2.00
C GLY C 243 -19.66 -22.72 -1.87
N THR C 244 -19.40 -23.20 -0.64
CA THR C 244 -18.27 -24.09 -0.38
C THR C 244 -18.46 -25.41 -1.15
N PHE C 245 -19.68 -25.97 -1.14
CA PHE C 245 -19.96 -27.19 -1.91
C PHE C 245 -19.97 -26.90 -3.43
N MET C 246 -20.39 -25.71 -3.84
CA MET C 246 -20.33 -25.37 -5.26
C MET C 246 -18.85 -25.40 -5.70
N VAL C 247 -17.97 -24.82 -4.89
CA VAL C 247 -16.53 -24.80 -5.18
C VAL C 247 -15.95 -26.22 -5.19
N ALA C 248 -16.34 -27.02 -4.21
CA ALA C 248 -15.86 -28.40 -4.11
C ALA C 248 -16.19 -29.20 -5.37
N ALA C 249 -17.43 -29.07 -5.83
CA ALA C 249 -17.90 -29.74 -7.04
C ALA C 249 -17.06 -29.30 -8.24
N ALA C 250 -16.79 -28.01 -8.30
CA ALA C 250 -16.02 -27.43 -9.40
C ALA C 250 -14.58 -27.97 -9.45
N MET C 251 -13.92 -27.99 -8.31
CA MET C 251 -12.52 -28.42 -8.20
C MET C 251 -12.27 -29.89 -8.46
N THR C 252 -13.30 -30.71 -8.27
CA THR C 252 -13.20 -32.16 -8.42
C THR C 252 -13.89 -32.71 -9.70
N GLY C 253 -14.27 -31.82 -10.61
CA GLY C 253 -14.95 -32.23 -11.86
C GLY C 253 -16.25 -32.94 -11.60
N GLY C 254 -16.95 -32.50 -10.57
CA GLY C 254 -18.15 -33.16 -10.10
C GLY C 254 -19.47 -32.75 -10.72
N ASP C 255 -20.53 -33.23 -10.08
CA ASP C 255 -21.90 -32.92 -10.47
C ASP C 255 -22.72 -32.98 -9.19
N VAL C 256 -22.84 -31.83 -8.53
CA VAL C 256 -23.54 -31.75 -7.26
C VAL C 256 -24.76 -30.83 -7.28
N LEU C 257 -25.82 -31.29 -6.63
CA LEU C 257 -27.06 -30.52 -6.47
C LEU C 257 -27.07 -29.97 -5.05
N ILE C 258 -26.98 -28.63 -4.93
CA ILE C 258 -27.06 -27.98 -3.61
C ILE C 258 -28.55 -27.71 -3.41
N ARG C 259 -29.18 -28.47 -2.52
CA ARG C 259 -30.63 -28.35 -2.30
C ARG C 259 -31.09 -26.97 -1.83
N ASP C 260 -32.10 -26.45 -2.50
CA ASP C 260 -32.74 -25.17 -2.16
C ASP C 260 -31.81 -23.94 -2.14
N ALA C 261 -30.66 -24.03 -2.77
CA ALA C 261 -29.75 -22.89 -2.83
C ALA C 261 -30.42 -21.71 -3.55
N VAL C 262 -30.16 -20.50 -3.04
CA VAL C 262 -30.72 -19.27 -3.61
C VAL C 262 -29.72 -18.63 -4.55
N TRP C 263 -30.06 -18.60 -5.84
CA TRP C 263 -29.18 -18.03 -6.87
C TRP C 263 -28.76 -16.60 -6.51
N GLU C 264 -29.73 -15.80 -6.07
CA GLU C 264 -29.46 -14.38 -5.74
C GLU C 264 -28.48 -14.20 -4.58
N HIS C 265 -28.34 -15.21 -3.72
CA HIS C 265 -27.39 -15.14 -2.61
C HIS C 265 -25.96 -15.52 -2.95
N ASN C 266 -25.73 -16.05 -4.16
CA ASN C 266 -24.37 -16.39 -4.62
C ASN C 266 -24.09 -15.90 -6.04
N ARG C 267 -24.61 -14.72 -6.37
CA ARG C 267 -24.44 -14.13 -7.69
C ARG C 267 -23.00 -13.98 -8.14
N PRO C 268 -22.14 -13.30 -7.33
CA PRO C 268 -20.75 -13.13 -7.79
C PRO C 268 -19.92 -14.42 -7.80
N LEU C 269 -20.20 -15.37 -6.88
CA LEU C 269 -19.50 -16.65 -6.89
C LEU C 269 -19.89 -17.39 -8.17
N ILE C 270 -21.18 -17.44 -8.45
CA ILE C 270 -21.69 -18.13 -9.63
C ILE C 270 -21.16 -17.50 -10.91
N ALA C 271 -21.14 -16.18 -10.97
CA ALA C 271 -20.63 -15.47 -12.16
C ALA C 271 -19.16 -15.81 -12.40
N LYS C 272 -18.39 -15.99 -11.33
CA LYS C 272 -16.97 -16.33 -11.45
C LYS C 272 -16.81 -17.81 -11.79
N LEU C 273 -17.67 -18.67 -11.25
CA LEU C 273 -17.65 -20.09 -11.61
C LEU C 273 -17.98 -20.22 -13.12
N LEU C 274 -19.00 -19.48 -13.56
CA LEU C 274 -19.38 -19.50 -14.98
C LEU C 274 -18.24 -18.99 -15.88
N GLU C 275 -17.61 -17.88 -15.49
CA GLU C 275 -16.51 -17.31 -16.27
C GLU C 275 -15.34 -18.28 -16.36
N MET C 276 -15.10 -19.03 -15.28
CA MET C 276 -14.02 -20.02 -15.23
C MET C 276 -14.27 -21.20 -16.20
N GLY C 277 -15.54 -21.49 -16.49
CA GLY C 277 -15.89 -22.61 -17.36
C GLY C 277 -16.72 -23.69 -16.66
N VAL C 278 -17.12 -23.42 -15.42
CA VAL C 278 -17.98 -24.33 -14.68
C VAL C 278 -19.41 -24.11 -15.14
N GLU C 279 -20.22 -25.17 -15.10
CA GLU C 279 -21.64 -25.13 -15.45
C GLU C 279 -22.43 -24.98 -14.15
N VAL C 280 -23.32 -23.98 -14.11
CA VAL C 280 -24.16 -23.76 -12.93
C VAL C 280 -25.59 -23.63 -13.45
N ILE C 281 -26.46 -24.53 -13.00
CA ILE C 281 -27.85 -24.49 -13.46
C ILE C 281 -28.82 -24.47 -12.30
N GLU C 282 -29.77 -23.53 -12.34
CA GLU C 282 -30.80 -23.50 -11.33
C GLU C 282 -31.95 -24.43 -11.75
N GLU C 283 -32.31 -25.33 -10.85
CA GLU C 283 -33.38 -26.29 -11.07
C GLU C 283 -34.40 -26.13 -9.95
N ASP C 284 -35.52 -26.81 -10.08
CA ASP C 284 -36.59 -26.76 -9.08
C ASP C 284 -36.14 -27.20 -7.70
N GLU C 285 -35.26 -28.20 -7.64
CA GLU C 285 -34.81 -28.76 -6.36
C GLU C 285 -33.57 -28.07 -5.74
N GLY C 286 -32.93 -27.17 -6.52
CA GLY C 286 -31.75 -26.45 -6.05
C GLY C 286 -30.84 -25.99 -7.18
N ILE C 287 -29.58 -25.72 -6.85
CA ILE C 287 -28.59 -25.29 -7.85
C ILE C 287 -27.64 -26.44 -8.12
N ARG C 288 -27.47 -26.79 -9.40
CA ARG C 288 -26.58 -27.87 -9.80
C ARG C 288 -25.28 -27.28 -10.33
N VAL C 289 -24.17 -27.85 -9.88
CA VAL C 289 -22.86 -27.44 -10.35
C VAL C 289 -22.21 -28.65 -10.99
N ARG C 290 -21.81 -28.50 -12.27
CA ARG C 290 -21.08 -29.54 -12.99
C ARG C 290 -19.79 -28.97 -13.55
N SER C 291 -18.72 -29.76 -13.50
CA SER C 291 -17.42 -29.27 -13.95
C SER C 291 -16.63 -30.27 -14.78
N GLN C 292 -16.02 -29.77 -15.85
CA GLN C 292 -15.18 -30.52 -16.73
C GLN C 292 -13.80 -29.93 -16.43
N LEU C 293 -12.96 -30.67 -15.73
CA LEU C 293 -11.64 -30.17 -15.29
C LEU C 293 -10.84 -29.42 -16.37
N GLU C 294 -10.78 -30.01 -17.56
CA GLU C 294 -9.95 -29.45 -18.63
C GLU C 294 -10.46 -28.12 -19.20
N ASN C 295 -11.67 -27.71 -18.85
CA ASN C 295 -12.23 -26.42 -19.34
C ASN C 295 -12.02 -25.25 -18.37
N LEU C 296 -11.51 -25.53 -17.16
CA LEU C 296 -11.31 -24.48 -16.17
C LEU C 296 -10.21 -23.50 -16.55
N LYS C 297 -10.57 -22.22 -16.61
CA LYS C 297 -9.66 -21.14 -16.97
C LYS C 297 -9.51 -20.17 -15.80
N ALA C 298 -8.31 -19.67 -15.62
CA ALA C 298 -8.00 -18.73 -14.54
C ALA C 298 -8.83 -17.47 -14.63
N VAL C 299 -9.08 -16.86 -13.47
CA VAL C 299 -9.87 -15.63 -13.40
C VAL C 299 -9.27 -14.67 -12.38
N HIS C 300 -9.76 -13.44 -12.46
CA HIS C 300 -9.40 -12.37 -11.52
C HIS C 300 -10.61 -12.22 -10.61
N VAL C 301 -10.38 -12.15 -9.30
CA VAL C 301 -11.46 -11.97 -8.30
C VAL C 301 -11.03 -10.90 -7.29
N LYS C 302 -11.97 -10.05 -6.94
CA LYS C 302 -11.75 -8.98 -5.98
C LYS C 302 -12.88 -9.06 -4.99
N THR C 303 -12.56 -9.34 -3.72
CA THR C 303 -13.61 -9.39 -2.69
C THR C 303 -14.12 -7.96 -2.46
N LEU C 304 -15.43 -7.84 -2.26
CA LEU C 304 -16.10 -6.57 -2.03
C LEU C 304 -17.33 -6.81 -1.18
N PRO C 305 -17.87 -5.75 -0.56
CA PRO C 305 -19.12 -5.92 0.16
C PRO C 305 -20.21 -6.37 -0.81
N HIS C 306 -21.17 -7.16 -0.33
CA HIS C 306 -22.26 -7.61 -1.18
C HIS C 306 -22.88 -6.39 -1.87
N PRO C 307 -23.35 -6.47 -3.13
CA PRO C 307 -23.39 -7.69 -3.97
C PRO C 307 -22.09 -8.13 -4.68
N GLY C 308 -20.94 -7.56 -4.31
CA GLY C 308 -19.65 -8.00 -4.83
C GLY C 308 -19.25 -9.34 -4.25
N PHE C 309 -18.15 -9.89 -4.73
CA PHE C 309 -17.67 -11.21 -4.33
C PHE C 309 -17.41 -11.28 -2.81
N PRO C 310 -18.03 -12.25 -2.11
CA PRO C 310 -17.86 -12.32 -0.66
C PRO C 310 -16.49 -12.80 -0.17
N THR C 311 -15.95 -12.09 0.80
CA THR C 311 -14.68 -12.47 1.40
C THR C 311 -14.80 -13.86 2.04
N ASP C 312 -16.00 -14.22 2.45
CA ASP C 312 -16.22 -15.54 3.07
C ASP C 312 -16.13 -16.73 2.09
N MET C 313 -16.07 -16.43 0.79
CA MET C 313 -15.82 -17.45 -0.22
C MET C 313 -14.38 -17.38 -0.75
N GLN C 314 -13.59 -16.42 -0.27
CA GLN C 314 -12.23 -16.20 -0.81
C GLN C 314 -11.27 -17.36 -0.67
N ALA C 315 -11.07 -17.87 0.54
CA ALA C 315 -10.14 -18.95 0.76
C ALA C 315 -10.50 -20.17 -0.08
N GLN C 316 -11.78 -20.55 -0.04
CA GLN C 316 -12.25 -21.71 -0.78
C GLN C 316 -12.02 -21.49 -2.27
N PHE C 317 -12.29 -20.29 -2.74
CA PHE C 317 -12.13 -20.00 -4.16
C PHE C 317 -10.66 -20.07 -4.58
N THR C 318 -9.72 -19.70 -3.71
CA THR C 318 -8.29 -19.80 -4.04
C THR C 318 -7.89 -21.26 -4.23
N ALA C 319 -8.54 -22.17 -3.52
CA ALA C 319 -8.26 -23.61 -3.69
C ALA C 319 -8.65 -24.00 -5.13
N LEU C 320 -9.80 -23.52 -5.58
CA LEU C 320 -10.26 -23.78 -6.94
C LEU C 320 -9.30 -23.18 -7.97
N MET C 321 -8.73 -22.04 -7.66
CA MET C 321 -7.76 -21.40 -8.55
C MET C 321 -6.53 -22.27 -8.78
N THR C 322 -6.22 -23.17 -7.84
CA THR C 322 -5.06 -24.07 -8.02
C THR C 322 -5.26 -25.09 -9.15
N VAL C 323 -6.51 -25.35 -9.53
CA VAL C 323 -6.88 -26.36 -10.54
C VAL C 323 -7.16 -25.78 -11.94
N ALA C 324 -7.42 -24.49 -12.04
CA ALA C 324 -7.68 -23.87 -13.35
C ALA C 324 -6.40 -23.72 -14.18
N LYS C 325 -6.54 -23.52 -15.48
CA LYS C 325 -5.39 -23.31 -16.35
C LYS C 325 -5.11 -21.80 -16.43
N GLY C 326 -3.87 -21.43 -16.15
CA GLY C 326 -3.45 -20.02 -16.23
C GLY C 326 -3.18 -19.42 -14.87
N GLU C 327 -2.94 -18.10 -14.85
CA GLU C 327 -2.65 -17.38 -13.61
C GLU C 327 -3.89 -16.64 -13.13
N SER C 328 -4.39 -17.05 -11.97
CA SER C 328 -5.52 -16.37 -11.35
C SER C 328 -5.00 -15.29 -10.40
N THR C 329 -5.86 -14.33 -10.10
CA THR C 329 -5.50 -13.29 -9.15
C THR C 329 -6.63 -13.13 -8.15
N MET C 330 -6.30 -13.13 -6.87
CA MET C 330 -7.27 -12.92 -5.81
C MET C 330 -6.87 -11.67 -5.03
N VAL C 331 -7.76 -10.68 -5.03
CA VAL C 331 -7.56 -9.42 -4.31
C VAL C 331 -8.54 -9.42 -3.15
N GLU C 332 -8.01 -9.45 -1.93
CA GLU C 332 -8.82 -9.45 -0.71
C GLU C 332 -8.84 -8.03 -0.13
N THR C 333 -9.96 -7.32 -0.29
CA THR C 333 -10.06 -5.91 0.20
C THR C 333 -10.74 -5.74 1.55
N VAL C 334 -11.42 -6.77 2.03
CA VAL C 334 -12.22 -6.66 3.25
C VAL C 334 -11.41 -6.82 4.51
N PHE C 335 -10.53 -7.82 4.54
CA PHE C 335 -9.68 -8.08 5.69
C PHE C 335 -8.25 -8.04 5.23
N GLU C 336 -7.37 -7.59 6.11
CA GLU C 336 -5.94 -7.39 5.80
C GLU C 336 -5.05 -8.63 5.88
N ASN C 337 -5.44 -9.65 6.64
CA ASN C 337 -4.61 -10.81 6.82
C ASN C 337 -5.40 -12.12 6.60
N ARG C 338 -6.01 -12.25 5.44
CA ARG C 338 -6.83 -13.43 5.18
C ARG C 338 -6.30 -14.33 4.06
N PHE C 339 -4.99 -14.46 3.98
CA PHE C 339 -4.33 -15.37 3.05
C PHE C 339 -3.46 -16.37 3.81
N GLN C 340 -3.73 -16.57 5.10
CA GLN C 340 -2.88 -17.48 5.88
C GLN C 340 -2.97 -18.94 5.41
N HIS C 341 -4.10 -19.32 4.84
CA HIS C 341 -4.26 -20.69 4.30
C HIS C 341 -3.26 -20.96 3.15
N LEU C 342 -2.88 -19.92 2.41
CA LEU C 342 -1.91 -20.09 1.32
C LEU C 342 -0.52 -20.43 1.85
N GLU C 343 -0.22 -19.97 3.05
CA GLU C 343 1.04 -20.27 3.73
C GLU C 343 1.07 -21.76 4.05
N GLU C 344 -0.05 -22.29 4.54
CA GLU C 344 -0.18 -23.71 4.83
C GLU C 344 -0.16 -24.52 3.53
N MET C 345 -0.82 -24.03 2.49
CA MET C 345 -0.87 -24.73 1.21
C MET C 345 0.53 -24.84 0.56
N ARG C 346 1.47 -24.01 0.99
CA ARG C 346 2.85 -24.11 0.53
C ARG C 346 3.39 -25.48 0.92
N ARG C 347 2.94 -26.00 2.06
CA ARG C 347 3.34 -27.32 2.53
C ARG C 347 2.84 -28.43 1.61
N MET C 348 1.81 -28.15 0.82
CA MET C 348 1.26 -29.11 -0.14
C MET C 348 1.86 -28.90 -1.53
N GLY C 349 2.87 -28.03 -1.61
CA GLY C 349 3.56 -27.74 -2.87
C GLY C 349 3.03 -26.58 -3.67
N LEU C 350 2.09 -25.82 -3.11
CA LEU C 350 1.52 -24.69 -3.84
C LEU C 350 2.37 -23.43 -3.73
N HIS C 351 2.83 -22.93 -4.88
N HIS C 351 2.83 -22.93 -4.88
CA HIS C 351 3.57 -21.69 -4.92
CA HIS C 351 3.57 -21.68 -4.93
C HIS C 351 2.58 -20.58 -5.28
C HIS C 351 2.58 -20.58 -5.28
N SER C 352 2.58 -19.52 -4.48
CA SER C 352 1.72 -18.36 -4.72
C SER C 352 2.57 -17.14 -4.45
N GLU C 353 2.21 -16.04 -5.10
CA GLU C 353 2.91 -14.77 -4.96
C GLU C 353 1.95 -13.78 -4.31
N ILE C 354 2.24 -13.44 -3.06
CA ILE C 354 1.37 -12.57 -2.25
C ILE C 354 2.01 -11.20 -2.03
N ILE C 355 1.36 -10.16 -2.54
CA ILE C 355 1.79 -8.77 -2.37
C ILE C 355 0.67 -8.09 -1.56
N ARG C 356 0.74 -8.20 -0.24
CA ARG C 356 -0.26 -7.71 0.72
C ARG C 356 -1.70 -8.16 0.48
N ASP C 357 -2.49 -7.40 -0.31
CA ASP C 357 -3.89 -7.76 -0.57
C ASP C 357 -4.11 -8.54 -1.86
N THR C 358 -3.05 -8.78 -2.63
CA THR C 358 -3.14 -9.45 -3.91
C THR C 358 -2.36 -10.76 -3.93
N ALA C 359 -3.02 -11.84 -4.32
CA ALA C 359 -2.39 -13.15 -4.40
C ALA C 359 -2.48 -13.64 -5.83
N ARG C 360 -1.35 -14.05 -6.39
CA ARG C 360 -1.33 -14.63 -7.73
C ARG C 360 -1.12 -16.13 -7.56
N ILE C 361 -1.94 -16.91 -8.25
CA ILE C 361 -1.89 -18.37 -8.18
C ILE C 361 -1.93 -18.94 -9.60
N VAL C 362 -0.82 -19.57 -10.01
CA VAL C 362 -0.74 -20.24 -11.30
C VAL C 362 -1.37 -21.63 -11.13
N GLY C 363 -2.37 -21.93 -11.94
CA GLY C 363 -3.04 -23.21 -11.84
C GLY C 363 -2.23 -24.39 -12.38
N GLY C 364 -2.67 -25.59 -12.05
CA GLY C 364 -2.05 -26.81 -12.55
C GLY C 364 -0.81 -27.32 -11.84
N GLN C 365 -0.42 -26.71 -10.72
CA GLN C 365 0.74 -27.19 -10.00
C GLN C 365 0.43 -28.55 -9.39
N PRO C 366 1.43 -29.46 -9.33
CA PRO C 366 1.22 -30.78 -8.76
C PRO C 366 1.28 -30.74 -7.24
N LEU C 367 0.13 -30.81 -6.60
CA LEU C 367 0.05 -30.72 -5.15
C LEU C 367 0.09 -32.08 -4.51
N GLN C 368 0.66 -32.14 -3.32
CA GLN C 368 0.74 -33.37 -2.53
C GLN C 368 0.18 -33.18 -1.14
N GLY C 369 -0.38 -34.25 -0.60
CA GLY C 369 -0.97 -34.23 0.73
C GLY C 369 0.06 -33.97 1.79
N ALA C 370 -0.34 -33.26 2.84
CA ALA C 370 0.57 -32.96 3.94
C ALA C 370 -0.22 -32.63 5.18
N GLU C 371 0.46 -32.63 6.30
CA GLU C 371 -0.14 -32.25 7.57
C GLU C 371 -0.24 -30.71 7.62
N VAL C 372 -1.45 -30.19 7.73
CA VAL C 372 -1.69 -28.74 7.78
C VAL C 372 -2.57 -28.32 8.94
N LEU C 373 -2.51 -27.04 9.27
CA LEU C 373 -3.26 -26.48 10.39
C LEU C 373 -4.19 -25.37 9.95
N SER C 374 -5.45 -25.50 10.32
CA SER C 374 -6.45 -24.48 10.05
C SER C 374 -6.08 -23.21 10.83
N THR C 375 -6.26 -22.07 10.19
CA THR C 375 -5.97 -20.76 10.81
C THR C 375 -7.24 -20.00 11.19
N ASP C 376 -8.33 -20.32 10.52
CA ASP C 376 -9.62 -19.69 10.74
C ASP C 376 -10.69 -20.56 10.08
N LEU C 377 -11.96 -20.21 10.33
CA LEU C 377 -13.09 -20.97 9.81
C LEU C 377 -13.06 -21.32 8.30
N ARG C 378 -13.05 -20.33 7.44
CA ARG C 378 -13.09 -20.59 6.00
C ARG C 378 -11.78 -21.18 5.46
N ALA C 379 -10.66 -20.83 6.09
CA ALA C 379 -9.37 -21.39 5.73
C ALA C 379 -9.37 -22.91 5.95
N SER C 380 -10.03 -23.33 7.03
CA SER C 380 -10.11 -24.75 7.34
C SER C 380 -10.79 -25.50 6.18
N ALA C 381 -11.89 -24.95 5.70
CA ALA C 381 -12.61 -25.53 4.59
C ALA C 381 -11.74 -25.55 3.34
N ALA C 382 -11.00 -24.47 3.11
CA ALA C 382 -10.14 -24.39 1.93
C ALA C 382 -9.06 -25.47 1.93
N LEU C 383 -8.50 -25.76 3.11
CA LEU C 383 -7.46 -26.78 3.22
C LEU C 383 -8.02 -28.17 2.95
N ILE C 384 -9.22 -28.41 3.44
CA ILE C 384 -9.91 -29.69 3.27
C ILE C 384 -10.22 -29.90 1.78
N LEU C 385 -10.68 -28.86 1.12
CA LEU C 385 -10.99 -28.95 -0.31
C LEU C 385 -9.72 -29.22 -1.10
N THR C 386 -8.62 -28.57 -0.72
CA THR C 386 -7.35 -28.77 -1.41
C THR C 386 -6.89 -30.23 -1.21
N GLY C 387 -7.14 -30.78 -0.03
CA GLY C 387 -6.80 -32.18 0.25
C GLY C 387 -7.47 -33.16 -0.70
N LEU C 388 -8.64 -32.80 -1.21
CA LEU C 388 -9.39 -33.65 -2.14
C LEU C 388 -8.68 -33.84 -3.48
N VAL C 389 -8.00 -32.79 -3.93
CA VAL C 389 -7.35 -32.81 -5.22
C VAL C 389 -5.83 -33.04 -5.15
N ALA C 390 -5.22 -32.96 -3.97
CA ALA C 390 -3.81 -33.22 -3.85
C ALA C 390 -3.53 -34.73 -3.92
N GLN C 391 -2.32 -35.11 -4.33
CA GLN C 391 -1.94 -36.52 -4.39
C GLN C 391 -1.40 -36.97 -3.03
N GLY C 392 -2.01 -37.99 -2.44
CA GLY C 392 -1.57 -38.50 -1.15
C GLY C 392 -2.51 -38.11 -0.03
N GLU C 393 -2.07 -38.31 1.19
CA GLU C 393 -2.89 -38.04 2.36
C GLU C 393 -2.69 -36.63 2.93
N THR C 394 -3.80 -35.92 3.15
CA THR C 394 -3.76 -34.61 3.78
C THR C 394 -4.39 -34.76 5.17
N VAL C 395 -3.78 -34.15 6.17
CA VAL C 395 -4.28 -34.20 7.54
C VAL C 395 -4.51 -32.76 8.02
N VAL C 396 -5.77 -32.37 8.18
CA VAL C 396 -6.15 -31.02 8.60
C VAL C 396 -6.45 -30.97 10.10
N GLY C 397 -5.67 -30.16 10.81
CA GLY C 397 -5.80 -29.95 12.27
C GLY C 397 -6.41 -28.60 12.64
N LYS C 398 -6.45 -28.35 13.96
CA LYS C 398 -7.04 -27.14 14.55
C LYS C 398 -8.48 -26.99 14.08
N LEU C 399 -9.24 -28.06 14.26
CA LEU C 399 -10.66 -28.08 13.83
C LEU C 399 -11.58 -27.25 14.71
N VAL C 400 -11.04 -26.70 15.80
CA VAL C 400 -11.82 -25.77 16.60
C VAL C 400 -12.36 -24.66 15.67
N HIS C 401 -11.53 -24.23 14.70
CA HIS C 401 -11.96 -23.20 13.74
C HIS C 401 -13.12 -23.67 12.88
N LEU C 402 -13.01 -24.90 12.37
CA LEU C 402 -14.01 -25.49 11.48
C LEU C 402 -15.38 -25.62 12.14
N ASP C 403 -15.38 -26.10 13.38
CA ASP C 403 -16.61 -26.32 14.15
C ASP C 403 -17.38 -25.03 14.49
N ARG C 404 -16.81 -23.88 14.15
CA ARG C 404 -17.52 -22.62 14.36
C ARG C 404 -18.56 -22.38 13.28
N GLY C 405 -18.35 -22.95 12.10
CA GLY C 405 -19.23 -22.69 10.95
C GLY C 405 -19.63 -23.80 10.00
N TYR C 406 -19.05 -24.99 10.17
CA TYR C 406 -19.44 -26.15 9.35
C TYR C 406 -19.86 -27.31 10.26
N TYR C 407 -21.05 -27.84 10.00
CA TYR C 407 -21.60 -28.99 10.73
C TYR C 407 -21.54 -30.22 9.84
N GLY C 408 -20.87 -31.26 10.30
CA GLY C 408 -20.75 -32.53 9.55
C GLY C 408 -20.15 -32.40 8.15
N PHE C 409 -19.18 -31.51 8.01
CA PHE C 409 -18.54 -31.27 6.71
C PHE C 409 -17.92 -32.55 6.11
N HIS C 410 -17.20 -33.31 6.95
CA HIS C 410 -16.56 -34.56 6.45
C HIS C 410 -17.63 -35.59 6.02
N GLU C 411 -18.72 -35.65 6.78
CA GLU C 411 -19.83 -36.55 6.50
C GLU C 411 -20.53 -36.22 5.18
N LYS C 412 -20.82 -34.94 4.96
CA LYS C 412 -21.46 -34.50 3.71
C LYS C 412 -20.57 -34.76 2.48
N LEU C 413 -19.27 -34.52 2.65
CA LEU C 413 -18.31 -34.78 1.57
C LEU C 413 -18.17 -36.28 1.31
N ALA C 414 -18.11 -37.08 2.39
CA ALA C 414 -18.03 -38.54 2.24
C ALA C 414 -19.26 -39.09 1.49
N GLN C 415 -20.43 -38.55 1.81
CA GLN C 415 -21.69 -38.93 1.16
C GLN C 415 -21.70 -38.59 -0.36
N LEU C 416 -20.87 -37.62 -0.75
CA LEU C 416 -20.73 -37.23 -2.17
C LEU C 416 -19.63 -38.00 -2.92
N GLY C 417 -18.93 -38.90 -2.20
CA GLY C 417 -17.90 -39.75 -2.81
C GLY C 417 -16.46 -39.53 -2.38
N ALA C 418 -16.22 -38.54 -1.52
CA ALA C 418 -14.85 -38.24 -1.11
C ALA C 418 -14.32 -39.20 -0.05
N LYS C 419 -13.02 -39.50 -0.14
CA LYS C 419 -12.35 -40.40 0.83
C LYS C 419 -11.86 -39.50 1.95
N ILE C 420 -12.75 -39.29 2.91
CA ILE C 420 -12.48 -38.37 4.00
C ILE C 420 -13.07 -38.92 5.30
N GLN C 421 -12.31 -38.74 6.37
CA GLN C 421 -12.71 -39.24 7.69
C GLN C 421 -12.32 -38.23 8.76
N ARG C 422 -13.01 -38.28 9.89
CA ARG C 422 -12.67 -37.45 11.03
C ARG C 422 -12.28 -38.40 12.14
N ILE C 423 -10.99 -38.38 12.50
CA ILE C 423 -10.43 -39.27 13.54
C ILE C 423 -10.15 -38.50 14.82
N GLU C 424 -10.23 -39.18 15.97
CA GLU C 424 -9.99 -38.56 17.28
C GLU C 424 -8.58 -37.98 17.36
N MET D 4 -2.64 -21.01 30.50
CA MET D 4 -2.54 -21.08 32.00
C MET D 4 -2.20 -19.76 32.71
N ASP D 5 -0.91 -19.46 32.95
CA ASP D 5 -0.54 -18.24 33.70
C ASP D 5 -0.97 -16.91 33.08
N LYS D 6 -1.08 -15.91 33.93
CA LYS D 6 -1.41 -14.55 33.51
C LYS D 6 -0.49 -13.60 34.23
N ILE D 7 -0.13 -12.49 33.58
CA ILE D 7 0.70 -11.47 34.18
C ILE D 7 -0.23 -10.34 34.54
N VAL D 8 -0.16 -9.91 35.79
CA VAL D 8 -1.01 -8.85 36.31
C VAL D 8 -0.14 -7.66 36.65
N VAL D 9 -0.52 -6.49 36.14
CA VAL D 9 0.21 -5.27 36.36
C VAL D 9 -0.69 -4.19 36.96
N GLN D 10 -0.26 -3.62 38.08
CA GLN D 10 -0.97 -2.50 38.70
C GLN D 10 -0.35 -1.27 38.06
N GLY D 11 -1.11 -0.64 37.18
CA GLY D 11 -0.59 0.49 36.42
C GLY D 11 -0.46 1.80 37.14
N GLY D 12 0.47 2.61 36.67
CA GLY D 12 0.76 3.92 37.26
C GLY D 12 1.83 3.75 38.31
N ASP D 13 2.67 4.77 38.46
CA ASP D 13 3.72 4.78 39.48
C ASP D 13 4.62 3.53 39.47
N ASN D 14 5.14 3.21 38.28
CA ASN D 14 6.04 2.07 38.12
C ASN D 14 7.44 2.48 37.65
N ARG D 15 7.97 3.54 38.24
CA ARG D 15 9.28 4.03 37.87
C ARG D 15 10.31 2.93 38.08
N LEU D 16 11.03 2.57 37.03
CA LEU D 16 12.03 1.51 37.09
C LEU D 16 13.39 2.07 37.45
N VAL D 17 13.99 1.54 38.52
CA VAL D 17 15.30 1.98 38.98
C VAL D 17 16.06 0.76 39.44
N GLY D 18 17.32 0.66 39.03
CA GLY D 18 18.15 -0.47 39.42
C GLY D 18 18.99 -1.02 38.29
N SER D 19 19.43 -2.25 38.49
CA SER D 19 20.28 -2.95 37.54
C SER D 19 19.61 -4.23 37.11
N VAL D 20 19.90 -4.64 35.88
CA VAL D 20 19.32 -5.84 35.33
C VAL D 20 20.36 -6.63 34.54
N THR D 21 20.28 -7.95 34.69
CA THR D 21 21.13 -8.89 33.97
C THR D 21 20.30 -9.40 32.79
N ILE D 22 20.95 -9.44 31.63
CA ILE D 22 20.32 -9.84 30.39
C ILE D 22 20.77 -11.23 30.00
N GLU D 23 19.82 -12.03 29.51
CA GLU D 23 20.13 -13.42 29.11
C GLU D 23 20.89 -13.47 27.80
N GLY D 24 21.38 -14.66 27.46
CA GLY D 24 22.03 -14.88 26.16
C GLY D 24 20.96 -14.78 25.10
N ALA D 25 21.36 -14.36 23.90
CA ALA D 25 20.42 -14.15 22.78
C ALA D 25 19.73 -15.41 22.31
N LYS D 26 18.40 -15.41 22.41
CA LYS D 26 17.58 -16.51 21.91
C LYS D 26 17.87 -16.72 20.43
N ASN D 27 17.92 -15.63 19.67
CA ASN D 27 18.13 -15.69 18.22
C ASN D 27 19.57 -15.96 17.77
N ALA D 28 20.49 -16.00 18.73
CA ALA D 28 21.86 -16.42 18.43
C ALA D 28 21.96 -17.89 18.81
N VAL D 29 21.40 -18.26 19.95
CA VAL D 29 21.49 -19.64 20.42
C VAL D 29 20.82 -20.63 19.47
N LEU D 30 19.70 -20.27 18.85
CA LEU D 30 19.04 -21.20 17.93
C LEU D 30 19.97 -21.60 16.76
N PRO D 31 20.54 -20.63 16.02
CA PRO D 31 21.46 -21.04 14.97
C PRO D 31 22.77 -21.62 15.49
N LEU D 32 23.23 -21.19 16.66
CA LEU D 32 24.47 -21.75 17.23
C LEU D 32 24.26 -23.24 17.54
N LEU D 33 23.06 -23.59 18.00
CA LEU D 33 22.72 -24.98 18.27
C LEU D 33 22.70 -25.78 16.98
N ALA D 34 22.16 -25.19 15.91
CA ALA D 34 22.14 -25.84 14.60
C ALA D 34 23.56 -26.13 14.15
N ALA D 35 24.45 -25.17 14.35
CA ALA D 35 25.87 -25.30 13.98
C ALA D 35 26.61 -26.46 14.66
N THR D 36 26.18 -26.87 15.85
CA THR D 36 26.86 -27.97 16.58
C THR D 36 26.88 -29.29 15.80
N ILE D 37 25.91 -29.46 14.90
CA ILE D 37 25.78 -30.60 14.01
C ILE D 37 27.00 -30.72 13.09
N LEU D 38 27.66 -29.61 12.83
CA LEU D 38 28.83 -29.57 11.96
C LEU D 38 30.08 -30.26 12.52
N ALA D 39 30.17 -30.37 13.85
CA ALA D 39 31.36 -30.92 14.50
C ALA D 39 31.35 -32.45 14.58
N SER D 40 32.08 -33.08 13.66
CA SER D 40 32.22 -34.54 13.59
C SER D 40 33.23 -35.07 14.61
N GLU D 41 34.03 -34.17 15.20
CA GLU D 41 35.02 -34.55 16.20
C GLU D 41 34.95 -33.57 17.37
N GLY D 42 34.99 -34.13 18.59
CA GLY D 42 34.91 -33.31 19.79
C GLY D 42 33.45 -33.00 20.08
N LYS D 43 33.25 -32.20 21.13
CA LYS D 43 31.93 -31.79 21.59
C LYS D 43 31.84 -30.27 21.66
N THR D 44 30.66 -29.75 21.37
CA THR D 44 30.46 -28.30 21.40
C THR D 44 29.73 -27.94 22.67
N VAL D 45 30.23 -26.90 23.33
CA VAL D 45 29.65 -26.40 24.57
C VAL D 45 29.24 -24.93 24.37
N LEU D 46 27.95 -24.65 24.56
CA LEU D 46 27.44 -23.29 24.46
C LEU D 46 27.15 -22.80 25.88
N GLN D 47 27.71 -21.63 26.20
CA GLN D 47 27.53 -21.01 27.52
C GLN D 47 26.61 -19.80 27.36
N ASN D 48 25.98 -19.40 28.46
CA ASN D 48 25.06 -18.25 28.53
C ASN D 48 23.77 -18.56 27.73
N VAL D 49 23.25 -19.77 27.90
CA VAL D 49 22.05 -20.21 27.19
C VAL D 49 20.83 -19.89 28.02
N PRO D 50 19.87 -19.14 27.46
CA PRO D 50 18.67 -18.81 28.21
C PRO D 50 17.69 -19.96 28.27
N ILE D 51 16.89 -20.00 29.33
CA ILE D 51 15.86 -21.02 29.53
C ILE D 51 14.56 -20.52 28.90
N LEU D 52 14.34 -20.89 27.63
CA LEU D 52 13.16 -20.46 26.85
C LEU D 52 12.61 -21.62 26.08
N SER D 53 11.31 -21.61 25.80
CA SER D 53 10.69 -22.74 25.09
C SER D 53 11.31 -22.97 23.70
N ASP D 54 11.69 -21.91 22.99
CA ASP D 54 12.33 -22.06 21.67
C ASP D 54 13.66 -22.82 21.76
N VAL D 55 14.39 -22.65 22.86
CA VAL D 55 15.65 -23.37 23.08
C VAL D 55 15.37 -24.87 23.28
N PHE D 56 14.33 -25.18 24.06
CA PHE D 56 13.96 -26.58 24.28
C PHE D 56 13.58 -27.28 22.98
N ILE D 57 12.87 -26.57 22.11
CA ILE D 57 12.46 -27.12 20.83
C ILE D 57 13.68 -27.33 19.94
N MET D 58 14.57 -26.34 19.85
CA MET D 58 15.77 -26.52 19.03
C MET D 58 16.62 -27.69 19.56
N ASN D 59 16.66 -27.86 20.89
CA ASN D 59 17.36 -29.00 21.48
C ASN D 59 16.74 -30.33 21.03
N GLN D 60 15.41 -30.38 20.91
CA GLN D 60 14.71 -31.57 20.43
C GLN D 60 14.96 -31.82 18.93
N VAL D 61 15.05 -30.74 18.14
CA VAL D 61 15.34 -30.86 16.71
C VAL D 61 16.74 -31.46 16.54
N VAL D 62 17.73 -30.86 17.20
CA VAL D 62 19.12 -31.33 17.09
C VAL D 62 19.25 -32.76 17.64
N GLY D 63 18.57 -33.03 18.74
CA GLY D 63 18.51 -34.37 19.33
C GLY D 63 17.90 -35.37 18.36
N GLY D 64 16.90 -34.95 17.60
CA GLY D 64 16.23 -35.81 16.62
C GLY D 64 17.11 -36.19 15.42
N LEU D 65 18.26 -35.52 15.29
CA LEU D 65 19.22 -35.80 14.23
C LEU D 65 20.36 -36.72 14.73
N ASN D 66 20.14 -37.38 15.88
CA ASN D 66 21.10 -38.30 16.51
C ASN D 66 22.35 -37.60 17.08
N ALA D 67 22.19 -36.32 17.43
CA ALA D 67 23.24 -35.60 18.12
C ALA D 67 22.75 -35.60 19.55
N LYS D 68 23.65 -35.80 20.51
CA LYS D 68 23.27 -35.81 21.92
C LYS D 68 23.37 -34.42 22.48
N VAL D 69 22.23 -33.92 22.98
CA VAL D 69 22.14 -32.56 23.51
C VAL D 69 21.80 -32.62 24.99
N ASP D 70 22.70 -32.06 25.81
CA ASP D 70 22.55 -32.04 27.26
C ASP D 70 22.50 -30.58 27.71
N PHE D 71 21.32 -30.18 28.20
CA PHE D 71 21.07 -28.82 28.63
C PHE D 71 21.00 -28.72 30.16
N ASP D 72 22.05 -28.14 30.75
CA ASP D 72 22.12 -27.90 32.17
C ASP D 72 21.56 -26.48 32.40
N GLU D 73 20.29 -26.45 32.74
CA GLU D 73 19.55 -25.20 32.93
C GLU D 73 20.14 -24.21 33.92
N GLU D 74 20.44 -24.68 35.13
CA GLU D 74 20.97 -23.75 36.16
C GLU D 74 22.37 -23.22 35.80
N ALA D 75 23.17 -24.03 35.12
CA ALA D 75 24.49 -23.57 34.67
C ALA D 75 24.40 -22.81 33.32
N HIS D 76 23.22 -22.81 32.69
CA HIS D 76 23.02 -22.12 31.40
C HIS D 76 24.02 -22.63 30.35
N LEU D 77 24.14 -23.96 30.31
CA LEU D 77 25.09 -24.62 29.43
C LEU D 77 24.42 -25.70 28.62
N VAL D 78 24.77 -25.77 27.34
CA VAL D 78 24.31 -26.82 26.46
C VAL D 78 25.56 -27.51 25.95
N LYS D 79 25.58 -28.84 26.07
CA LYS D 79 26.68 -29.67 25.58
C LYS D 79 26.13 -30.52 24.45
N VAL D 80 26.82 -30.51 23.31
CA VAL D 80 26.40 -31.31 22.16
C VAL D 80 27.49 -32.25 21.67
N ASP D 81 27.12 -33.52 21.55
CA ASP D 81 27.96 -34.56 21.00
C ASP D 81 27.32 -34.99 19.68
N ALA D 82 27.92 -34.51 18.58
CA ALA D 82 27.47 -34.81 17.24
C ALA D 82 28.47 -35.72 16.50
N THR D 83 29.27 -36.48 17.25
CA THR D 83 30.26 -37.37 16.63
C THR D 83 29.65 -38.66 16.08
N GLY D 84 28.42 -38.98 16.48
CA GLY D 84 27.73 -40.16 15.95
C GLY D 84 27.31 -39.98 14.50
N ASP D 85 26.56 -40.95 13.99
CA ASP D 85 26.03 -40.89 12.63
C ASP D 85 24.82 -39.99 12.67
N ILE D 86 24.94 -38.79 12.08
CA ILE D 86 23.86 -37.82 12.07
C ILE D 86 22.79 -38.23 11.05
N THR D 87 21.52 -38.16 11.47
CA THR D 87 20.41 -38.49 10.57
C THR D 87 19.87 -37.20 9.93
N GLU D 88 18.92 -37.37 9.01
CA GLU D 88 18.49 -36.27 8.15
C GLU D 88 17.22 -35.49 8.47
N GLU D 89 16.38 -35.95 9.39
CA GLU D 89 15.05 -35.35 9.54
C GLU D 89 14.77 -34.34 10.66
N ALA D 90 14.17 -33.20 10.27
CA ALA D 90 13.66 -32.17 11.17
C ALA D 90 12.13 -32.32 10.97
N PRO D 91 11.47 -33.03 11.91
CA PRO D 91 10.07 -33.36 11.69
C PRO D 91 9.05 -32.23 11.86
N TYR D 92 7.86 -32.49 11.30
CA TYR D 92 6.73 -31.58 11.37
C TYR D 92 6.38 -31.18 12.80
N LYS D 93 6.46 -32.13 13.73
CA LYS D 93 6.07 -31.84 15.12
C LYS D 93 6.88 -30.71 15.73
N TYR D 94 8.10 -30.45 15.26
CA TYR D 94 8.91 -29.34 15.78
C TYR D 94 8.84 -28.10 14.89
N VAL D 95 9.00 -28.28 13.58
CA VAL D 95 8.96 -27.15 12.67
C VAL D 95 7.61 -26.41 12.71
N SER D 96 6.52 -27.16 12.85
CA SER D 96 5.19 -26.55 12.92
C SER D 96 5.01 -25.66 14.16
N LYS D 97 5.81 -25.90 15.21
CA LYS D 97 5.72 -25.10 16.44
C LYS D 97 6.78 -23.99 16.47
N MET D 98 7.76 -24.06 15.58
CA MET D 98 8.82 -23.07 15.53
C MET D 98 9.55 -23.15 14.18
N ARG D 99 9.13 -22.28 13.25
CA ARG D 99 9.69 -22.31 11.90
C ARG D 99 11.19 -22.07 11.84
N ALA D 100 11.76 -21.49 12.90
CA ALA D 100 13.21 -21.27 12.96
C ALA D 100 13.99 -22.58 12.96
N SER D 101 13.30 -23.69 13.23
CA SER D 101 13.91 -25.01 13.19
C SER D 101 14.64 -25.30 11.87
N ILE D 102 14.20 -24.66 10.78
CA ILE D 102 14.79 -24.92 9.47
C ILE D 102 16.24 -24.48 9.31
N VAL D 103 16.81 -23.81 10.30
CA VAL D 103 18.21 -23.41 10.18
C VAL D 103 19.15 -24.61 10.39
N VAL D 104 18.58 -25.79 10.60
CA VAL D 104 19.40 -27.01 10.64
C VAL D 104 19.63 -27.57 9.22
N LEU D 105 18.84 -27.09 8.26
CA LEU D 105 18.94 -27.55 6.87
C LEU D 105 20.36 -27.44 6.30
N GLY D 106 20.96 -26.27 6.45
CA GLY D 106 22.32 -26.01 6.00
C GLY D 106 23.35 -26.93 6.61
N PRO D 107 23.44 -26.96 7.95
CA PRO D 107 24.44 -27.83 8.57
C PRO D 107 24.18 -29.33 8.35
N ILE D 108 22.92 -29.75 8.22
CA ILE D 108 22.64 -31.14 7.92
C ILE D 108 23.25 -31.45 6.54
N LEU D 109 22.98 -30.59 5.55
CA LEU D 109 23.53 -30.81 4.22
C LEU D 109 25.06 -30.81 4.23
N ALA D 110 25.65 -29.94 5.04
CA ALA D 110 27.12 -29.87 5.13
C ALA D 110 27.71 -31.17 5.68
N ARG D 111 27.13 -31.71 6.75
CA ARG D 111 27.60 -32.97 7.35
C ARG D 111 27.23 -34.25 6.65
N VAL D 112 25.96 -34.37 6.30
CA VAL D 112 25.37 -35.61 5.81
C VAL D 112 25.15 -35.70 4.28
N GLY D 113 25.05 -34.53 3.61
CA GLY D 113 24.82 -34.52 2.19
C GLY D 113 23.37 -34.66 1.75
N HIS D 114 22.46 -34.87 2.70
CA HIS D 114 21.03 -34.96 2.40
C HIS D 114 20.22 -34.55 3.63
N ALA D 115 19.03 -34.01 3.40
CA ALA D 115 18.18 -33.52 4.49
C ALA D 115 16.71 -33.63 4.17
N LYS D 116 15.91 -33.77 5.22
CA LYS D 116 14.46 -33.87 5.15
C LYS D 116 13.93 -32.92 6.22
N VAL D 117 13.54 -31.72 5.80
CA VAL D 117 13.09 -30.68 6.73
C VAL D 117 11.66 -30.25 6.42
N SER D 118 10.80 -30.30 7.42
CA SER D 118 9.39 -29.95 7.22
C SER D 118 9.27 -28.50 6.70
N MET D 119 8.43 -28.32 5.69
CA MET D 119 8.16 -27.01 5.11
C MET D 119 7.35 -26.18 6.13
N PRO D 120 7.85 -25.00 6.52
CA PRO D 120 7.04 -24.20 7.45
C PRO D 120 5.74 -23.76 6.83
N GLY D 121 4.68 -23.78 7.61
CA GLY D 121 3.38 -23.32 7.18
C GLY D 121 3.17 -21.83 7.50
N GLY D 122 1.99 -21.53 8.05
CA GLY D 122 1.59 -20.17 8.35
C GLY D 122 2.05 -19.60 9.68
N CYS D 123 2.30 -18.30 9.67
CA CYS D 123 2.70 -17.55 10.84
C CYS D 123 1.93 -16.23 10.77
N THR D 124 1.33 -15.83 11.90
CA THR D 124 0.45 -14.64 11.96
C THR D 124 1.14 -13.31 11.69
N ILE D 125 2.43 -13.17 11.99
CA ILE D 125 3.10 -11.87 11.79
C ILE D 125 3.39 -11.51 10.32
N GLY D 126 3.19 -12.48 9.43
CA GLY D 126 3.33 -12.22 8.01
C GLY D 126 3.62 -13.45 7.17
N SER D 127 3.66 -13.22 5.86
CA SER D 127 4.06 -14.24 4.92
C SER D 127 5.55 -14.39 5.21
N ARG D 128 6.03 -15.62 5.38
CA ARG D 128 7.44 -15.86 5.68
C ARG D 128 7.99 -16.96 4.80
N PRO D 129 8.13 -16.68 3.50
CA PRO D 129 8.63 -17.67 2.56
C PRO D 129 10.09 -17.96 2.80
N ILE D 130 10.55 -19.09 2.26
CA ILE D 130 11.96 -19.47 2.43
C ILE D 130 12.68 -19.60 1.08
N ASP D 131 12.12 -18.97 0.05
CA ASP D 131 12.70 -18.99 -1.30
C ASP D 131 14.21 -18.72 -1.33
N LEU D 132 14.69 -17.77 -0.52
CA LEU D 132 16.12 -17.42 -0.53
C LEU D 132 16.98 -18.55 -0.01
N HIS D 133 16.48 -19.32 0.95
CA HIS D 133 17.22 -20.46 1.46
C HIS D 133 17.41 -21.50 0.33
N LEU D 134 16.29 -21.89 -0.28
CA LEU D 134 16.29 -22.94 -1.29
C LEU D 134 17.06 -22.56 -2.54
N LYS D 135 16.86 -21.34 -3.00
CA LYS D 135 17.54 -20.87 -4.21
C LYS D 135 19.05 -20.84 -3.99
N GLY D 136 19.49 -20.37 -2.83
CA GLY D 136 20.91 -20.31 -2.50
C GLY D 136 21.50 -21.71 -2.40
N LEU D 137 20.74 -22.63 -1.78
CA LEU D 137 21.21 -24.01 -1.65
C LEU D 137 21.34 -24.70 -3.02
N GLU D 138 20.40 -24.42 -3.93
CA GLU D 138 20.43 -24.99 -5.29
C GLU D 138 21.70 -24.55 -6.05
N ALA D 139 22.13 -23.31 -5.82
CA ALA D 139 23.36 -22.78 -6.42
C ALA D 139 24.61 -23.48 -5.88
N MET D 140 24.51 -24.10 -4.70
CA MET D 140 25.63 -24.83 -4.09
C MET D 140 25.60 -26.33 -4.45
N GLY D 141 24.76 -26.70 -5.40
CA GLY D 141 24.64 -28.07 -5.88
C GLY D 141 23.61 -28.94 -5.18
N VAL D 142 22.67 -28.32 -4.46
CA VAL D 142 21.65 -29.08 -3.75
C VAL D 142 20.42 -29.24 -4.62
N LYS D 143 19.92 -30.47 -4.74
CA LYS D 143 18.74 -30.77 -5.50
C LYS D 143 17.59 -30.75 -4.51
N ILE D 144 16.59 -29.90 -4.73
CA ILE D 144 15.47 -29.74 -3.81
C ILE D 144 14.16 -30.25 -4.38
N SER D 145 13.46 -31.06 -3.59
CA SER D 145 12.11 -31.55 -3.93
C SER D 145 11.23 -31.31 -2.71
N GLN D 146 9.91 -31.38 -2.91
CA GLN D 146 8.92 -31.15 -1.86
C GLN D 146 8.01 -32.38 -1.87
N THR D 147 8.05 -33.14 -0.79
CA THR D 147 7.33 -34.39 -0.74
C THR D 147 6.53 -34.57 0.54
N ALA D 148 5.22 -34.64 0.41
CA ALA D 148 4.32 -34.85 1.54
C ALA D 148 4.59 -33.87 2.70
N GLY D 149 4.85 -32.61 2.35
CA GLY D 149 5.08 -31.58 3.34
C GLY D 149 6.52 -31.34 3.71
N TYR D 150 7.43 -32.19 3.24
CA TYR D 150 8.84 -32.06 3.59
C TYR D 150 9.71 -31.59 2.46
N ILE D 151 10.64 -30.70 2.80
CA ILE D 151 11.67 -30.25 1.88
C ILE D 151 12.69 -31.40 1.87
N GLU D 152 12.89 -32.03 0.72
CA GLU D 152 13.87 -33.12 0.60
C GLU D 152 15.03 -32.59 -0.22
N ALA D 153 16.19 -32.54 0.41
CA ALA D 153 17.38 -31.95 -0.19
C ALA D 153 18.53 -32.94 -0.26
N LYS D 154 19.20 -33.01 -1.41
CA LYS D 154 20.32 -33.92 -1.61
C LYS D 154 21.47 -33.21 -2.34
N ALA D 155 22.68 -33.33 -1.80
CA ALA D 155 23.87 -32.73 -2.40
C ALA D 155 24.97 -33.75 -2.58
N GLU D 156 25.11 -34.33 -3.76
CA GLU D 156 26.21 -35.30 -4.00
C GLU D 156 27.58 -34.68 -3.72
N ARG D 157 27.79 -33.46 -4.18
CA ARG D 157 29.05 -32.78 -3.88
C ARG D 157 28.79 -31.29 -3.65
N LEU D 158 28.36 -30.99 -2.43
CA LEU D 158 28.08 -29.64 -2.02
C LEU D 158 29.27 -28.76 -2.37
N HIS D 159 28.99 -27.68 -3.10
CA HIS D 159 30.07 -26.78 -3.58
C HIS D 159 29.82 -25.28 -3.38
N GLY D 160 30.85 -24.50 -3.69
CA GLY D 160 30.86 -23.05 -3.58
C GLY D 160 29.97 -22.45 -4.66
N ALA D 161 29.64 -21.17 -4.46
CA ALA D 161 28.75 -20.44 -5.36
C ALA D 161 28.81 -18.96 -5.01
N HIS D 162 28.43 -18.12 -5.97
CA HIS D 162 28.35 -16.67 -5.78
C HIS D 162 26.83 -16.48 -5.65
N ILE D 163 26.36 -16.17 -4.44
CA ILE D 163 24.92 -16.01 -4.19
C ILE D 163 24.54 -14.55 -3.95
N TYR D 164 23.56 -14.08 -4.72
CA TYR D 164 23.02 -12.74 -4.58
C TYR D 164 21.69 -12.85 -3.87
N MET D 165 21.63 -12.34 -2.65
CA MET D 165 20.39 -12.36 -1.88
C MET D 165 19.51 -11.18 -2.33
N ASP D 166 18.26 -11.42 -2.72
CA ASP D 166 17.31 -10.36 -3.04
C ASP D 166 17.06 -9.48 -1.80
N PHE D 167 17.11 -10.12 -0.63
CA PHE D 167 16.87 -9.45 0.65
C PHE D 167 17.82 -10.07 1.66
N PRO D 168 18.37 -9.28 2.59
CA PRO D 168 19.34 -9.83 3.55
C PRO D 168 18.70 -10.68 4.67
N SER D 169 18.15 -11.82 4.28
CA SER D 169 17.50 -12.73 5.23
C SER D 169 18.47 -13.25 6.27
N VAL D 170 18.08 -13.08 7.53
CA VAL D 170 18.85 -13.60 8.66
C VAL D 170 19.00 -15.12 8.54
N GLY D 171 17.87 -15.80 8.45
CA GLY D 171 17.84 -17.25 8.38
C GLY D 171 18.54 -17.82 7.18
N ALA D 172 18.28 -17.25 5.99
CA ALA D 172 18.90 -17.73 4.79
C ALA D 172 20.41 -17.53 4.87
N THR D 173 20.87 -16.38 5.36
CA THR D 173 22.30 -16.13 5.50
C THR D 173 22.93 -17.18 6.44
N GLN D 174 22.24 -17.50 7.52
CA GLN D 174 22.73 -18.50 8.48
C GLN D 174 22.83 -19.89 7.84
N ASN D 175 21.76 -20.33 7.18
CA ASN D 175 21.75 -21.63 6.49
C ASN D 175 22.88 -21.77 5.48
N LEU D 176 23.05 -20.73 4.68
CA LEU D 176 24.04 -20.74 3.61
C LEU D 176 25.46 -20.69 4.16
N MET D 177 25.68 -19.90 5.22
CA MET D 177 26.98 -19.79 5.86
C MET D 177 27.41 -21.15 6.42
N MET D 178 26.48 -21.81 7.09
CA MET D 178 26.74 -23.09 7.70
C MET D 178 26.95 -24.17 6.65
N ALA D 179 26.11 -24.19 5.60
CA ALA D 179 26.27 -25.17 4.53
C ALA D 179 27.66 -25.02 3.89
N ALA D 180 28.06 -23.78 3.69
CA ALA D 180 29.33 -23.43 3.05
C ALA D 180 30.58 -23.87 3.79
N THR D 181 30.50 -24.04 5.12
CA THR D 181 31.68 -24.38 5.92
C THR D 181 32.34 -25.69 5.51
N LEU D 182 31.56 -26.64 5.02
CA LEU D 182 32.09 -27.93 4.59
C LEU D 182 31.98 -28.17 3.09
N ALA D 183 31.54 -27.15 2.35
CA ALA D 183 31.39 -27.28 0.91
C ALA D 183 32.75 -27.32 0.23
N ASP D 184 32.75 -27.78 -1.01
CA ASP D 184 33.94 -27.85 -1.83
C ASP D 184 34.03 -26.52 -2.59
N GLY D 185 34.84 -25.60 -2.07
CA GLY D 185 35.07 -24.31 -2.73
C GLY D 185 34.76 -23.08 -1.89
N VAL D 186 34.67 -21.96 -2.58
CA VAL D 186 34.43 -20.66 -1.96
C VAL D 186 32.97 -20.24 -2.18
N THR D 187 32.28 -19.88 -1.09
CA THR D 187 30.92 -19.37 -1.18
C THR D 187 30.94 -17.88 -0.85
N VAL D 188 30.36 -17.06 -1.72
CA VAL D 188 30.24 -15.64 -1.49
C VAL D 188 28.76 -15.31 -1.40
N ILE D 189 28.36 -14.74 -0.26
CA ILE D 189 26.99 -14.35 -0.01
C ILE D 189 26.94 -12.83 -0.11
N GLU D 190 26.35 -12.33 -1.18
CA GLU D 190 26.20 -10.89 -1.40
C GLU D 190 24.86 -10.45 -0.86
N ASN D 191 24.85 -9.23 -0.28
CA ASN D 191 23.66 -8.66 0.38
C ASN D 191 23.24 -9.59 1.55
N ALA D 192 24.25 -10.02 2.30
CA ALA D 192 24.03 -10.90 3.44
C ALA D 192 23.45 -10.16 4.63
N ALA D 193 22.76 -10.90 5.50
CA ALA D 193 22.28 -10.36 6.76
C ALA D 193 23.50 -9.92 7.56
N ARG D 194 23.39 -8.78 8.22
CA ARG D 194 24.47 -8.19 8.98
C ARG D 194 24.23 -8.22 10.49
N GLU D 195 23.11 -8.82 10.91
CA GLU D 195 22.74 -8.86 12.34
C GLU D 195 23.85 -9.36 13.26
N PRO D 196 23.90 -8.86 14.52
CA PRO D 196 24.92 -9.33 15.46
C PRO D 196 24.91 -10.85 15.67
N GLU D 197 23.76 -11.51 15.47
CA GLU D 197 23.68 -12.97 15.58
C GLU D 197 24.47 -13.65 14.46
N ILE D 198 24.50 -13.02 13.29
CA ILE D 198 25.29 -13.51 12.16
C ILE D 198 26.77 -13.48 12.54
N VAL D 199 27.20 -12.38 13.15
CA VAL D 199 28.58 -12.22 13.60
C VAL D 199 28.94 -13.28 14.65
N ASP D 200 28.05 -13.49 15.63
CA ASP D 200 28.32 -14.46 16.67
C ASP D 200 28.38 -15.87 16.08
N LEU D 201 27.55 -16.16 15.08
CA LEU D 201 27.58 -17.47 14.40
C LEU D 201 28.93 -17.66 13.70
N ALA D 202 29.39 -16.61 13.00
CA ALA D 202 30.67 -16.65 12.32
C ALA D 202 31.83 -16.90 13.30
N ILE D 203 31.75 -16.27 14.48
CA ILE D 203 32.76 -16.45 15.52
C ILE D 203 32.82 -17.92 15.95
N LEU D 204 31.67 -18.52 16.20
CA LEU D 204 31.62 -19.94 16.57
C LEU D 204 32.21 -20.79 15.46
N LEU D 205 31.75 -20.57 14.22
CA LEU D 205 32.24 -21.38 13.10
C LEU D 205 33.75 -21.31 12.95
N ASN D 206 34.32 -20.11 13.07
CA ASN D 206 35.78 -19.95 12.97
C ASN D 206 36.50 -20.65 14.14
N GLU D 207 35.92 -20.62 15.33
CA GLU D 207 36.49 -21.31 16.48
C GLU D 207 36.36 -22.84 16.34
N MET D 208 35.45 -23.27 15.47
CA MET D 208 35.19 -24.69 15.15
C MET D 208 36.10 -25.19 14.01
N GLY D 209 36.91 -24.30 13.43
CA GLY D 209 37.83 -24.63 12.35
C GLY D 209 37.42 -24.14 10.98
N ALA D 210 36.34 -23.36 10.89
CA ALA D 210 35.88 -22.88 9.58
C ALA D 210 36.67 -21.65 9.11
N LYS D 211 36.37 -21.21 7.90
CA LYS D 211 36.99 -20.04 7.31
C LYS D 211 35.89 -19.11 6.79
N VAL D 212 35.27 -18.42 7.75
CA VAL D 212 34.18 -17.47 7.51
C VAL D 212 34.72 -16.06 7.69
N LYS D 213 34.53 -15.22 6.68
CA LYS D 213 35.07 -13.85 6.70
C LYS D 213 34.05 -12.84 6.19
N GLY D 214 34.15 -11.62 6.68
CA GLY D 214 33.23 -10.53 6.30
C GLY D 214 31.89 -10.49 7.04
N ALA D 215 31.75 -11.30 8.08
CA ALA D 215 30.49 -11.32 8.84
C ALA D 215 30.28 -9.96 9.47
N GLY D 216 29.08 -9.41 9.31
CA GLY D 216 28.78 -8.07 9.80
C GLY D 216 28.74 -7.09 8.63
N THR D 217 29.32 -7.49 7.50
CA THR D 217 29.33 -6.67 6.27
C THR D 217 28.33 -7.25 5.28
N GLU D 218 28.12 -6.52 4.19
CA GLU D 218 27.17 -6.95 3.15
C GLU D 218 27.63 -8.19 2.38
N THR D 219 28.91 -8.55 2.51
CA THR D 219 29.46 -9.69 1.79
C THR D 219 30.21 -10.66 2.71
N ILE D 220 29.74 -11.90 2.75
CA ILE D 220 30.39 -12.93 3.54
C ILE D 220 31.05 -13.93 2.60
N THR D 221 32.32 -14.21 2.87
CA THR D 221 33.08 -15.19 2.07
C THR D 221 33.44 -16.39 2.95
N ILE D 222 33.01 -17.58 2.52
CA ILE D 222 33.34 -18.81 3.23
C ILE D 222 34.18 -19.72 2.33
N THR D 223 35.34 -20.18 2.84
CA THR D 223 36.17 -21.15 2.14
C THR D 223 35.93 -22.46 2.87
N GLY D 224 35.41 -23.44 2.15
CA GLY D 224 35.06 -24.73 2.73
C GLY D 224 36.27 -25.52 3.20
N VAL D 225 36.12 -26.23 4.32
CA VAL D 225 37.16 -27.09 4.86
C VAL D 225 36.61 -28.51 4.93
N GLU D 226 37.46 -29.47 5.26
CA GLU D 226 37.08 -30.89 5.30
C GLU D 226 36.15 -31.23 6.46
N LYS D 227 36.44 -30.71 7.64
CA LYS D 227 35.66 -31.02 8.84
C LYS D 227 35.78 -29.95 9.90
N LEU D 228 34.84 -29.94 10.84
CA LEU D 228 34.84 -28.98 11.93
C LEU D 228 34.90 -29.73 13.23
N HIS D 229 35.38 -29.03 14.25
CA HIS D 229 35.56 -29.62 15.58
C HIS D 229 34.83 -28.85 16.65
N GLY D 230 34.61 -29.53 17.78
CA GLY D 230 33.91 -28.96 18.93
C GLY D 230 34.72 -27.82 19.55
N THR D 231 34.02 -26.96 20.28
CA THR D 231 34.66 -25.82 20.93
C THR D 231 33.71 -25.32 22.00
N THR D 232 34.15 -24.33 22.78
CA THR D 232 33.31 -23.75 23.83
C THR D 232 33.04 -22.28 23.47
N HIS D 233 31.76 -21.92 23.41
CA HIS D 233 31.37 -20.59 22.97
C HIS D 233 30.38 -19.92 23.92
N ASN D 234 30.67 -18.66 24.24
CA ASN D 234 29.83 -17.87 25.14
C ASN D 234 28.83 -17.12 24.25
N VAL D 235 27.55 -17.45 24.37
CA VAL D 235 26.51 -16.82 23.55
C VAL D 235 26.42 -15.31 23.82
N VAL D 236 26.40 -14.52 22.74
CA VAL D 236 26.28 -13.06 22.83
C VAL D 236 24.99 -12.65 23.58
N GLN D 237 25.03 -11.52 24.27
CA GLN D 237 23.87 -11.02 25.03
C GLN D 237 22.70 -10.73 24.11
N ASP D 238 21.49 -11.00 24.62
CA ASP D 238 20.25 -10.76 23.88
C ASP D 238 19.99 -9.26 23.78
N ARG D 239 20.28 -8.70 22.60
CA ARG D 239 20.10 -7.27 22.36
C ARG D 239 18.65 -6.80 22.41
N ILE D 240 17.71 -7.71 22.11
CA ILE D 240 16.29 -7.38 22.15
C ILE D 240 15.79 -7.31 23.60
N GLU D 241 16.24 -8.25 24.44
CA GLU D 241 15.86 -8.19 25.86
C GLU D 241 16.48 -6.91 26.43
N ALA D 242 17.76 -6.65 26.12
CA ALA D 242 18.44 -5.41 26.56
C ALA D 242 17.64 -4.20 26.11
N GLY D 243 17.30 -4.15 24.82
CA GLY D 243 16.50 -3.04 24.28
C GLY D 243 15.13 -2.91 24.92
N THR D 244 14.53 -4.03 25.29
CA THR D 244 13.21 -4.04 25.94
C THR D 244 13.31 -3.34 27.30
N PHE D 245 14.36 -3.61 28.07
CA PHE D 245 14.55 -2.91 29.35
C PHE D 245 14.94 -1.44 29.14
N MET D 246 15.66 -1.13 28.07
CA MET D 246 15.96 0.27 27.78
C MET D 246 14.64 1.01 27.56
N VAL D 247 13.74 0.42 26.77
CA VAL D 247 12.42 1.01 26.51
C VAL D 247 11.61 1.14 27.79
N ALA D 248 11.62 0.09 28.61
CA ALA D 248 10.86 0.11 29.88
C ALA D 248 11.30 1.26 30.77
N ALA D 249 12.61 1.44 30.90
CA ALA D 249 13.19 2.51 31.70
C ALA D 249 12.72 3.85 31.18
N ALA D 250 12.73 3.98 29.87
CA ALA D 250 12.34 5.23 29.21
C ALA D 250 10.88 5.60 29.45
N MET D 251 9.99 4.62 29.30
CA MET D 251 8.55 4.87 29.43
C MET D 251 8.06 5.10 30.84
N THR D 252 8.86 4.69 31.83
CA THR D 252 8.49 4.86 33.24
C THR D 252 9.30 5.95 33.96
N GLY D 253 10.06 6.77 33.22
CA GLY D 253 10.87 7.84 33.82
C GLY D 253 11.92 7.28 34.77
N GLY D 254 12.46 6.13 34.42
CA GLY D 254 13.41 5.45 35.26
C GLY D 254 14.87 5.76 35.11
N ASP D 255 15.67 4.93 35.76
CA ASP D 255 17.13 5.02 35.78
C ASP D 255 17.63 3.59 35.94
N VAL D 256 17.83 2.93 34.80
CA VAL D 256 18.25 1.53 34.79
C VAL D 256 19.61 1.29 34.13
N LEU D 257 20.40 0.42 34.76
CA LEU D 257 21.70 0.01 34.23
C LEU D 257 21.52 -1.38 33.62
N ILE D 258 21.68 -1.48 32.30
CA ILE D 258 21.60 -2.76 31.61
C ILE D 258 23.03 -3.30 31.61
N ARG D 259 23.28 -4.32 32.44
CA ARG D 259 24.64 -4.86 32.59
C ARG D 259 25.24 -5.41 31.31
N ASP D 260 26.48 -4.99 31.03
CA ASP D 260 27.27 -5.48 29.89
C ASP D 260 26.63 -5.30 28.50
N ALA D 261 25.65 -4.41 28.38
CA ALA D 261 25.02 -4.15 27.09
C ALA D 261 26.05 -3.63 26.09
N VAL D 262 25.92 -4.07 24.84
CA VAL D 262 26.82 -3.67 23.76
C VAL D 262 26.20 -2.52 22.98
N TRP D 263 26.81 -1.35 23.06
CA TRP D 263 26.29 -0.16 22.39
C TRP D 263 26.08 -0.41 20.90
N GLU D 264 27.08 -1.02 20.27
CA GLU D 264 27.03 -1.33 18.81
C GLU D 264 25.89 -2.25 18.40
N HIS D 265 25.38 -3.05 19.32
CA HIS D 265 24.24 -3.94 19.02
C HIS D 265 22.86 -3.27 19.12
N ASN D 266 22.79 -2.04 19.65
CA ASN D 266 21.52 -1.29 19.74
C ASN D 266 21.67 0.17 19.29
N ARG D 267 22.46 0.39 18.26
CA ARG D 267 22.70 1.74 17.74
C ARG D 267 21.43 2.50 17.34
N PRO D 268 20.59 1.91 16.47
CA PRO D 268 19.38 2.64 16.05
C PRO D 268 18.34 2.81 17.17
N LEU D 269 18.23 1.85 18.09
CA LEU D 269 17.31 2.01 19.21
C LEU D 269 17.80 3.17 20.09
N ILE D 270 19.08 3.16 20.40
CA ILE D 270 19.69 4.18 21.23
C ILE D 270 19.58 5.56 20.60
N ALA D 271 19.81 5.63 19.29
CA ALA D 271 19.71 6.91 18.57
C ALA D 271 18.28 7.47 18.65
N LYS D 272 17.27 6.58 18.61
CA LYS D 272 15.89 7.00 18.73
C LYS D 272 15.53 7.38 20.17
N LEU D 273 16.09 6.66 21.14
CA LEU D 273 15.87 7.02 22.54
C LEU D 273 16.48 8.40 22.81
N LEU D 274 17.70 8.63 22.30
CA LEU D 274 18.37 9.92 22.45
C LEU D 274 17.56 11.05 21.79
N GLU D 275 17.08 10.81 20.57
CA GLU D 275 16.30 11.82 19.85
C GLU D 275 15.01 12.15 20.59
N MET D 276 14.41 11.14 21.22
CA MET D 276 13.16 11.33 21.98
C MET D 276 13.35 12.20 23.22
N GLY D 277 14.57 12.22 23.76
CA GLY D 277 14.88 13.01 24.94
C GLY D 277 15.37 12.18 26.10
N VAL D 278 15.54 10.88 25.90
CA VAL D 278 16.04 9.98 26.91
C VAL D 278 17.55 10.11 26.96
N GLU D 279 18.13 9.89 28.13
CA GLU D 279 19.56 9.90 28.34
C GLU D 279 20.05 8.46 28.29
N VAL D 280 21.09 8.21 27.48
CA VAL D 280 21.68 6.89 27.35
C VAL D 280 23.17 7.07 27.51
N ILE D 281 23.73 6.47 28.56
CA ILE D 281 25.14 6.68 28.89
C ILE D 281 25.87 5.37 29.02
N GLU D 282 27.02 5.27 28.37
CA GLU D 282 27.81 4.07 28.48
C GLU D 282 28.73 4.18 29.69
N GLU D 283 28.68 3.19 30.55
CA GLU D 283 29.52 3.13 31.74
C GLU D 283 30.31 1.84 31.70
N ASP D 284 31.25 1.71 32.63
CA ASP D 284 32.12 0.53 32.70
C ASP D 284 31.33 -0.77 32.90
N GLU D 285 30.25 -0.70 33.69
CA GLU D 285 29.44 -1.87 34.03
C GLU D 285 28.29 -2.17 33.05
N GLY D 286 28.02 -1.26 32.11
CA GLY D 286 26.94 -1.44 31.14
C GLY D 286 26.42 -0.13 30.57
N ILE D 287 25.19 -0.17 30.05
CA ILE D 287 24.55 1.02 29.47
C ILE D 287 23.45 1.48 30.42
N ARG D 288 23.49 2.76 30.79
CA ARG D 288 22.49 3.33 31.69
C ARG D 288 21.48 4.13 30.90
N VAL D 289 20.20 3.93 31.21
CA VAL D 289 19.12 4.67 30.57
C VAL D 289 18.39 5.44 31.66
N ARG D 290 18.30 6.75 31.51
CA ARG D 290 17.59 7.64 32.46
C ARG D 290 16.60 8.47 31.66
N SER D 291 15.40 8.65 32.20
CA SER D 291 14.35 9.39 31.51
C SER D 291 13.55 10.29 32.42
N GLN D 292 13.26 11.50 31.95
CA GLN D 292 12.38 12.45 32.62
C GLN D 292 11.18 12.47 31.72
N LEU D 293 10.07 11.90 32.19
CA LEU D 293 8.85 11.81 31.38
C LEU D 293 8.45 13.07 30.62
N GLU D 294 8.53 14.22 31.28
CA GLU D 294 8.13 15.49 30.64
C GLU D 294 9.00 15.93 29.43
N ASN D 295 10.15 15.30 29.24
CA ASN D 295 11.03 15.64 28.11
C ASN D 295 10.83 14.73 26.88
N LEU D 296 10.04 13.66 27.02
CA LEU D 296 9.86 12.70 25.92
C LEU D 296 9.04 13.29 24.78
N LYS D 297 9.65 13.30 23.58
CA LYS D 297 9.00 13.82 22.40
C LYS D 297 8.86 12.73 21.36
N ALA D 298 7.75 12.79 20.61
CA ALA D 298 7.44 11.82 19.59
C ALA D 298 8.53 11.70 18.53
N VAL D 299 8.63 10.51 17.95
CA VAL D 299 9.63 10.27 16.90
C VAL D 299 9.04 9.43 15.78
N HIS D 300 9.76 9.42 14.67
CA HIS D 300 9.46 8.61 13.50
C HIS D 300 10.45 7.45 13.54
N VAL D 301 9.95 6.23 13.32
CA VAL D 301 10.80 5.03 13.27
C VAL D 301 10.40 4.18 12.07
N LYS D 302 11.41 3.65 11.37
CA LYS D 302 11.20 2.75 10.24
C LYS D 302 12.05 1.52 10.48
N THR D 303 11.43 0.35 10.63
CA THR D 303 12.23 -0.87 10.82
C THR D 303 12.95 -1.21 9.50
N LEU D 304 14.17 -1.69 9.62
CA LEU D 304 15.01 -2.06 8.48
C LEU D 304 15.98 -3.16 8.91
N PRO D 305 16.55 -3.89 7.94
CA PRO D 305 17.55 -4.90 8.28
C PRO D 305 18.71 -4.24 8.98
N HIS D 306 19.39 -4.96 9.87
CA HIS D 306 20.52 -4.38 10.58
C HIS D 306 21.50 -3.82 9.51
N PRO D 307 22.20 -2.70 9.76
CA PRO D 307 22.21 -1.91 11.00
C PRO D 307 21.05 -0.92 11.26
N GLY D 308 19.97 -1.03 10.49
CA GLY D 308 18.79 -0.18 10.70
C GLY D 308 18.01 -0.65 11.94
N PHE D 309 16.95 0.08 12.26
CA PHE D 309 16.13 -0.19 13.45
C PHE D 309 15.52 -1.62 13.38
N PRO D 310 15.75 -2.44 14.41
CA PRO D 310 15.23 -3.83 14.38
C PRO D 310 13.72 -3.98 14.55
N THR D 311 13.13 -4.81 13.70
CA THR D 311 11.71 -5.11 13.79
C THR D 311 11.38 -5.74 15.14
N ASP D 312 12.37 -6.41 15.73
CA ASP D 312 12.18 -7.05 17.04
C ASP D 312 12.04 -6.07 18.22
N MET D 313 12.32 -4.80 17.97
CA MET D 313 12.08 -3.74 18.96
C MET D 313 10.84 -2.92 18.64
N GLN D 314 10.18 -3.22 17.51
CA GLN D 314 9.02 -2.40 17.07
C GLN D 314 7.84 -2.34 18.01
N ALA D 315 7.29 -3.49 18.41
CA ALA D 315 6.10 -3.48 19.28
C ALA D 315 6.40 -2.75 20.58
N GLN D 316 7.54 -3.08 21.19
CA GLN D 316 7.92 -2.48 22.47
C GLN D 316 8.07 -0.98 22.30
N PHE D 317 8.66 -0.57 21.18
CA PHE D 317 8.88 0.85 20.96
C PHE D 317 7.56 1.58 20.77
N THR D 318 6.55 0.94 20.16
CA THR D 318 5.23 1.57 20.02
C THR D 318 4.59 1.83 21.39
N ALA D 319 4.88 0.99 22.37
CA ALA D 319 4.37 1.21 23.72
C ALA D 319 4.93 2.52 24.26
N LEU D 320 6.24 2.71 24.05
CA LEU D 320 6.91 3.94 24.47
C LEU D 320 6.33 5.15 23.77
N MET D 321 5.95 4.98 22.50
CA MET D 321 5.34 6.07 21.74
C MET D 321 4.03 6.56 22.35
N THR D 322 3.34 5.70 23.12
CA THR D 322 2.09 6.12 23.76
C THR D 322 2.30 7.15 24.88
N VAL D 323 3.53 7.24 25.40
CA VAL D 323 3.88 8.10 26.53
C VAL D 323 4.58 9.41 26.12
N ALA D 324 5.15 9.46 24.91
CA ALA D 324 5.87 10.67 24.47
C ALA D 324 4.84 11.75 24.05
N LYS D 325 5.30 12.99 23.98
CA LYS D 325 4.40 14.08 23.61
C LYS D 325 4.44 14.28 22.09
N GLY D 326 3.27 14.27 21.46
CA GLY D 326 3.17 14.47 20.00
C GLY D 326 2.77 13.21 19.27
N GLU D 327 2.83 13.28 17.93
CA GLU D 327 2.44 12.14 17.09
C GLU D 327 3.67 11.39 16.61
N SER D 328 3.79 10.14 17.04
CA SER D 328 4.88 9.29 16.60
C SER D 328 4.40 8.48 15.37
N THR D 329 5.36 7.99 14.61
CA THR D 329 5.04 7.17 13.44
C THR D 329 5.92 5.95 13.45
N MET D 330 5.32 4.77 13.28
CA MET D 330 6.07 3.53 13.20
C MET D 330 5.78 2.88 11.84
N VAL D 331 6.85 2.70 11.04
CA VAL D 331 6.76 2.06 9.74
C VAL D 331 7.44 0.70 9.88
N GLU D 332 6.66 -0.36 9.71
CA GLU D 332 7.18 -1.73 9.82
C GLU D 332 7.37 -2.30 8.40
N THR D 333 8.63 -2.39 7.94
CA THR D 333 8.90 -2.89 6.57
C THR D 333 9.29 -4.37 6.47
N VAL D 334 9.64 -4.99 7.59
CA VAL D 334 10.15 -6.34 7.57
C VAL D 334 9.06 -7.41 7.52
N PHE D 335 8.02 -7.26 8.30
CA PHE D 335 6.90 -8.19 8.34
C PHE D 335 5.64 -7.42 8.01
N GLU D 336 4.70 -8.08 7.35
CA GLU D 336 3.47 -7.45 6.89
C GLU D 336 2.34 -7.33 7.92
N ASN D 337 2.34 -8.17 8.94
CA ASN D 337 1.26 -8.17 9.90
C ASN D 337 1.77 -8.15 11.34
N ARG D 338 2.59 -7.16 11.69
CA ARG D 338 3.17 -7.12 13.04
C ARG D 338 2.71 -5.90 13.87
N PHE D 339 1.44 -5.53 13.69
CA PHE D 339 0.82 -4.45 14.49
C PHE D 339 -0.38 -5.00 15.27
N GLN D 340 -0.44 -6.31 15.47
CA GLN D 340 -1.59 -6.90 16.15
C GLN D 340 -1.74 -6.45 17.61
N HIS D 341 -0.63 -6.12 18.26
CA HIS D 341 -0.66 -5.63 19.64
C HIS D 341 -1.44 -4.31 19.75
N LEU D 342 -1.43 -3.50 18.69
CA LEU D 342 -2.18 -2.23 18.69
C LEU D 342 -3.70 -2.46 18.72
N GLU D 343 -4.13 -3.59 18.15
CA GLU D 343 -5.53 -3.98 18.14
C GLU D 343 -5.95 -4.29 19.59
N GLU D 344 -5.09 -5.00 20.33
CA GLU D 344 -5.33 -5.29 21.73
C GLU D 344 -5.27 -4.03 22.57
N MET D 345 -4.31 -3.15 22.27
CA MET D 345 -4.16 -1.91 23.03
C MET D 345 -5.38 -0.97 22.87
N ARG D 346 -6.20 -1.21 21.85
CA ARG D 346 -7.46 -0.47 21.69
C ARG D 346 -8.33 -0.73 22.93
N ARG D 347 -8.24 -1.94 23.47
CA ARG D 347 -8.98 -2.30 24.68
C ARG D 347 -8.54 -1.48 25.90
N MET D 348 -7.33 -0.93 25.86
CA MET D 348 -6.81 -0.11 26.94
C MET D 348 -7.05 1.38 26.66
N GLY D 349 -7.82 1.67 25.61
CA GLY D 349 -8.17 3.03 25.24
C GLY D 349 -7.28 3.70 24.22
N LEU D 350 -6.33 2.95 23.65
CA LEU D 350 -5.39 3.53 22.68
C LEU D 350 -5.96 3.61 21.28
N HIS D 351 -6.02 4.83 20.75
CA HIS D 351 -6.46 5.03 19.38
C HIS D 351 -5.21 5.14 18.52
N SER D 352 -5.15 4.36 17.44
CA SER D 352 -4.01 4.40 16.53
C SER D 352 -4.57 4.37 15.12
N GLU D 353 -3.83 4.96 14.20
CA GLU D 353 -4.24 5.04 12.81
C GLU D 353 -3.24 4.21 11.98
N ILE D 354 -3.70 3.06 11.48
CA ILE D 354 -2.88 2.14 10.72
C ILE D 354 -3.21 2.15 9.23
N ILE D 355 -2.25 2.57 8.41
CA ILE D 355 -2.37 2.59 6.96
C ILE D 355 -1.33 1.59 6.44
N ARG D 356 -1.76 0.31 6.33
CA ARG D 356 -0.90 -0.82 5.86
C ARG D 356 0.35 -1.05 6.72
N ASP D 357 1.48 -0.47 6.35
CA ASP D 357 2.76 -0.66 7.07
C ASP D 357 3.10 0.49 8.01
N THR D 358 2.24 1.50 8.07
CA THR D 358 2.49 2.69 8.87
C THR D 358 1.44 2.86 9.97
N ALA D 359 1.91 3.04 11.20
CA ALA D 359 1.04 3.25 12.34
C ALA D 359 1.35 4.61 12.93
N ARG D 360 0.30 5.40 13.13
CA ARG D 360 0.47 6.70 13.79
C ARG D 360 -0.10 6.54 15.19
N ILE D 361 0.67 7.03 16.18
CA ILE D 361 0.27 6.99 17.56
C ILE D 361 0.48 8.36 18.20
N VAL D 362 -0.61 9.00 18.60
CA VAL D 362 -0.55 10.29 19.29
C VAL D 362 -0.30 9.96 20.77
N GLY D 363 0.78 10.51 21.33
CA GLY D 363 1.14 10.25 22.70
C GLY D 363 0.26 10.97 23.69
N GLY D 364 0.30 10.54 24.95
CA GLY D 364 -0.47 11.17 26.02
C GLY D 364 -1.94 10.83 26.12
N GLN D 365 -2.41 9.82 25.40
CA GLN D 365 -3.79 9.41 25.56
C GLN D 365 -3.95 8.77 26.94
N PRO D 366 -5.12 8.94 27.58
CA PRO D 366 -5.34 8.36 28.92
C PRO D 366 -5.71 6.89 28.80
N LEU D 367 -4.75 6.02 29.07
CA LEU D 367 -4.94 4.60 28.94
C LEU D 367 -5.38 3.99 30.24
N GLN D 368 -6.17 2.93 30.14
CA GLN D 368 -6.64 2.20 31.32
C GLN D 368 -6.33 0.72 31.21
N GLY D 369 -6.10 0.11 32.37
CA GLY D 369 -5.84 -1.31 32.43
C GLY D 369 -7.02 -2.13 31.93
N ALA D 370 -6.71 -3.25 31.30
CA ALA D 370 -7.76 -4.12 30.77
C ALA D 370 -7.19 -5.50 30.57
N GLU D 371 -8.07 -6.46 30.39
CA GLU D 371 -7.68 -7.83 30.09
C GLU D 371 -7.31 -7.89 28.59
N VAL D 372 -6.06 -8.27 28.32
CA VAL D 372 -5.56 -8.36 26.94
C VAL D 372 -4.88 -9.69 26.67
N LEU D 373 -4.75 -10.01 25.39
CA LEU D 373 -4.16 -11.27 24.95
C LEU D 373 -2.96 -11.06 24.05
N SER D 374 -1.85 -11.69 24.40
CA SER D 374 -0.64 -11.66 23.62
C SER D 374 -0.88 -12.34 22.26
N THR D 375 -0.34 -11.75 21.20
CA THR D 375 -0.49 -12.30 19.85
C THR D 375 0.80 -12.95 19.33
N ASP D 376 1.93 -12.53 19.89
CA ASP D 376 3.23 -13.05 19.50
C ASP D 376 4.25 -12.63 20.56
N LEU D 377 5.48 -13.15 20.46
CA LEU D 377 6.53 -12.88 21.44
C LEU D 377 6.74 -11.41 21.84
N ARG D 378 7.12 -10.57 20.89
CA ARG D 378 7.41 -9.16 21.21
C ARG D 378 6.15 -8.36 21.57
N ALA D 379 5.02 -8.74 20.99
CA ALA D 379 3.74 -8.10 21.28
C ALA D 379 3.39 -8.31 22.75
N SER D 380 3.70 -9.50 23.26
CA SER D 380 3.42 -9.81 24.66
C SER D 380 4.16 -8.81 25.56
N ALA D 381 5.44 -8.60 25.26
CA ALA D 381 6.23 -7.66 26.02
C ALA D 381 5.66 -6.24 25.91
N ALA D 382 5.23 -5.87 24.71
CA ALA D 382 4.67 -4.54 24.50
C ALA D 382 3.41 -4.30 25.34
N LEU D 383 2.56 -5.31 25.46
CA LEU D 383 1.34 -5.19 26.27
C LEU D 383 1.66 -5.04 27.75
N ILE D 384 2.67 -5.78 28.20
CA ILE D 384 3.10 -5.72 29.59
C ILE D 384 3.67 -4.36 29.91
N LEU D 385 4.46 -3.82 28.99
CA LEU D 385 5.05 -2.50 29.20
C LEU D 385 3.95 -1.45 29.24
N THR D 386 2.96 -1.59 28.36
CA THR D 386 1.84 -0.64 28.34
C THR D 386 1.07 -0.71 29.67
N GLY D 387 0.94 -1.92 30.23
CA GLY D 387 0.28 -2.09 31.52
C GLY D 387 0.94 -1.28 32.64
N LEU D 388 2.25 -1.06 32.53
CA LEU D 388 3.00 -0.29 33.53
C LEU D 388 2.57 1.17 33.61
N VAL D 389 2.23 1.74 32.47
CA VAL D 389 1.84 3.14 32.41
C VAL D 389 0.34 3.39 32.30
N ALA D 390 -0.47 2.37 32.09
CA ALA D 390 -1.93 2.58 32.04
C ALA D 390 -2.45 2.73 33.47
N GLN D 391 -3.60 3.38 33.63
CA GLN D 391 -4.20 3.55 34.96
C GLN D 391 -5.12 2.35 35.25
N GLY D 392 -4.84 1.64 36.34
CA GLY D 392 -5.66 0.49 36.69
C GLY D 392 -4.90 -0.80 36.48
N GLU D 393 -5.63 -1.91 36.58
CA GLU D 393 -5.02 -3.22 36.46
C GLU D 393 -5.08 -3.77 35.02
N THR D 394 -3.94 -4.23 34.53
CA THR D 394 -3.85 -4.86 33.20
C THR D 394 -3.57 -6.34 33.44
N VAL D 395 -4.26 -7.20 32.70
CA VAL D 395 -4.07 -8.64 32.81
C VAL D 395 -3.68 -9.17 31.41
N VAL D 396 -2.43 -9.62 31.28
CA VAL D 396 -1.90 -10.11 30.01
C VAL D 396 -1.92 -11.63 29.95
N GLY D 397 -2.66 -12.17 28.98
CA GLY D 397 -2.79 -13.62 28.76
C GLY D 397 -2.02 -14.13 27.55
N LYS D 398 -2.21 -15.43 27.27
CA LYS D 398 -1.53 -16.15 26.17
C LYS D 398 -0.03 -16.00 26.32
N LEU D 399 0.46 -16.33 27.52
CA LEU D 399 1.88 -16.21 27.83
C LEU D 399 2.77 -17.24 27.15
N VAL D 400 2.16 -18.21 26.48
CA VAL D 400 2.93 -19.15 25.69
C VAL D 400 3.86 -18.35 24.74
N HIS D 401 3.35 -17.23 24.20
CA HIS D 401 4.16 -16.41 23.30
C HIS D 401 5.36 -15.79 24.02
N LEU D 402 5.11 -15.26 25.23
CA LEU D 402 6.16 -14.59 26.01
C LEU D 402 7.30 -15.53 26.39
N ASP D 403 6.93 -16.74 26.83
CA ASP D 403 7.91 -17.73 27.27
C ASP D 403 8.84 -18.25 26.16
N ARG D 404 8.59 -17.82 24.92
CA ARG D 404 9.48 -18.22 23.83
C ARG D 404 10.76 -17.39 23.83
N GLY D 405 10.69 -16.18 24.37
CA GLY D 405 11.85 -15.26 24.31
C GLY D 405 12.22 -14.41 25.50
N TYR D 406 11.40 -14.44 26.56
CA TYR D 406 11.71 -13.72 27.79
C TYR D 406 11.72 -14.68 28.97
N TYR D 407 12.82 -14.65 29.73
CA TYR D 407 12.96 -15.45 30.94
C TYR D 407 12.85 -14.53 32.13
N GLY D 408 11.90 -14.83 33.03
CA GLY D 408 11.71 -14.06 34.26
C GLY D 408 11.45 -12.58 34.06
N PHE D 409 10.72 -12.25 33.01
CA PHE D 409 10.44 -10.84 32.69
C PHE D 409 9.73 -10.11 33.86
N HIS D 410 8.72 -10.75 34.44
CA HIS D 410 7.97 -10.15 35.57
C HIS D 410 8.88 -9.94 36.79
N GLU D 411 9.77 -10.92 37.02
CA GLU D 411 10.70 -10.90 38.13
C GLU D 411 11.70 -9.76 38.00
N LYS D 412 12.29 -9.60 36.80
CA LYS D 412 13.26 -8.53 36.56
C LYS D 412 12.61 -7.13 36.69
N LEU D 413 11.39 -7.01 36.19
CA LEU D 413 10.63 -5.75 36.28
C LEU D 413 10.25 -5.47 37.75
N ALA D 414 9.81 -6.51 38.48
CA ALA D 414 9.46 -6.36 39.90
C ALA D 414 10.68 -5.90 40.71
N GLN D 415 11.85 -6.47 40.40
CA GLN D 415 13.10 -6.12 41.08
C GLN D 415 13.50 -4.64 40.81
N LEU D 416 13.00 -4.08 39.70
CA LEU D 416 13.26 -2.67 39.36
C LEU D 416 12.21 -1.71 39.94
N GLY D 417 11.19 -2.24 40.62
CA GLY D 417 10.16 -1.43 41.27
C GLY D 417 8.74 -1.51 40.74
N ALA D 418 8.51 -2.30 39.72
CA ALA D 418 7.17 -2.39 39.11
C ALA D 418 6.24 -3.30 39.90
N LYS D 419 4.95 -2.91 39.96
CA LYS D 419 3.91 -3.73 40.59
C LYS D 419 3.40 -4.71 39.57
N ILE D 420 4.09 -5.84 39.52
CA ILE D 420 3.79 -6.86 38.56
C ILE D 420 3.96 -8.25 39.16
N GLN D 421 3.04 -9.14 38.81
CA GLN D 421 3.06 -10.51 39.31
C GLN D 421 2.70 -11.47 38.19
N ARG D 422 3.16 -12.71 38.31
CA ARG D 422 2.78 -13.76 37.37
C ARG D 422 2.02 -14.79 38.21
N ILE D 423 0.71 -14.89 37.98
CA ILE D 423 -0.20 -15.70 38.76
C ILE D 423 -0.68 -16.90 37.94
N GLU D 424 -0.92 -18.03 38.58
CA GLU D 424 -1.54 -19.18 37.90
C GLU D 424 -3.06 -18.97 37.99
N ALA D 425 -3.78 -18.96 36.86
CA ALA D 425 -5.22 -18.69 36.87
C ALA D 425 -5.98 -20.01 36.84
C1 0V5 E . 8.40 18.45 -11.42
O1 0V5 E . 7.54 17.68 -11.93
O2' 0V5 E . 8.35 19.70 -11.59
C2 0V5 E . 9.44 17.79 -10.54
C3 0V5 E . 10.32 16.89 -11.43
O2 0V5 E . 10.26 18.70 -9.78
P 0V5 E . 11.31 19.75 -10.43
O1P 0V5 E . 12.71 19.24 -10.28
O2P 0V5 E . 11.14 21.05 -9.68
O3P 0V5 E . 11.07 19.96 -11.90
MG MG F . 9.39 20.98 -12.87
N1U EPU G . 12.00 13.74 1.88
C2U EPU G . 11.13 14.10 2.93
N3U EPU G . 11.35 15.23 3.60
C4U EPU G . 12.37 16.05 3.30
C5U EPU G . 13.24 15.73 2.25
C6U EPU G . 13.02 14.56 1.55
O2U EPU G . 10.17 13.37 3.24
O4U EPU G . 12.51 17.10 3.95
C1D EPU G . 11.75 12.53 1.11
C2D EPU G . 11.26 13.04 -0.24
O2D EPU G . 9.83 13.16 -0.38
C3D EPU G . 11.78 12.01 -1.19
C4D EPU G . 12.91 11.32 -0.45
O4D EPU G . 12.96 11.82 0.89
O3D EPU G . 10.73 11.13 -1.52
C5D EPU G . 14.21 11.56 -1.16
O5D EPU G . 14.39 12.95 -1.35
PA EPU G . 15.83 13.59 -1.23
O1A EPU G . 15.69 14.84 -0.41
O2A EPU G . 16.85 12.51 -0.86
O3A EPU G . 16.11 13.91 -2.79
PB EPU G . 16.32 15.39 -3.37
O1B EPU G . 17.50 16.08 -2.68
O2B EPU G . 14.98 16.04 -3.47
C1 EPU G . 18.09 14.45 -5.09
C2 EPU G . 18.31 14.52 -6.59
C3 EPU G . 17.28 13.65 -7.27
C4 EPU G . 17.47 12.21 -6.79
C5 EPU G . 17.24 12.20 -5.29
C6 EPU G . 17.39 10.81 -4.60
C7 EPU G . 19.36 16.69 -6.92
C8 EPU G . 19.29 18.06 -7.53
N2 EPU G . 18.32 15.88 -7.08
O1 EPU G . 16.79 15.01 -4.83
O3 EPU G . 17.54 13.78 -8.67
O4 EPU G . 16.50 11.38 -7.41
O5 EPU G . 18.14 13.09 -4.65
O6 EPU G . 18.59 10.19 -4.89
O7 EPU G . 20.35 16.33 -6.35
C1E EPU G . 16.91 15.28 -10.52
O1E EPU G . 17.98 15.06 -11.11
O2E EPU G . 16.20 16.29 -10.78
C2E EPU G . 16.52 14.23 -9.60
C3E EPU G . 15.38 13.58 -9.79
C1 0V5 H . -2.84 13.86 -18.34
O1 0V5 H . -2.50 14.03 -19.56
O2' 0V5 H . -2.06 14.19 -17.41
C2 0V5 H . -4.21 13.32 -17.90
C3 0V5 H . -4.96 14.46 -17.20
O2 0V5 H . -5.01 12.76 -18.98
P 0V5 H . -5.56 13.61 -20.20
O1P 0V5 H . -5.30 12.81 -21.46
O2P 0V5 H . -7.04 13.84 -19.95
O3P 0V5 H . -4.91 14.96 -20.25
MG MG I . -3.07 15.68 -20.92
N1U EPU J . -9.03 1.57 -14.88
C2U EPU J . -8.40 0.33 -15.15
N3U EPU J . -8.66 -0.28 -16.32
C4U EPU J . -9.51 0.26 -17.23
C5U EPU J . -10.14 1.46 -16.98
C6U EPU J . -9.88 2.09 -15.78
O2U EPU J . -7.58 -0.19 -14.32
O4U EPU J . -9.73 -0.30 -18.32
C1D EPU J . -8.77 2.29 -13.62
C2D EPU J . -8.24 3.72 -13.92
O2D EPU J . -6.84 3.77 -14.09
C3D EPU J . -8.70 4.50 -12.73
C4D EPU J . -9.99 3.79 -12.32
O4D EPU J . -9.94 2.47 -12.83
O3D EPU J . -7.70 4.33 -11.75
C5D EPU J . -11.26 4.47 -12.83
O5D EPU J . -11.14 5.09 -14.10
PA EPU J . -12.42 5.22 -15.05
O1A EPU J . -12.20 4.39 -16.28
O2A EPU J . -13.63 4.90 -14.23
O3A EPU J . -12.42 6.77 -15.39
PB EPU J . -12.40 7.43 -16.83
O1B EPU J . -13.53 6.90 -17.67
O2B EPU J . -11.01 7.38 -17.40
C1 EPU J . -13.96 9.46 -16.18
C2 EPU J . -13.91 10.98 -16.18
C3 EPU J . -12.92 11.51 -15.15
C4 EPU J . -13.34 10.98 -13.80
C5 EPU J . -13.40 9.44 -13.83
C6 EPU J . -13.85 8.82 -12.50
C7 EPU J . -14.46 11.48 -18.50
C8 EPU J . -14.05 12.02 -19.82
N2 EPU J . -13.56 11.49 -17.50
O1 EPU J . -12.67 8.97 -16.58
O3 EPU J . -12.86 12.94 -15.13
O4 EPU J . -12.39 11.47 -12.84
O5 EPU J . -14.27 8.97 -14.88
O6 EPU J . -15.04 9.46 -12.06
O7 EPU J . -15.60 11.04 -18.35
C1E EPU J . -11.53 14.56 -16.53
O1E EPU J . -12.54 15.31 -16.66
O2E EPU J . -10.53 14.65 -17.27
C2E EPU J . -11.58 13.60 -15.45
C3E EPU J . -10.50 13.44 -14.70
C1 0V5 K . -9.88 -14.24 15.85
O1 0V5 K . -8.80 -14.76 15.47
O2' 0V5 K . -10.15 -14.14 17.07
C2 0V5 K . -10.88 -13.72 14.82
C3 0V5 K . -11.38 -14.85 13.91
O2 0V5 K . -12.00 -13.16 15.49
P 0V5 K . -13.03 -14.03 16.41
O1P 0V5 K . -12.47 -15.38 16.83
O2P 0V5 K . -13.28 -13.24 17.69
O3P 0V5 K . -14.26 -14.19 15.56
MG MG L . -11.49 -16.32 18.27
N1U EPU M . -14.80 -2.26 9.67
C2U EPU M . -14.30 -1.04 10.20
N3U EPU M . -15.03 -0.37 11.11
C4U EPU M . -16.22 -0.84 11.54
C5U EPU M . -16.74 -2.02 11.04
C6U EPU M . -15.99 -2.72 10.09
O2U EPU M . -13.19 -0.58 9.83
O4U EPU M . -16.86 -0.19 12.37
C1D EPU M . -14.02 -3.01 8.70
C2D EPU M . -13.60 -4.33 9.30
O2D EPU M . -12.39 -4.25 10.05
C3D EPU M . -13.41 -5.14 8.07
C4D EPU M . -14.46 -4.62 7.10
O4D EPU M . -14.78 -3.30 7.53
O3D EPU M . -12.09 -4.91 7.56
C5D EPU M . -15.71 -5.52 7.05
O5D EPU M . -16.25 -5.76 8.35
PA EPU M . -17.84 -5.98 8.58
O1A EPU M . -18.15 -5.17 9.83
O2A EPU M . -18.65 -5.73 7.35
O3A EPU M . -17.96 -7.56 8.90
PB EPU M . -18.34 -8.18 10.36
O1B EPU M . -19.72 -7.60 10.59
O2B EPU M . -17.21 -7.95 11.32
C1 EPU M . -19.37 -10.28 9.16
C2 EPU M . -19.28 -11.80 9.24
C3 EPU M . -17.92 -12.27 8.71
C4 EPU M . -17.89 -11.79 7.25
C5 EPU M . -17.93 -10.27 7.21
C6 EPU M . -17.79 -9.74 5.81
C7 EPU M . -20.80 -12.27 11.11
C8 EPU M . -20.89 -12.67 12.55
N2 EPU M . -19.54 -12.24 10.61
O1 EPU M . -18.37 -9.76 10.05
O3 EPU M . -17.77 -13.69 8.85
O4 EPU M . -16.71 -12.19 6.58
O5 EPU M . -19.17 -9.85 7.79
O6 EPU M . -18.77 -10.27 4.93
O7 EPU M . -21.78 -11.96 10.47
C1E EPU M . -17.05 -15.33 10.65
O1E EPU M . -18.09 -16.01 10.43
O2E EPU M . -16.32 -15.62 11.63
C2E EPU M . -16.73 -14.23 9.72
C3E EPU M . -15.47 -13.79 9.62
C1 0V5 N . 3.42 -17.88 13.95
O1 0V5 N . 3.32 -19.12 13.87
O2' 0V5 N . 2.40 -17.18 14.03
C2 0V5 N . 4.79 -17.23 13.85
C3 0V5 N . 5.20 -16.53 15.14
O2 0V5 N . 5.80 -18.18 13.52
P 0V5 N . 6.22 -19.46 14.40
O1P 0V5 N . 7.60 -19.22 14.89
O2P 0V5 N . 6.17 -20.72 13.54
O3P 0V5 N . 5.28 -19.64 15.58
MG MG O . 3.89 -20.67 15.85
N1U EPU P . 12.12 -13.38 3.52
C2U EPU P . 11.81 -13.76 2.18
N3U EPU P . 12.32 -14.89 1.67
C4U EPU P . 13.11 -15.69 2.40
C5U EPU P . 13.40 -15.35 3.74
C6U EPU P . 12.90 -14.18 4.27
O2U EPU P . 11.10 -13.04 1.45
O4U EPU P . 13.59 -16.76 1.92
C1D EPU P . 11.55 -12.17 4.13
C2D EPU P . 10.53 -12.60 5.18
O2D EPU P . 9.22 -12.86 4.65
C3D EPU P . 10.53 -11.45 6.16
C4D EPU P . 11.89 -10.82 6.00
O4D EPU P . 12.52 -11.39 4.84
O3D EPU P . 9.49 -10.57 5.77
C5D EPU P . 12.76 -11.09 7.22
O5D EPU P . 13.07 -12.49 7.27
PA EPU P . 14.44 -13.00 7.86
O1A EPU P . 14.72 -14.33 7.16
O2A EPU P . 15.57 -12.02 7.94
O3A EPU P . 13.99 -13.32 9.39
PB EPU P . 14.05 -14.80 10.10
O1B EPU P . 15.46 -15.27 10.04
O2B EPU P . 12.88 -15.59 9.65
C1 EPU P . 14.86 -13.76 12.47
C2 EPU P . 14.48 -13.82 13.95
C3 EPU P . 13.19 -13.00 14.16
C4 EPU P . 13.43 -11.56 13.66
C5 EPU P . 13.88 -11.60 12.19
C6 EPU P . 14.14 -10.23 11.58
C7 EPU P . 15.44 -15.98 14.62
C8 EPU P . 15.17 -17.40 14.97
N2 EPU P . 14.38 -15.23 14.35
O1 EPU P . 13.81 -14.30 11.66
O3 EPU P . 12.74 -12.99 15.52
O4 EPU P . 12.21 -10.82 13.72
O5 EPU P . 15.08 -12.38 12.14
O6 EPU P . 15.20 -9.62 12.32
O7 EPU P . 16.60 -15.57 14.59
C1E EPU P . 11.33 -14.74 16.78
O1E EPU P . 12.00 -14.66 17.84
O2E EPU P . 10.57 -15.72 16.58
C2E EPU P . 11.44 -13.65 15.78
C3E EPU P . 10.36 -13.24 15.15
#